data_4LOC
#
_entry.id   4LOC
#
_cell.length_a   83.870
_cell.length_b   157.123
_cell.length_c   244.714
_cell.angle_alpha   90.00
_cell.angle_beta   90.00
_cell.angle_gamma   90.00
#
_symmetry.space_group_name_H-M   'P 21 21 21'
#
loop_
_entity.id
_entity.type
_entity.pdbx_description
1 polymer 'Pyruvate carboxylase'
2 non-polymer 'ZINC ION'
3 non-polymer 'MAGNESIUM ION'
4 non-polymer 'CHLORIDE ION'
5 non-polymer BIOTIN
6 non-polymer 'OXAMIC ACID'
7 non-polymer GLYCEROL
8 water water
#
_entity_poly.entity_id   1
_entity_poly.type   'polypeptide(L)'
_entity_poly.pdbx_seq_one_letter_code
;MGSSHHHHHHHHDYDIPTSENLYFQGLLHQQVKRQDRATKLLTYLADVTVNGHPEAKDRPKPLENAARPVVPYANGNGVK
DGTKQLLDTLGPKKFGEWMRNEKRVLLTDTTMRDGHQSLLATRMRTYDIARIAGTYSHALPNLLSLECWGGATFDVSMRF
LTEDPWERLALIREGAPNLLLQMLLRGANGVGYTNYPDNVVKYFVRQAAKGGIDLFRVFDCLNWVENMRVSMDAIAEENK
LCEAAICYTGDILNSARPKYDLKYYTNLAVELEKAGAHIIAV(KCX)DMAGLLKPAAAKVLFKALREATGLPIHFHTHDT
SGIAAATVLAAVEAGVDAVDAAMDALSGNTSQPCLGSIVEALSGSERDPGLDPAWIRRISFYWEAVRNQYAAFESDLKGP
ASEVYLHEMPGGQFTNLKEQARSLGLETRWHQVAQAYADANQMFGDIVKVTPSSKVVGDMALMMVSQDLTVADVVSPDRE
VSFPESVVSMLKGDLGQPPSGWPEALQKKALKGEKPYTVRPGSLLKEADLDAERKVIEKKLEREVSDFEFASYLMYPKVF
TDFALASDTYGPVSVLPTPAYFYGLADGEELFADIEKGKTLVIVNQAVSATDSQGMVTVFFELNGQPRRIKVPDRA
;
_entity_poly.pdbx_strand_id   A,B,C,D
#
loop_
_chem_comp.id
_chem_comp.type
_chem_comp.name
_chem_comp.formula
BTN non-polymer BIOTIN 'C10 H16 N2 O3 S'
CL non-polymer 'CHLORIDE ION' 'Cl -1'
GOL non-polymer GLYCEROL 'C3 H8 O3'
MG non-polymer 'MAGNESIUM ION' 'Mg 2'
OXM non-polymer 'OXAMIC ACID' 'C2 H3 N O3'
ZN non-polymer 'ZINC ION' 'Zn 2'
#
# COMPACT_ATOMS: atom_id res chain seq x y z
N ASP A 36 -9.69 -40.69 -2.25
CA ASP A 36 -10.97 -39.98 -1.95
C ASP A 36 -11.21 -39.46 -0.52
N ARG A 37 -10.73 -40.15 0.52
CA ARG A 37 -10.62 -39.47 1.81
C ARG A 37 -9.54 -38.37 1.56
N ALA A 38 -8.49 -38.77 0.84
CA ALA A 38 -7.38 -37.96 0.48
C ALA A 38 -7.82 -36.68 -0.32
N THR A 39 -8.63 -36.90 -1.34
CA THR A 39 -9.24 -35.84 -2.10
C THR A 39 -9.94 -34.87 -1.25
N LYS A 40 -10.69 -35.36 -0.30
CA LYS A 40 -11.46 -34.47 0.53
C LYS A 40 -10.57 -33.68 1.49
N LEU A 41 -9.54 -34.35 2.01
CA LEU A 41 -8.61 -33.64 2.88
C LEU A 41 -7.88 -32.52 2.06
N LEU A 42 -7.58 -32.79 0.81
CA LEU A 42 -6.94 -31.82 -0.05
C LEU A 42 -7.88 -30.67 -0.28
N THR A 43 -9.14 -30.99 -0.35
CA THR A 43 -10.16 -30.00 -0.55
C THR A 43 -10.21 -29.12 0.65
N TYR A 44 -10.25 -29.68 1.83
CA TYR A 44 -10.17 -28.86 3.02
C TYR A 44 -8.85 -28.02 3.05
N LEU A 45 -7.74 -28.66 2.75
CA LEU A 45 -6.47 -27.92 2.79
C LEU A 45 -6.49 -26.73 1.83
N ALA A 46 -7.07 -26.93 0.65
CA ALA A 46 -7.14 -25.87 -0.35
C ALA A 46 -8.01 -24.76 0.12
N ASP A 47 -9.14 -25.12 0.71
CA ASP A 47 -10.14 -24.14 1.10
C ASP A 47 -9.59 -23.24 2.18
N VAL A 48 -8.90 -23.84 3.15
CA VAL A 48 -8.35 -23.05 4.21
C VAL A 48 -7.12 -22.24 3.73
N THR A 49 -6.34 -22.76 2.78
CA THR A 49 -5.19 -22.07 2.29
C THR A 49 -5.62 -20.77 1.57
N VAL A 50 -6.69 -20.88 0.78
CA VAL A 50 -7.16 -19.79 -0.06
C VAL A 50 -7.97 -18.79 0.80
N ASN A 51 -8.81 -19.30 1.71
CA ASN A 51 -9.80 -18.45 2.39
C ASN A 51 -9.53 -18.20 3.85
N GLY A 52 -8.58 -18.94 4.42
CA GLY A 52 -8.39 -18.91 5.84
C GLY A 52 -9.46 -19.66 6.60
N HIS A 53 -9.27 -19.76 7.90
CA HIS A 53 -10.26 -20.40 8.73
C HIS A 53 -11.07 -19.30 9.42
N PRO A 54 -12.40 -19.44 9.46
CA PRO A 54 -13.24 -18.40 10.11
C PRO A 54 -12.77 -18.06 11.51
N GLU A 55 -12.50 -19.03 12.33
CA GLU A 55 -12.07 -18.82 13.71
C GLU A 55 -10.65 -18.24 13.92
N ALA A 56 -9.87 -18.12 12.86
CA ALA A 56 -8.49 -17.74 13.04
C ALA A 56 -8.09 -16.61 12.18
N LYS A 57 -8.81 -16.38 11.10
CA LYS A 57 -8.24 -15.54 10.02
C LYS A 57 -7.99 -14.09 10.49
N ASP A 58 -8.83 -13.61 11.43
CA ASP A 58 -8.72 -12.22 11.87
C ASP A 58 -8.22 -12.07 13.32
N ARG A 59 -7.62 -13.13 13.87
CA ARG A 59 -7.17 -13.16 15.25
C ARG A 59 -5.66 -13.20 15.23
N PRO A 60 -5.05 -12.94 16.36
CA PRO A 60 -3.58 -13.04 16.35
C PRO A 60 -3.06 -14.42 15.91
N LYS A 61 -1.83 -14.47 15.41
CA LYS A 61 -1.26 -15.70 14.84
C LYS A 61 -0.09 -16.20 15.65
N PRO A 62 0.19 -17.50 15.58
CA PRO A 62 1.40 -17.95 16.25
C PRO A 62 2.68 -17.32 15.72
N LEU A 63 3.70 -17.25 16.55
CA LEU A 63 4.98 -16.76 16.10
C LEU A 63 5.46 -17.68 15.03
N GLU A 64 6.10 -17.09 14.04
CA GLU A 64 6.49 -17.78 12.85
C GLU A 64 7.47 -18.88 13.09
N ASN A 65 8.41 -18.69 14.02
CA ASN A 65 9.41 -19.70 14.19
C ASN A 65 8.81 -21.01 14.65
N ALA A 66 8.07 -20.95 15.74
CA ALA A 66 7.24 -22.04 16.20
C ALA A 66 7.88 -23.40 16.14
N ALA A 67 8.41 -23.91 17.23
CA ALA A 67 8.73 -25.31 17.30
C ALA A 67 7.43 -26.09 17.37
N ARG A 68 7.31 -27.14 16.59
CA ARG A 68 6.19 -28.03 16.69
C ARG A 68 6.26 -28.76 18.03
N PRO A 69 5.12 -29.06 18.63
CA PRO A 69 5.19 -29.86 19.86
C PRO A 69 5.82 -31.25 19.61
N VAL A 70 6.69 -31.71 20.50
CA VAL A 70 7.32 -33.01 20.43
C VAL A 70 6.81 -33.90 21.57
N VAL A 71 6.35 -35.09 21.25
CA VAL A 71 5.91 -36.05 22.26
C VAL A 71 7.18 -36.49 22.98
N PRO A 72 7.23 -36.41 24.29
CA PRO A 72 8.45 -36.79 25.00
C PRO A 72 8.91 -38.21 24.76
N TYR A 73 10.22 -38.41 24.67
CA TYR A 73 10.79 -39.73 24.45
C TYR A 73 10.34 -40.73 25.56
N ALA A 74 9.93 -41.91 25.16
CA ALA A 74 9.47 -42.95 26.12
C ALA A 74 10.67 -43.85 26.57
N ASN A 75 11.02 -43.83 27.85
CA ASN A 75 12.17 -44.63 28.38
C ASN A 75 12.07 -46.17 28.03
N GLY A 76 10.85 -46.71 27.83
CA GLY A 76 10.63 -48.11 27.38
C GLY A 76 10.07 -49.04 28.48
N ASN A 77 9.95 -48.49 29.69
CA ASN A 77 9.19 -49.12 30.78
C ASN A 77 7.74 -49.29 30.42
N GLY A 78 7.16 -50.40 30.87
CA GLY A 78 5.76 -50.69 30.60
C GLY A 78 4.80 -49.77 31.30
N VAL A 79 3.53 -49.87 30.89
CA VAL A 79 2.48 -49.15 31.50
C VAL A 79 2.10 -49.92 32.78
N LYS A 80 2.22 -49.31 33.96
CA LYS A 80 1.77 -49.95 35.22
C LYS A 80 0.24 -49.87 35.39
N ASP A 81 -0.34 -50.92 35.92
CA ASP A 81 -1.76 -50.96 36.26
C ASP A 81 -2.04 -49.81 37.15
N GLY A 82 -3.20 -49.20 37.00
CA GLY A 82 -3.56 -47.97 37.71
C GLY A 82 -5.02 -48.06 38.14
N THR A 83 -5.67 -46.90 38.26
CA THR A 83 -7.07 -46.83 38.73
C THR A 83 -8.07 -47.52 37.80
N LYS A 84 -7.78 -47.53 36.52
CA LYS A 84 -8.66 -48.25 35.60
C LYS A 84 -8.82 -49.74 35.94
N GLN A 85 -7.70 -50.40 36.19
CA GLN A 85 -7.76 -51.84 36.56
C GLN A 85 -8.39 -52.02 37.93
N LEU A 86 -8.17 -51.08 38.83
CA LEU A 86 -8.77 -51.19 40.16
C LEU A 86 -10.26 -51.07 40.04
N LEU A 87 -10.73 -50.10 39.27
CA LEU A 87 -12.17 -49.95 39.07
C LEU A 87 -12.77 -51.19 38.42
N ASP A 88 -12.13 -51.74 37.41
CA ASP A 88 -12.69 -52.94 36.76
C ASP A 88 -12.76 -54.09 37.74
N THR A 89 -11.79 -54.19 38.64
CA THR A 89 -11.80 -55.27 39.59
C THR A 89 -12.88 -55.03 40.68
N LEU A 90 -12.87 -53.85 41.26
CA LEU A 90 -13.70 -53.60 42.48
C LEU A 90 -15.19 -53.24 42.22
N GLY A 91 -15.47 -52.68 41.05
CA GLY A 91 -16.72 -52.00 40.83
C GLY A 91 -16.69 -50.66 41.53
N PRO A 92 -17.63 -49.80 41.19
CA PRO A 92 -17.56 -48.42 41.65
C PRO A 92 -17.69 -48.19 43.14
N LYS A 93 -18.58 -48.93 43.81
CA LYS A 93 -18.80 -48.65 45.24
C LYS A 93 -17.51 -48.93 46.04
N LYS A 94 -16.94 -50.10 45.84
CA LYS A 94 -15.69 -50.48 46.49
C LYS A 94 -14.54 -49.66 46.01
N PHE A 95 -14.57 -49.15 44.78
CA PHE A 95 -13.52 -48.25 44.35
C PHE A 95 -13.54 -46.91 45.09
N GLY A 96 -14.72 -46.39 45.36
CA GLY A 96 -14.87 -45.25 46.20
C GLY A 96 -14.32 -45.46 47.62
N GLU A 97 -14.60 -46.61 48.20
CA GLU A 97 -14.04 -46.97 49.49
C GLU A 97 -12.48 -47.04 49.45
N TRP A 98 -11.93 -47.68 48.43
CA TRP A 98 -10.50 -47.64 48.22
C TRP A 98 -9.99 -46.18 48.14
N MET A 99 -10.72 -45.28 47.47
CA MET A 99 -10.30 -43.87 47.41
C MET A 99 -10.29 -43.28 48.82
N ARG A 100 -11.37 -43.49 49.56
CA ARG A 100 -11.48 -42.93 50.92
C ARG A 100 -10.29 -43.36 51.77
N ASN A 101 -10.04 -44.67 51.75
CA ASN A 101 -9.02 -45.29 52.59
C ASN A 101 -7.61 -45.01 52.15
N GLU A 102 -7.40 -44.54 50.94
CA GLU A 102 -6.06 -44.24 50.49
C GLU A 102 -5.52 -43.02 51.30
N LYS A 103 -4.32 -43.17 51.87
CA LYS A 103 -3.58 -42.05 52.49
C LYS A 103 -3.18 -40.88 51.53
N ARG A 104 -2.54 -41.22 50.42
CA ARG A 104 -1.99 -40.25 49.51
C ARG A 104 -3.16 -39.49 48.93
N VAL A 105 -3.02 -38.20 48.71
CA VAL A 105 -4.07 -37.50 48.00
C VAL A 105 -3.94 -37.97 46.57
N LEU A 106 -5.08 -38.09 45.93
CA LEU A 106 -5.20 -38.55 44.58
C LEU A 106 -5.41 -37.32 43.68
N LEU A 107 -4.85 -37.38 42.47
CA LEU A 107 -4.87 -36.24 41.54
C LEU A 107 -5.62 -36.56 40.24
N THR A 108 -6.43 -35.60 39.85
CA THR A 108 -7.03 -35.53 38.55
C THR A 108 -6.44 -34.38 37.75
N ASP A 109 -5.96 -34.68 36.53
CA ASP A 109 -5.44 -33.70 35.58
C ASP A 109 -6.57 -33.23 34.64
N THR A 110 -6.81 -31.94 34.64
CA THR A 110 -7.85 -31.34 33.89
C THR A 110 -7.41 -30.67 32.57
N THR A 111 -6.15 -30.80 32.21
CA THR A 111 -5.64 -30.08 31.11
C THR A 111 -6.39 -30.36 29.81
N MET A 112 -6.80 -31.62 29.63
CA MET A 112 -7.43 -32.08 28.41
C MET A 112 -8.90 -31.60 28.28
N ARG A 113 -9.47 -30.99 29.31
CA ARG A 113 -10.85 -30.50 29.27
C ARG A 113 -10.93 -29.07 29.86
N ASP A 114 -10.90 -28.94 31.18
CA ASP A 114 -11.27 -27.62 31.84
C ASP A 114 -10.16 -26.62 31.56
N GLY A 115 -8.96 -27.12 31.48
CA GLY A 115 -7.80 -26.22 31.30
C GLY A 115 -7.85 -25.40 30.01
N HIS A 116 -8.13 -26.03 28.88
CA HIS A 116 -8.30 -25.27 27.61
C HIS A 116 -9.71 -24.70 27.48
N GLN A 117 -10.69 -25.31 28.15
CA GLN A 117 -12.01 -24.70 28.17
C GLN A 117 -11.89 -23.34 28.81
N SER A 118 -11.09 -23.21 29.84
CA SER A 118 -11.03 -21.94 30.53
C SER A 118 -10.06 -21.01 29.85
N LEU A 119 -9.01 -21.49 29.17
CA LEU A 119 -8.03 -20.54 28.66
C LEU A 119 -8.05 -20.33 27.15
N LEU A 120 -8.62 -21.24 26.38
CA LEU A 120 -8.46 -21.18 24.89
C LEU A 120 -9.80 -21.44 24.21
N ALA A 121 -10.89 -21.13 24.94
CA ALA A 121 -12.29 -21.26 24.46
C ALA A 121 -12.58 -22.67 24.02
N THR A 122 -11.96 -23.65 24.66
CA THR A 122 -12.23 -25.03 24.40
C THR A 122 -11.82 -25.41 22.98
N ARG A 123 -10.90 -24.67 22.38
CA ARG A 123 -10.47 -24.95 20.97
C ARG A 123 -9.40 -25.98 20.71
N MET A 124 -8.95 -26.61 21.76
CA MET A 124 -7.89 -27.59 21.67
C MET A 124 -8.33 -28.87 20.90
N ARG A 125 -7.52 -29.30 19.96
CA ARG A 125 -7.83 -30.34 19.03
C ARG A 125 -7.36 -31.74 19.43
N THR A 126 -8.14 -32.75 19.00
CA THR A 126 -7.82 -34.16 19.20
C THR A 126 -6.40 -34.45 18.82
N TYR A 127 -5.95 -33.87 17.72
CA TYR A 127 -4.60 -34.20 17.25
C TYR A 127 -3.60 -33.97 18.41
N ASP A 128 -3.77 -32.88 19.16
CA ASP A 128 -2.82 -32.55 20.22
C ASP A 128 -3.15 -33.29 21.51
N ILE A 129 -4.43 -33.47 21.79
CA ILE A 129 -4.84 -34.13 22.98
C ILE A 129 -4.47 -35.61 22.95
N ALA A 130 -4.89 -36.31 21.91
CA ALA A 130 -4.64 -37.72 21.82
C ALA A 130 -3.17 -38.09 21.75
N ARG A 131 -2.34 -37.29 21.08
CA ARG A 131 -0.89 -37.65 21.00
C ARG A 131 -0.11 -37.79 22.32
N ILE A 132 -0.67 -37.24 23.41
CA ILE A 132 0.03 -37.17 24.70
C ILE A 132 -0.47 -38.24 25.68
N ALA A 133 -1.57 -38.90 25.33
CA ALA A 133 -2.17 -39.83 26.30
C ALA A 133 -1.31 -41.01 26.71
N GLY A 134 -0.57 -41.58 25.75
CA GLY A 134 0.36 -42.69 26.00
C GLY A 134 1.47 -42.29 27.02
N THR A 135 1.91 -41.03 26.97
CA THR A 135 2.90 -40.50 27.92
C THR A 135 2.35 -40.40 29.32
N TYR A 136 1.14 -39.87 29.47
CA TYR A 136 0.50 -39.82 30.79
C TYR A 136 0.48 -41.24 31.38
N SER A 137 0.14 -42.19 30.50
CA SER A 137 -0.03 -43.58 30.83
C SER A 137 1.26 -44.18 31.32
N HIS A 138 2.35 -43.94 30.61
CA HIS A 138 3.66 -44.47 31.01
C HIS A 138 4.26 -43.72 32.18
N ALA A 139 4.10 -42.38 32.23
CA ALA A 139 4.89 -41.56 33.11
C ALA A 139 4.18 -41.22 34.42
N LEU A 140 2.88 -41.07 34.42
CA LEU A 140 2.19 -40.75 35.67
C LEU A 140 1.12 -41.80 36.00
N PRO A 141 1.53 -43.07 36.19
CA PRO A 141 0.58 -44.17 36.33
C PRO A 141 -0.27 -44.07 37.60
N ASN A 142 0.10 -43.15 38.48
CA ASN A 142 -0.53 -42.97 39.76
C ASN A 142 -1.66 -41.97 39.73
N LEU A 143 -1.88 -41.30 38.60
CA LEU A 143 -3.02 -40.36 38.51
C LEU A 143 -4.33 -41.09 38.83
N LEU A 144 -5.24 -40.39 39.48
CA LEU A 144 -6.61 -40.85 39.60
C LEU A 144 -7.26 -40.89 38.25
N SER A 145 -7.26 -39.77 37.55
CA SER A 145 -8.03 -39.69 36.30
C SER A 145 -7.56 -38.57 35.42
N LEU A 146 -7.90 -38.64 34.16
CA LEU A 146 -7.70 -37.55 33.25
C LEU A 146 -9.10 -36.94 32.99
N GLU A 147 -9.31 -35.65 33.33
CA GLU A 147 -10.58 -35.03 32.96
C GLU A 147 -10.38 -34.64 31.49
N CYS A 148 -11.12 -35.30 30.59
CA CYS A 148 -10.82 -35.19 29.22
C CYS A 148 -12.03 -35.15 28.29
N TRP A 149 -13.21 -34.99 28.86
CA TRP A 149 -14.40 -35.07 28.08
C TRP A 149 -15.51 -34.34 28.81
N GLY A 150 -16.58 -34.14 28.09
CA GLY A 150 -17.66 -33.37 28.58
C GLY A 150 -17.42 -31.90 28.63
N GLY A 151 -18.18 -31.22 29.49
CA GLY A 151 -18.22 -29.74 29.47
C GLY A 151 -18.51 -29.23 28.06
N ALA A 152 -17.80 -28.17 27.68
CA ALA A 152 -18.03 -27.56 26.35
C ALA A 152 -17.41 -28.31 25.20
N THR A 153 -16.60 -29.34 25.50
CA THR A 153 -15.89 -30.04 24.45
C THR A 153 -16.75 -30.79 23.46
N PHE A 154 -17.87 -31.27 23.93
CA PHE A 154 -18.73 -32.06 23.04
C PHE A 154 -19.26 -31.14 21.91
N ASP A 155 -19.81 -29.98 22.30
CA ASP A 155 -20.35 -29.00 21.33
C ASP A 155 -19.17 -28.48 20.45
N VAL A 156 -18.14 -27.95 21.12
CA VAL A 156 -17.12 -27.16 20.42
C VAL A 156 -16.33 -28.01 19.44
N SER A 157 -16.06 -29.28 19.76
CA SER A 157 -15.35 -30.13 18.83
C SER A 157 -16.04 -30.23 17.46
N MET A 158 -17.36 -30.39 17.47
CA MET A 158 -18.10 -30.53 16.20
C MET A 158 -18.28 -29.14 15.54
N ARG A 159 -18.71 -28.18 16.34
CA ARG A 159 -19.14 -26.88 15.83
CA ARG A 159 -19.16 -26.88 15.84
C ARG A 159 -18.02 -26.04 15.25
N PHE A 160 -16.88 -25.97 15.94
CA PHE A 160 -15.82 -25.09 15.61
C PHE A 160 -14.51 -25.80 15.16
N LEU A 161 -14.40 -27.11 15.40
CA LEU A 161 -13.20 -27.84 15.04
C LEU A 161 -13.42 -28.92 14.01
N THR A 162 -14.65 -29.15 13.64
CA THR A 162 -15.01 -30.16 12.70
C THR A 162 -14.52 -31.55 13.07
N GLU A 163 -14.70 -31.94 14.34
CA GLU A 163 -14.23 -33.22 14.72
C GLU A 163 -15.14 -33.89 15.74
N ASP A 164 -14.98 -35.20 15.81
CA ASP A 164 -15.96 -36.06 16.49
C ASP A 164 -15.50 -36.31 17.92
N PRO A 165 -16.29 -35.91 18.89
CA PRO A 165 -15.86 -36.07 20.24
C PRO A 165 -15.72 -37.50 20.69
N TRP A 166 -16.45 -38.41 20.06
CA TRP A 166 -16.35 -39.88 20.31
C TRP A 166 -15.01 -40.44 19.91
N GLU A 167 -14.51 -40.00 18.76
CA GLU A 167 -13.22 -40.39 18.24
C GLU A 167 -12.16 -39.89 19.19
N ARG A 168 -12.29 -38.63 19.65
CA ARG A 168 -11.37 -38.11 20.62
C ARG A 168 -11.30 -39.04 21.86
N LEU A 169 -12.47 -39.36 22.40
CA LEU A 169 -12.52 -40.17 23.60
C LEU A 169 -11.90 -41.55 23.32
N ALA A 170 -12.18 -42.16 22.17
CA ALA A 170 -11.64 -43.49 21.82
C ALA A 170 -10.08 -43.47 21.74
N LEU A 171 -9.53 -42.41 21.15
CA LEU A 171 -8.07 -42.33 20.99
C LEU A 171 -7.42 -42.16 22.39
N ILE A 172 -8.08 -41.45 23.29
CA ILE A 172 -7.50 -41.25 24.61
C ILE A 172 -7.59 -42.59 25.39
N ARG A 173 -8.71 -43.28 25.26
CA ARG A 173 -8.93 -44.59 25.90
C ARG A 173 -7.84 -45.60 25.54
N GLU A 174 -7.50 -45.60 24.27
CA GLU A 174 -6.50 -46.48 23.73
C GLU A 174 -5.11 -46.09 24.20
N GLY A 175 -4.78 -44.80 24.24
CA GLY A 175 -3.45 -44.43 24.65
C GLY A 175 -3.27 -44.49 26.19
N ALA A 176 -4.34 -44.42 26.97
CA ALA A 176 -4.24 -44.55 28.43
C ALA A 176 -5.09 -45.65 29.04
N PRO A 177 -4.67 -46.92 28.87
CA PRO A 177 -5.56 -48.00 29.34
C PRO A 177 -5.55 -48.24 30.83
N ASN A 178 -4.66 -47.57 31.52
CA ASN A 178 -4.48 -47.77 32.98
C ASN A 178 -5.07 -46.69 33.87
N LEU A 179 -5.53 -45.60 33.29
CA LEU A 179 -6.10 -44.46 34.03
C LEU A 179 -7.60 -44.32 33.79
N LEU A 180 -8.35 -43.92 34.80
CA LEU A 180 -9.72 -43.55 34.64
C LEU A 180 -9.87 -42.32 33.73
N LEU A 181 -10.87 -42.34 32.84
CA LEU A 181 -11.22 -41.19 32.03
C LEU A 181 -12.51 -40.57 32.60
N GLN A 182 -12.41 -39.28 32.83
CA GLN A 182 -13.39 -38.55 33.56
C GLN A 182 -14.02 -37.51 32.66
N MET A 183 -15.36 -37.41 32.74
CA MET A 183 -16.08 -36.38 32.03
C MET A 183 -16.77 -35.47 33.06
N LEU A 184 -17.15 -34.31 32.60
CA LEU A 184 -18.09 -33.47 33.34
C LEU A 184 -19.46 -33.55 32.62
N LEU A 185 -20.51 -33.92 33.37
CA LEU A 185 -21.86 -34.09 32.86
C LEU A 185 -22.74 -33.11 33.59
N ARG A 186 -23.58 -32.39 32.85
CA ARG A 186 -24.43 -31.29 33.45
C ARG A 186 -25.78 -31.65 34.09
N GLY A 187 -25.85 -32.85 34.63
CA GLY A 187 -27.11 -33.33 35.28
C GLY A 187 -28.14 -33.47 34.20
N ALA A 188 -29.23 -32.80 34.34
CA ALA A 188 -30.34 -32.92 33.41
C ALA A 188 -30.09 -32.09 32.17
N ASN A 189 -28.98 -31.36 32.15
CA ASN A 189 -28.62 -30.63 30.94
C ASN A 189 -27.61 -31.40 30.09
N GLY A 190 -27.25 -32.65 30.44
CA GLY A 190 -26.39 -33.48 29.54
C GLY A 190 -25.01 -32.83 29.23
N VAL A 191 -24.66 -32.76 27.95
CA VAL A 191 -23.54 -31.94 27.43
C VAL A 191 -24.09 -30.73 26.62
N GLY A 192 -25.28 -30.24 27.08
CA GLY A 192 -26.11 -29.22 26.36
C GLY A 192 -26.37 -28.14 27.35
N TYR A 193 -27.35 -27.27 27.05
CA TYR A 193 -27.65 -26.07 27.88
C TYR A 193 -29.07 -25.92 28.41
N THR A 194 -29.88 -26.88 28.07
CA THR A 194 -31.30 -26.99 28.51
C THR A 194 -31.55 -28.44 29.04
N ASN A 195 -32.45 -28.52 30.04
CA ASN A 195 -32.83 -29.74 30.69
C ASN A 195 -33.55 -30.54 29.57
N TYR A 196 -33.10 -31.79 29.26
CA TYR A 196 -33.63 -32.76 28.24
C TYR A 196 -34.60 -33.91 28.71
N PRO A 197 -35.31 -34.61 27.79
CA PRO A 197 -36.11 -35.69 28.34
C PRO A 197 -35.27 -36.78 29.00
N ASP A 198 -35.86 -37.43 30.00
CA ASP A 198 -35.17 -38.41 30.80
C ASP A 198 -34.52 -39.48 29.96
N ASN A 199 -35.26 -40.00 28.98
CA ASN A 199 -34.78 -41.12 28.21
C ASN A 199 -33.62 -40.71 27.33
N VAL A 200 -33.50 -39.40 27.04
CA VAL A 200 -32.36 -38.89 26.30
C VAL A 200 -31.14 -38.80 27.20
N VAL A 201 -31.34 -38.31 28.38
CA VAL A 201 -30.25 -38.29 29.36
C VAL A 201 -29.73 -39.73 29.56
N LYS A 202 -30.66 -40.72 29.67
CA LYS A 202 -30.22 -42.12 29.93
C LYS A 202 -29.43 -42.68 28.76
N TYR A 203 -29.97 -42.52 27.58
CA TYR A 203 -29.32 -43.00 26.39
C TYR A 203 -27.89 -42.40 26.25
N PHE A 204 -27.78 -41.11 26.50
CA PHE A 204 -26.51 -40.45 26.34
C PHE A 204 -25.47 -41.02 27.36
N VAL A 205 -25.89 -41.19 28.61
CA VAL A 205 -25.00 -41.75 29.66
C VAL A 205 -24.57 -43.20 29.28
N ARG A 206 -25.50 -43.99 28.69
CA ARG A 206 -25.20 -45.34 28.22
C ARG A 206 -24.11 -45.27 27.17
N GLN A 207 -24.24 -44.40 26.17
CA GLN A 207 -23.20 -44.24 25.13
C GLN A 207 -21.83 -43.75 25.65
N ALA A 208 -21.87 -42.81 26.59
CA ALA A 208 -20.68 -42.30 27.21
C ALA A 208 -19.86 -43.42 27.94
N ALA A 209 -20.55 -44.19 28.76
CA ALA A 209 -19.94 -45.38 29.37
C ALA A 209 -19.31 -46.31 28.35
N LYS A 210 -20.11 -46.75 27.41
CA LYS A 210 -19.58 -47.56 26.33
C LYS A 210 -18.43 -46.92 25.54
N GLY A 211 -18.43 -45.61 25.38
CA GLY A 211 -17.39 -44.90 24.62
C GLY A 211 -16.04 -44.83 25.32
N GLY A 212 -16.03 -45.07 26.64
CA GLY A 212 -14.84 -45.16 27.45
C GLY A 212 -14.77 -44.31 28.74
N ILE A 213 -15.84 -43.58 29.07
CA ILE A 213 -15.88 -42.81 30.32
C ILE A 213 -16.06 -43.74 31.51
N ASP A 214 -15.23 -43.53 32.53
CA ASP A 214 -15.29 -44.33 33.75
C ASP A 214 -15.89 -43.54 34.91
N LEU A 215 -15.62 -42.24 34.97
CA LEU A 215 -15.89 -41.43 36.18
C LEU A 215 -16.66 -40.26 35.72
N PHE A 216 -17.93 -40.23 36.07
CA PHE A 216 -18.80 -39.12 35.69
C PHE A 216 -18.90 -38.11 36.85
N ARG A 217 -18.39 -36.89 36.66
CA ARG A 217 -18.68 -35.78 37.55
C ARG A 217 -19.96 -35.13 37.13
N VAL A 218 -21.01 -35.30 37.95
CA VAL A 218 -22.33 -34.85 37.57
C VAL A 218 -22.80 -33.76 38.56
N PHE A 219 -23.29 -32.64 38.03
CA PHE A 219 -23.77 -31.49 38.80
C PHE A 219 -25.06 -30.91 38.22
N ASP A 220 -25.81 -30.24 39.09
CA ASP A 220 -27.01 -29.50 38.74
C ASP A 220 -26.72 -28.06 39.06
N CYS A 221 -27.08 -27.18 38.16
CA CYS A 221 -26.73 -25.74 38.29
C CYS A 221 -27.38 -25.02 39.48
N LEU A 222 -28.32 -25.65 40.15
CA LEU A 222 -28.90 -25.13 41.35
C LEU A 222 -28.70 -26.02 42.56
N ASN A 223 -27.86 -27.03 42.44
CA ASN A 223 -27.68 -28.01 43.45
C ASN A 223 -29.03 -28.62 43.80
N TRP A 224 -29.90 -28.85 42.81
CA TRP A 224 -31.18 -29.49 43.15
C TRP A 224 -31.01 -30.99 43.02
N VAL A 225 -30.99 -31.69 44.17
CA VAL A 225 -30.68 -33.13 44.14
C VAL A 225 -31.76 -33.89 43.39
N GLU A 226 -32.99 -33.44 43.54
CA GLU A 226 -34.12 -34.06 42.80
C GLU A 226 -33.89 -34.11 41.26
N ASN A 227 -33.29 -33.08 40.69
CA ASN A 227 -32.99 -32.98 39.24
C ASN A 227 -31.73 -33.74 38.85
N MET A 228 -31.08 -34.35 39.82
CA MET A 228 -29.83 -35.17 39.60
C MET A 228 -30.01 -36.68 39.61
N ARG A 229 -31.04 -37.15 40.28
CA ARG A 229 -31.41 -38.58 40.32
C ARG A 229 -31.34 -39.34 39.02
N VAL A 230 -32.03 -38.84 38.01
CA VAL A 230 -32.08 -39.56 36.75
C VAL A 230 -30.62 -39.87 36.25
N SER A 231 -29.78 -38.85 36.19
CA SER A 231 -28.43 -38.98 35.72
C SER A 231 -27.67 -39.90 36.63
N MET A 232 -27.81 -39.67 37.94
CA MET A 232 -27.14 -40.52 38.94
C MET A 232 -27.50 -42.00 38.77
N ASP A 233 -28.77 -42.28 38.58
CA ASP A 233 -29.21 -43.65 38.37
C ASP A 233 -28.66 -44.24 37.10
N ALA A 234 -28.58 -43.45 36.05
CA ALA A 234 -28.16 -43.99 34.79
C ALA A 234 -26.66 -44.30 34.89
N ILE A 235 -25.90 -43.47 35.55
CA ILE A 235 -24.45 -43.80 35.76
C ILE A 235 -24.22 -45.13 36.55
N ALA A 236 -24.94 -45.27 37.66
CA ALA A 236 -24.90 -46.52 38.45
C ALA A 236 -25.32 -47.73 37.65
N GLU A 237 -26.36 -47.56 36.84
CA GLU A 237 -26.83 -48.63 36.00
C GLU A 237 -25.73 -49.04 35.01
N GLU A 238 -24.87 -48.15 34.58
CA GLU A 238 -23.82 -48.59 33.67
C GLU A 238 -22.63 -49.15 34.43
N ASN A 239 -22.75 -49.22 35.76
CA ASN A 239 -21.66 -49.63 36.59
C ASN A 239 -20.45 -48.75 36.49
N LYS A 240 -20.65 -47.46 36.29
CA LYS A 240 -19.55 -46.52 36.38
C LYS A 240 -19.58 -45.70 37.65
N LEU A 241 -18.52 -44.93 37.86
CA LEU A 241 -18.41 -44.00 38.99
C LEU A 241 -19.29 -42.76 38.79
N CYS A 242 -20.20 -42.65 39.73
CA CYS A 242 -20.99 -41.49 40.04
C CYS A 242 -20.37 -40.56 41.07
N GLU A 243 -19.69 -39.53 40.58
CA GLU A 243 -19.19 -38.50 41.43
C GLU A 243 -20.18 -37.36 41.36
N ALA A 244 -21.03 -37.31 42.38
CA ALA A 244 -22.07 -36.31 42.52
C ALA A 244 -21.52 -35.05 43.15
N ALA A 245 -21.65 -33.96 42.45
CA ALA A 245 -21.05 -32.66 42.88
C ALA A 245 -22.06 -31.74 43.56
N ILE A 246 -21.52 -30.99 44.48
CA ILE A 246 -22.14 -29.89 45.13
C ILE A 246 -21.32 -28.70 44.69
N CYS A 247 -21.98 -27.77 44.00
CA CYS A 247 -21.37 -26.51 43.64
C CYS A 247 -21.27 -25.59 44.82
N TYR A 248 -20.08 -24.99 44.98
CA TYR A 248 -19.76 -24.07 46.04
C TYR A 248 -20.03 -22.63 45.60
N THR A 249 -20.70 -21.86 46.46
CA THR A 249 -20.93 -20.48 46.18
C THR A 249 -20.96 -19.77 47.51
N GLY A 250 -20.80 -18.44 47.49
CA GLY A 250 -20.82 -17.68 48.74
C GLY A 250 -19.58 -17.90 49.57
N ASP A 251 -19.79 -18.03 50.88
CA ASP A 251 -18.68 -18.08 51.89
C ASP A 251 -19.22 -18.65 53.19
N ILE A 252 -18.82 -19.86 53.51
CA ILE A 252 -19.34 -20.48 54.69
C ILE A 252 -18.98 -19.78 55.95
N LEU A 253 -17.93 -18.97 55.93
CA LEU A 253 -17.42 -18.38 57.15
C LEU A 253 -17.87 -16.94 57.35
N ASN A 254 -18.74 -16.50 56.47
CA ASN A 254 -19.28 -15.19 56.58
C ASN A 254 -20.74 -15.26 57.06
N SER A 255 -20.95 -14.89 58.30
CA SER A 255 -22.25 -15.12 58.93
C SER A 255 -23.25 -14.09 58.47
N ALA A 256 -22.83 -13.10 57.71
CA ALA A 256 -23.79 -12.20 57.08
C ALA A 256 -24.26 -12.73 55.75
N ARG A 257 -23.81 -13.93 55.33
CA ARG A 257 -24.44 -14.63 54.17
C ARG A 257 -24.84 -16.10 54.50
N PRO A 258 -25.84 -16.25 55.38
CA PRO A 258 -26.09 -17.58 56.00
C PRO A 258 -26.71 -18.58 55.09
N LYS A 259 -27.12 -18.14 53.91
CA LYS A 259 -27.84 -19.11 53.06
C LYS A 259 -26.96 -20.29 52.55
N TYR A 260 -25.69 -20.04 52.30
CA TYR A 260 -24.78 -21.07 51.90
C TYR A 260 -23.82 -21.34 53.05
N ASP A 261 -24.30 -21.92 54.14
CA ASP A 261 -23.49 -22.09 55.33
C ASP A 261 -23.00 -23.53 55.36
N LEU A 262 -22.34 -23.89 56.43
CA LEU A 262 -21.69 -25.17 56.43
C LEU A 262 -22.74 -26.31 56.33
N LYS A 263 -23.80 -26.23 57.11
CA LYS A 263 -24.80 -27.33 57.05
C LYS A 263 -25.49 -27.46 55.70
N TYR A 264 -25.60 -26.38 54.93
CA TYR A 264 -26.04 -26.47 53.55
C TYR A 264 -25.23 -27.50 52.77
N TYR A 265 -23.91 -27.48 52.90
CA TYR A 265 -23.08 -28.45 52.14
C TYR A 265 -23.14 -29.83 52.74
N THR A 266 -23.05 -29.92 54.07
CA THR A 266 -23.04 -31.26 54.65
C THR A 266 -24.39 -31.98 54.50
N ASN A 267 -25.49 -31.24 54.62
CA ASN A 267 -26.79 -31.84 54.27
C ASN A 267 -26.92 -32.30 52.81
N LEU A 268 -26.37 -31.56 51.87
CA LEU A 268 -26.37 -31.98 50.50
C LEU A 268 -25.58 -33.27 50.29
N ALA A 269 -24.43 -33.35 50.94
CA ALA A 269 -23.63 -34.59 50.85
C ALA A 269 -24.38 -35.80 51.35
N VAL A 270 -25.14 -35.65 52.45
CA VAL A 270 -25.89 -36.78 53.01
C VAL A 270 -26.95 -37.16 52.00
N GLU A 271 -27.62 -36.18 51.39
CA GLU A 271 -28.69 -36.50 50.41
C GLU A 271 -28.11 -37.15 49.13
N LEU A 272 -26.97 -36.66 48.71
CA LEU A 272 -26.41 -37.20 47.49
C LEU A 272 -25.89 -38.66 47.74
N GLU A 273 -25.44 -38.94 48.95
CA GLU A 273 -25.05 -40.32 49.31
C GLU A 273 -26.26 -41.25 49.33
N LYS A 274 -27.36 -40.79 49.89
CA LYS A 274 -28.59 -41.59 49.89
C LYS A 274 -29.09 -41.72 48.46
N ALA A 275 -28.82 -40.75 47.62
CA ALA A 275 -29.27 -40.87 46.23
C ALA A 275 -28.28 -41.77 45.42
N GLY A 276 -27.20 -42.29 46.01
CA GLY A 276 -26.38 -43.37 45.37
C GLY A 276 -25.00 -42.92 44.88
N ALA A 277 -24.52 -41.75 45.31
CA ALA A 277 -23.18 -41.35 44.86
C ALA A 277 -22.13 -42.34 45.33
N HIS A 278 -21.10 -42.53 44.53
CA HIS A 278 -19.93 -43.32 44.94
C HIS A 278 -18.84 -42.40 45.49
N ILE A 279 -18.86 -41.16 45.05
CA ILE A 279 -17.90 -40.13 45.39
C ILE A 279 -18.68 -38.81 45.46
N ILE A 280 -18.32 -37.94 46.39
CA ILE A 280 -18.93 -36.61 46.45
C ILE A 280 -17.88 -35.62 45.98
N ALA A 281 -18.25 -34.72 45.06
CA ALA A 281 -17.31 -33.64 44.63
C ALA A 281 -17.75 -32.30 45.21
N VAL A 282 -16.80 -31.44 45.53
CA VAL A 282 -17.04 -30.02 45.70
C VAL A 282 -16.47 -29.38 44.44
N KCX A 283 -17.42 -28.87 43.66
CA KCX A 283 -17.19 -28.19 42.40
CB KCX A 283 -18.22 -28.63 41.38
CG KCX A 283 -17.98 -28.00 40.00
CD KCX A 283 -19.11 -28.24 38.95
CE KCX A 283 -18.73 -27.47 37.65
NZ KCX A 283 -17.50 -27.84 36.89
C KCX A 283 -17.25 -26.71 42.65
O KCX A 283 -18.34 -26.10 42.74
CX KCX A 283 -16.35 -27.15 36.66
OQ1 KCX A 283 -16.25 -26.04 37.08
OQ2 KCX A 283 -15.60 -27.84 35.85
N ASP A 284 -16.07 -26.14 42.82
CA ASP A 284 -15.92 -24.71 43.04
C ASP A 284 -15.56 -24.06 41.69
N MET A 285 -16.61 -23.90 40.93
CA MET A 285 -16.58 -23.38 39.54
C MET A 285 -16.01 -21.99 39.33
N ALA A 286 -16.16 -21.10 40.32
CA ALA A 286 -15.63 -19.75 40.26
C ALA A 286 -14.41 -19.54 41.13
N GLY A 287 -13.93 -20.60 41.77
CA GLY A 287 -12.71 -20.48 42.59
C GLY A 287 -12.94 -19.61 43.82
N LEU A 288 -14.08 -19.80 44.50
CA LEU A 288 -14.46 -18.96 45.62
C LEU A 288 -14.06 -19.49 46.99
N LEU A 289 -13.79 -20.78 47.12
CA LEU A 289 -13.51 -21.36 48.42
C LEU A 289 -12.13 -20.90 48.86
N LYS A 290 -12.07 -20.39 50.07
CA LYS A 290 -10.86 -19.84 50.64
C LYS A 290 -10.27 -20.89 51.58
N PRO A 291 -9.00 -20.74 51.88
CA PRO A 291 -8.29 -21.77 52.60
C PRO A 291 -8.81 -22.12 54.00
N ALA A 292 -9.16 -21.13 54.80
CA ALA A 292 -9.71 -21.35 56.13
C ALA A 292 -11.00 -22.05 55.98
N ALA A 293 -11.79 -21.68 54.97
CA ALA A 293 -13.05 -22.37 54.75
C ALA A 293 -12.85 -23.85 54.31
N ALA A 294 -11.85 -24.10 53.48
CA ALA A 294 -11.59 -25.45 53.04
C ALA A 294 -11.32 -26.35 54.27
N LYS A 295 -10.56 -25.81 55.20
CA LYS A 295 -10.17 -26.56 56.36
C LYS A 295 -11.41 -26.96 57.17
N VAL A 296 -12.39 -26.05 57.27
CA VAL A 296 -13.63 -26.38 57.96
C VAL A 296 -14.50 -27.35 57.11
N LEU A 297 -14.64 -27.04 55.82
CA LEU A 297 -15.61 -27.74 54.97
C LEU A 297 -15.24 -29.22 54.79
N PHE A 298 -14.00 -29.49 54.40
CA PHE A 298 -13.59 -30.87 54.21
C PHE A 298 -13.57 -31.72 55.42
N LYS A 299 -13.29 -31.14 56.55
CA LYS A 299 -13.33 -31.90 57.76
C LYS A 299 -14.75 -32.31 58.10
N ALA A 300 -15.69 -31.38 57.95
CA ALA A 300 -17.08 -31.62 58.22
C ALA A 300 -17.68 -32.58 57.20
N LEU A 301 -17.26 -32.45 55.94
CA LEU A 301 -17.75 -33.39 54.90
C LEU A 301 -17.36 -34.81 55.16
N ARG A 302 -16.12 -35.03 55.60
CA ARG A 302 -15.64 -36.38 55.82
C ARG A 302 -16.19 -36.96 57.07
N GLU A 303 -16.80 -36.08 57.88
CA GLU A 303 -17.53 -36.51 59.05
C GLU A 303 -19.02 -36.74 58.70
N ALA A 304 -19.63 -35.96 57.82
CA ALA A 304 -21.03 -36.21 57.46
C ALA A 304 -21.26 -37.41 56.54
N THR A 305 -20.26 -37.79 55.75
CA THR A 305 -20.42 -38.94 54.87
C THR A 305 -19.17 -39.77 54.90
N GLY A 306 -19.34 -41.05 54.67
CA GLY A 306 -18.21 -41.97 54.56
C GLY A 306 -17.62 -42.07 53.17
N LEU A 307 -18.29 -41.44 52.21
CA LEU A 307 -17.84 -41.44 50.86
C LEU A 307 -16.59 -40.59 50.70
N PRO A 308 -15.72 -40.94 49.76
CA PRO A 308 -14.63 -40.04 49.42
C PRO A 308 -15.09 -38.72 48.81
N ILE A 309 -14.20 -37.72 48.92
CA ILE A 309 -14.46 -36.34 48.54
C ILE A 309 -13.42 -35.89 47.53
N HIS A 310 -13.88 -35.28 46.46
CA HIS A 310 -13.00 -34.89 45.33
C HIS A 310 -13.18 -33.38 45.11
N PHE A 311 -12.12 -32.61 45.21
CA PHE A 311 -12.25 -31.07 45.18
C PHE A 311 -11.74 -30.48 43.88
N HIS A 312 -12.63 -29.74 43.21
CA HIS A 312 -12.34 -29.00 41.97
C HIS A 312 -12.50 -27.49 42.19
N THR A 313 -11.51 -26.74 41.74
CA THR A 313 -11.60 -25.30 41.83
C THR A 313 -10.82 -24.66 40.64
N HIS A 314 -10.93 -23.35 40.58
CA HIS A 314 -10.29 -22.47 39.57
C HIS A 314 -9.45 -21.44 40.27
N ASP A 315 -8.40 -20.91 39.58
CA ASP A 315 -7.38 -20.04 40.17
C ASP A 315 -7.56 -18.57 39.89
N THR A 316 -8.77 -18.15 39.56
CA THR A 316 -9.05 -16.78 39.12
C THR A 316 -8.56 -15.77 40.16
N SER A 317 -8.71 -16.14 41.45
CA SER A 317 -8.28 -15.34 42.60
C SER A 317 -6.73 -15.22 42.71
N GLY A 318 -6.01 -16.21 42.18
CA GLY A 318 -4.56 -16.28 42.42
C GLY A 318 -4.22 -16.99 43.71
N ILE A 319 -5.20 -17.62 44.38
CA ILE A 319 -4.90 -18.28 45.62
C ILE A 319 -5.47 -19.68 45.76
N ALA A 320 -6.02 -20.23 44.69
CA ALA A 320 -6.63 -21.51 44.77
C ALA A 320 -5.70 -22.62 45.14
N ALA A 321 -4.40 -22.45 44.90
CA ALA A 321 -3.48 -23.46 45.34
C ALA A 321 -3.42 -23.50 46.86
N ALA A 322 -3.52 -22.36 47.52
CA ALA A 322 -3.61 -22.40 49.02
C ALA A 322 -4.85 -23.20 49.46
N THR A 323 -5.94 -23.06 48.73
CA THR A 323 -7.15 -23.73 49.09
C THR A 323 -7.03 -25.24 48.88
N VAL A 324 -6.40 -25.65 47.80
CA VAL A 324 -6.14 -27.05 47.54
C VAL A 324 -5.28 -27.65 48.60
N LEU A 325 -4.19 -26.97 48.98
CA LEU A 325 -3.31 -27.47 50.01
C LEU A 325 -3.98 -27.55 51.35
N ALA A 326 -4.82 -26.59 51.65
CA ALA A 326 -5.55 -26.66 52.92
C ALA A 326 -6.50 -27.84 52.83
N ALA A 327 -7.13 -28.02 51.68
CA ALA A 327 -7.97 -29.18 51.51
C ALA A 327 -7.25 -30.51 51.75
N VAL A 328 -6.07 -30.65 51.19
CA VAL A 328 -5.24 -31.85 51.41
C VAL A 328 -4.96 -32.06 52.91
N GLU A 329 -4.61 -31.02 53.60
CA GLU A 329 -4.25 -31.15 54.95
C GLU A 329 -5.49 -31.52 55.73
N ALA A 330 -6.66 -31.07 55.30
CA ALA A 330 -7.87 -31.48 55.97
C ALA A 330 -8.35 -32.87 55.58
N GLY A 331 -7.65 -33.61 54.76
CA GLY A 331 -8.11 -35.00 54.47
C GLY A 331 -8.88 -35.31 53.18
N VAL A 332 -9.02 -34.35 52.29
CA VAL A 332 -9.76 -34.55 51.06
C VAL A 332 -9.08 -35.67 50.32
N ASP A 333 -9.85 -36.45 49.55
CA ASP A 333 -9.31 -37.68 48.99
C ASP A 333 -8.67 -37.49 47.66
N ALA A 334 -9.20 -36.55 46.91
CA ALA A 334 -8.74 -36.24 45.59
C ALA A 334 -8.87 -34.72 45.32
N VAL A 335 -7.94 -34.19 44.55
CA VAL A 335 -8.02 -32.84 44.06
C VAL A 335 -7.71 -32.76 42.55
N ASP A 336 -8.23 -31.75 41.88
CA ASP A 336 -7.97 -31.48 40.44
C ASP A 336 -6.88 -30.39 40.28
N ALA A 337 -6.06 -30.53 39.27
CA ALA A 337 -5.17 -29.45 38.83
C ALA A 337 -4.86 -29.57 37.38
N ALA A 338 -4.21 -28.54 36.86
CA ALA A 338 -3.80 -28.52 35.45
C ALA A 338 -2.35 -28.43 35.27
N MET A 339 -1.88 -28.97 34.18
CA MET A 339 -0.46 -28.82 33.81
C MET A 339 -0.04 -27.40 33.82
N ASP A 340 1.18 -27.15 34.31
CA ASP A 340 1.66 -25.78 34.56
C ASP A 340 1.29 -24.82 33.39
N ALA A 341 1.65 -25.23 32.16
CA ALA A 341 1.50 -24.49 30.92
C ALA A 341 0.06 -24.14 30.58
N LEU A 342 -0.88 -24.83 31.22
CA LEU A 342 -2.31 -24.48 31.09
C LEU A 342 -3.04 -24.25 32.47
N SER A 343 -2.30 -23.65 33.39
CA SER A 343 -2.79 -23.46 34.75
C SER A 343 -2.84 -21.99 35.04
N GLY A 344 -3.38 -21.64 36.20
CA GLY A 344 -3.39 -20.25 36.61
C GLY A 344 -4.68 -19.55 36.13
N ASN A 345 -4.89 -18.36 36.66
CA ASN A 345 -6.01 -17.53 36.29
C ASN A 345 -7.27 -18.32 36.22
N THR A 346 -7.99 -18.30 35.11
CA THR A 346 -9.31 -18.87 35.14
C THR A 346 -9.26 -20.38 35.02
N SER A 347 -8.07 -20.96 34.84
CA SER A 347 -7.95 -22.42 34.81
C SER A 347 -7.79 -23.02 36.24
N GLN A 348 -7.34 -24.27 36.36
CA GLN A 348 -7.01 -24.83 37.63
C GLN A 348 -5.66 -24.34 38.09
N PRO A 349 -5.41 -24.44 39.39
CA PRO A 349 -4.09 -24.11 39.87
C PRO A 349 -3.06 -25.13 39.38
N CYS A 350 -1.78 -24.80 39.57
CA CYS A 350 -0.64 -25.41 38.95
C CYS A 350 -0.39 -26.78 39.52
N LEU A 351 -0.56 -27.80 38.68
CA LEU A 351 -0.30 -29.18 39.10
C LEU A 351 1.12 -29.38 39.56
N GLY A 352 2.12 -28.93 38.79
CA GLY A 352 3.51 -29.17 39.21
C GLY A 352 3.86 -28.58 40.56
N SER A 353 3.39 -27.35 40.85
CA SER A 353 3.81 -26.71 42.10
C SER A 353 3.08 -27.31 43.29
N ILE A 354 1.84 -27.72 43.06
CA ILE A 354 1.07 -28.42 44.08
C ILE A 354 1.76 -29.70 44.46
N VAL A 355 2.18 -30.47 43.47
CA VAL A 355 2.92 -31.71 43.77
C VAL A 355 4.25 -31.41 44.50
N GLU A 356 4.92 -30.40 44.01
CA GLU A 356 6.15 -30.00 44.63
C GLU A 356 5.97 -29.62 46.13
N ALA A 357 4.89 -28.92 46.46
CA ALA A 357 4.58 -28.57 47.85
C ALA A 357 4.29 -29.76 48.74
N LEU A 358 3.70 -30.79 48.21
CA LEU A 358 3.35 -32.03 48.93
C LEU A 358 4.46 -33.06 48.94
N SER A 359 5.51 -32.75 48.22
CA SER A 359 6.53 -33.71 48.03
C SER A 359 7.22 -34.02 49.36
N GLY A 360 7.28 -35.30 49.73
CA GLY A 360 7.90 -35.73 51.00
C GLY A 360 6.93 -35.66 52.17
N SER A 361 5.68 -35.20 51.97
CA SER A 361 4.74 -35.12 53.11
C SER A 361 4.02 -36.43 53.22
N GLU A 362 3.31 -36.58 54.29
CA GLU A 362 2.59 -37.81 54.56
C GLU A 362 1.63 -38.17 53.45
N ARG A 363 1.03 -37.17 52.82
CA ARG A 363 0.09 -37.46 51.76
C ARG A 363 0.69 -37.24 50.35
N ASP A 364 2.01 -37.22 50.24
CA ASP A 364 2.71 -37.14 48.97
C ASP A 364 2.03 -38.02 47.93
N PRO A 365 1.68 -37.47 46.76
CA PRO A 365 0.95 -38.28 45.84
C PRO A 365 1.75 -39.18 44.94
N GLY A 366 3.06 -39.12 44.98
CA GLY A 366 3.87 -40.10 44.18
C GLY A 366 3.77 -39.86 42.69
N LEU A 367 3.91 -38.61 42.29
CA LEU A 367 3.91 -38.26 40.87
C LEU A 367 5.26 -37.64 40.62
N ASP A 368 5.96 -38.10 39.59
CA ASP A 368 7.31 -37.68 39.26
C ASP A 368 7.29 -36.26 38.64
N PRO A 369 7.73 -35.24 39.41
CA PRO A 369 7.67 -33.82 38.96
C PRO A 369 8.45 -33.60 37.67
N ALA A 370 9.45 -34.41 37.41
CA ALA A 370 10.23 -34.22 36.20
C ALA A 370 9.35 -34.59 34.98
N TRP A 371 8.52 -35.60 35.14
CA TRP A 371 7.65 -36.01 34.07
C TRP A 371 6.55 -35.04 33.95
N ILE A 372 6.12 -34.49 35.09
CA ILE A 372 5.14 -33.40 35.04
C ILE A 372 5.69 -32.25 34.21
N ARG A 373 6.92 -31.88 34.44
CA ARG A 373 7.49 -30.76 33.68
C ARG A 373 7.68 -31.08 32.20
N ARG A 374 8.00 -32.33 31.86
CA ARG A 374 8.14 -32.72 30.49
C ARG A 374 6.80 -32.65 29.78
N ILE A 375 5.73 -33.11 30.42
CA ILE A 375 4.42 -33.07 29.82
C ILE A 375 3.94 -31.62 29.71
N SER A 376 4.24 -30.79 30.71
CA SER A 376 3.90 -29.37 30.64
C SER A 376 4.63 -28.70 29.51
N PHE A 377 5.92 -29.00 29.31
CA PHE A 377 6.67 -28.40 28.21
CA PHE A 377 6.69 -28.44 28.18
C PHE A 377 6.02 -28.77 26.85
N TYR A 378 5.53 -30.01 26.69
CA TYR A 378 4.71 -30.38 25.49
C TYR A 378 3.46 -29.51 25.40
N TRP A 379 2.69 -29.40 26.47
CA TRP A 379 1.47 -28.57 26.44
C TRP A 379 1.77 -27.09 26.15
N GLU A 380 2.92 -26.63 26.60
CA GLU A 380 3.31 -25.26 26.30
C GLU A 380 3.50 -25.07 24.77
N ALA A 381 4.25 -25.97 24.15
CA ALA A 381 4.43 -25.89 22.69
C ALA A 381 3.07 -26.08 21.97
N VAL A 382 2.19 -26.93 22.51
CA VAL A 382 0.90 -27.14 21.90
C VAL A 382 0.11 -25.86 21.99
N ARG A 383 0.14 -25.25 23.18
CA ARG A 383 -0.61 -24.04 23.43
C ARG A 383 -0.20 -22.85 22.54
N ASN A 384 1.09 -22.70 22.30
CA ASN A 384 1.55 -21.72 21.31
C ASN A 384 0.86 -21.73 19.94
N GLN A 385 0.38 -22.88 19.51
CA GLN A 385 -0.33 -22.98 18.22
C GLN A 385 -1.73 -22.35 18.27
N TYR A 386 -2.26 -22.10 19.47
CA TYR A 386 -3.64 -21.59 19.62
C TYR A 386 -3.57 -20.13 20.03
N ALA A 387 -2.60 -19.40 19.50
CA ALA A 387 -2.48 -17.97 19.80
C ALA A 387 -3.76 -17.20 19.46
N ALA A 388 -4.52 -17.64 18.48
CA ALA A 388 -5.76 -16.94 18.07
C ALA A 388 -6.81 -16.84 19.17
N PHE A 389 -6.75 -17.73 20.15
CA PHE A 389 -7.81 -17.88 21.14
C PHE A 389 -7.34 -17.47 22.52
N GLU A 390 -6.14 -16.88 22.62
CA GLU A 390 -5.70 -16.39 23.90
C GLU A 390 -6.59 -15.19 24.35
N SER A 391 -6.96 -15.08 25.62
CA SER A 391 -7.58 -13.83 26.09
C SER A 391 -6.55 -12.80 26.48
N ASP A 392 -6.99 -11.63 26.87
CA ASP A 392 -6.11 -10.58 27.40
C ASP A 392 -5.96 -10.55 28.95
N LEU A 393 -6.53 -11.50 29.65
CA LEU A 393 -6.43 -11.57 31.10
C LEU A 393 -4.94 -11.67 31.53
N LYS A 394 -4.50 -10.78 32.38
CA LYS A 394 -3.11 -10.69 32.80
C LYS A 394 -2.80 -11.37 34.16
N GLY A 395 -3.78 -11.66 35.01
CA GLY A 395 -3.43 -12.38 36.20
C GLY A 395 -4.56 -12.43 37.17
N PRO A 396 -4.23 -12.57 38.45
CA PRO A 396 -5.21 -12.91 39.51
C PRO A 396 -6.17 -11.77 39.68
N ALA A 397 -7.37 -12.03 40.17
CA ALA A 397 -8.27 -10.93 40.46
C ALA A 397 -9.15 -11.24 41.68
N SER A 398 -8.98 -10.50 42.77
CA SER A 398 -9.91 -10.63 43.92
C SER A 398 -11.34 -10.20 43.59
N GLU A 399 -11.47 -9.49 42.50
CA GLU A 399 -12.81 -9.20 41.97
C GLU A 399 -13.73 -10.42 41.84
N VAL A 400 -13.15 -11.59 41.66
CA VAL A 400 -13.89 -12.82 41.63
C VAL A 400 -14.86 -13.00 42.83
N TYR A 401 -14.47 -12.49 43.98
CA TYR A 401 -15.24 -12.71 45.20
C TYR A 401 -16.41 -11.81 45.12
N LEU A 402 -16.33 -10.78 44.30
CA LEU A 402 -17.51 -9.92 44.08
C LEU A 402 -18.48 -10.55 43.06
N HIS A 403 -18.02 -10.81 41.86
CA HIS A 403 -18.93 -11.26 40.83
C HIS A 403 -19.30 -12.73 40.84
N GLU A 404 -18.35 -13.61 41.20
CA GLU A 404 -18.56 -14.97 41.30
C GLU A 404 -18.85 -15.61 39.90
N MET A 405 -18.24 -15.05 38.88
CA MET A 405 -18.30 -15.65 37.53
C MET A 405 -17.49 -16.90 37.52
N PRO A 406 -18.08 -18.02 37.03
CA PRO A 406 -17.37 -19.29 36.85
C PRO A 406 -16.17 -19.03 35.94
N GLY A 407 -15.08 -19.68 36.26
CA GLY A 407 -13.85 -19.54 35.51
C GLY A 407 -14.07 -19.74 34.00
N GLY A 408 -14.81 -20.76 33.68
CA GLY A 408 -15.14 -21.04 32.27
C GLY A 408 -16.09 -20.11 31.61
N GLN A 409 -16.68 -19.17 32.36
CA GLN A 409 -17.56 -18.16 31.74
C GLN A 409 -16.87 -16.85 31.50
N PHE A 410 -15.99 -16.47 32.43
CA PHE A 410 -15.45 -15.10 32.54
C PHE A 410 -15.05 -14.55 31.18
N THR A 411 -14.10 -15.20 30.52
CA THR A 411 -13.54 -14.65 29.29
C THR A 411 -14.65 -14.57 28.22
N ASN A 412 -15.44 -15.59 28.15
CA ASN A 412 -16.54 -15.57 27.21
C ASN A 412 -17.57 -14.39 27.45
N LEU A 413 -17.80 -14.06 28.70
CA LEU A 413 -18.80 -12.98 28.96
C LEU A 413 -18.19 -11.64 28.65
N LYS A 414 -16.93 -11.55 28.91
CA LYS A 414 -16.19 -10.32 28.61
C LYS A 414 -16.09 -10.06 27.08
N GLU A 415 -16.04 -11.13 26.30
CA GLU A 415 -15.97 -11.02 24.84
C GLU A 415 -17.38 -10.63 24.36
N GLN A 416 -18.37 -11.22 24.96
CA GLN A 416 -19.72 -10.81 24.70
C GLN A 416 -19.97 -9.34 25.06
N ALA A 417 -19.58 -8.90 26.28
CA ALA A 417 -19.67 -7.46 26.59
C ALA A 417 -19.05 -6.56 25.51
N ARG A 418 -17.83 -6.92 25.10
CA ARG A 418 -17.08 -6.14 24.09
C ARG A 418 -17.88 -5.96 22.76
N SER A 419 -18.42 -7.07 22.29
CA SER A 419 -19.41 -7.23 21.23
C SER A 419 -20.59 -6.28 21.24
N LEU A 420 -21.15 -6.06 22.41
CA LEU A 420 -22.23 -5.12 22.62
C LEU A 420 -21.71 -3.70 22.89
N GLY A 421 -20.44 -3.41 22.65
CA GLY A 421 -19.90 -2.09 22.90
C GLY A 421 -19.58 -1.74 24.36
N LEU A 422 -19.58 -2.72 25.27
CA LEU A 422 -19.44 -2.47 26.69
C LEU A 422 -18.02 -2.68 27.26
N GLU A 423 -17.03 -2.79 26.38
CA GLU A 423 -15.66 -3.09 26.84
C GLU A 423 -15.21 -2.14 27.91
N THR A 424 -15.45 -0.85 27.76
CA THR A 424 -14.92 0.07 28.73
C THR A 424 -15.76 0.04 29.98
N ARG A 425 -16.80 -0.78 30.02
CA ARG A 425 -17.71 -0.80 31.17
C ARG A 425 -17.74 -2.17 31.78
N TRP A 426 -16.66 -2.92 31.61
CA TRP A 426 -16.58 -4.28 32.04
C TRP A 426 -16.75 -4.39 33.52
N HIS A 427 -16.18 -3.46 34.26
CA HIS A 427 -16.28 -3.50 35.71
C HIS A 427 -17.75 -3.26 36.19
N GLN A 428 -18.50 -2.40 35.51
CA GLN A 428 -19.95 -2.28 35.72
C GLN A 428 -20.73 -3.57 35.36
N VAL A 429 -20.37 -4.27 34.29
CA VAL A 429 -20.93 -5.61 34.04
C VAL A 429 -20.62 -6.57 35.15
N ALA A 430 -19.42 -6.56 35.67
CA ALA A 430 -19.13 -7.42 36.85
C ALA A 430 -20.03 -7.08 38.08
N GLN A 431 -20.22 -5.80 38.31
CA GLN A 431 -21.03 -5.35 39.45
C GLN A 431 -22.51 -5.69 39.20
N ALA A 432 -22.96 -5.46 37.98
CA ALA A 432 -24.33 -5.82 37.66
C ALA A 432 -24.56 -7.34 37.78
N TYR A 433 -23.53 -8.14 37.49
CA TYR A 433 -23.63 -9.59 37.60
C TYR A 433 -23.84 -9.95 39.10
N ALA A 434 -23.02 -9.35 39.98
CA ALA A 434 -23.21 -9.59 41.44
C ALA A 434 -24.62 -9.12 41.87
N ASP A 435 -25.01 -7.93 41.40
CA ASP A 435 -26.33 -7.34 41.77
C ASP A 435 -27.44 -8.20 41.28
N ALA A 436 -27.37 -8.68 40.05
CA ALA A 436 -28.41 -9.59 39.50
C ALA A 436 -28.48 -10.89 40.29
N ASN A 437 -27.31 -11.42 40.69
CA ASN A 437 -27.31 -12.63 41.48
C ASN A 437 -28.17 -12.45 42.73
N GLN A 438 -28.00 -11.32 43.43
CA GLN A 438 -28.80 -11.11 44.64
C GLN A 438 -30.24 -10.93 44.26
N MET A 439 -30.50 -10.21 43.17
CA MET A 439 -31.85 -9.98 42.72
C MET A 439 -32.54 -11.30 42.45
N PHE A 440 -31.81 -12.29 41.90
CA PHE A 440 -32.35 -13.65 41.71
C PHE A 440 -32.51 -14.46 43.01
N GLY A 441 -32.09 -13.87 44.12
CA GLY A 441 -32.26 -14.44 45.45
C GLY A 441 -30.99 -15.08 45.92
N ASP A 442 -29.88 -14.82 45.22
CA ASP A 442 -28.55 -15.42 45.51
C ASP A 442 -28.50 -16.90 45.18
N ILE A 443 -28.05 -17.22 43.95
CA ILE A 443 -28.14 -18.57 43.41
C ILE A 443 -26.78 -19.09 43.00
N VAL A 444 -26.74 -20.40 42.89
CA VAL A 444 -25.63 -21.07 42.31
C VAL A 444 -25.54 -20.73 40.84
N LYS A 445 -24.36 -20.30 40.42
CA LYS A 445 -24.11 -19.79 39.11
C LYS A 445 -23.06 -20.63 38.38
N VAL A 446 -23.57 -21.54 37.53
CA VAL A 446 -22.74 -22.45 36.72
C VAL A 446 -23.63 -22.85 35.58
N THR A 447 -23.07 -23.35 34.49
CA THR A 447 -23.89 -23.64 33.29
C THR A 447 -25.08 -24.53 33.67
N PRO A 448 -26.28 -24.10 33.32
CA PRO A 448 -26.63 -22.94 32.51
C PRO A 448 -27.16 -21.71 33.28
N SER A 449 -27.26 -21.78 34.61
CA SER A 449 -27.65 -20.62 35.40
C SER A 449 -26.71 -19.42 35.26
N SER A 450 -25.43 -19.64 34.99
CA SER A 450 -24.43 -18.52 34.92
C SER A 450 -24.68 -17.67 33.70
N LYS A 451 -25.25 -18.30 32.68
CA LYS A 451 -25.55 -17.65 31.44
C LYS A 451 -26.73 -16.70 31.59
N VAL A 452 -27.71 -17.15 32.34
CA VAL A 452 -28.86 -16.34 32.67
C VAL A 452 -28.44 -15.06 33.38
N VAL A 453 -27.57 -15.24 34.36
CA VAL A 453 -27.11 -14.08 35.15
C VAL A 453 -26.25 -13.14 34.30
N GLY A 454 -25.47 -13.72 33.39
CA GLY A 454 -24.73 -12.97 32.39
C GLY A 454 -25.65 -12.18 31.52
N ASP A 455 -26.67 -12.81 30.95
CA ASP A 455 -27.63 -12.07 30.13
C ASP A 455 -28.28 -10.91 30.85
N MET A 456 -28.73 -11.12 32.09
CA MET A 456 -29.36 -10.04 32.88
CA MET A 456 -29.36 -10.04 32.85
C MET A 456 -28.37 -8.88 33.11
N ALA A 457 -27.13 -9.22 33.46
CA ALA A 457 -26.07 -8.22 33.73
C ALA A 457 -25.77 -7.35 32.51
N LEU A 458 -25.61 -7.99 31.38
CA LEU A 458 -25.38 -7.23 30.16
C LEU A 458 -26.53 -6.30 29.82
N MET A 459 -27.75 -6.76 30.03
CA MET A 459 -28.90 -5.93 29.72
C MET A 459 -28.94 -4.73 30.70
N MET A 460 -28.63 -4.98 31.96
CA MET A 460 -28.66 -3.90 32.96
C MET A 460 -27.65 -2.78 32.57
N VAL A 461 -26.48 -3.19 32.10
CA VAL A 461 -25.47 -2.19 31.77
C VAL A 461 -25.95 -1.53 30.44
N SER A 462 -26.35 -2.27 29.41
CA SER A 462 -26.76 -1.59 28.11
C SER A 462 -27.90 -0.64 28.23
N GLN A 463 -28.91 -1.02 28.96
CA GLN A 463 -30.09 -0.20 29.12
C GLN A 463 -29.99 0.65 30.37
N ASP A 464 -28.89 0.58 31.11
CA ASP A 464 -28.76 1.38 32.31
C ASP A 464 -29.79 1.15 33.38
N LEU A 465 -29.93 -0.06 33.85
CA LEU A 465 -31.00 -0.36 34.76
C LEU A 465 -30.37 -0.85 36.03
N THR A 466 -30.79 -0.25 37.13
CA THR A 466 -30.47 -0.76 38.46
C THR A 466 -31.45 -1.89 38.72
N VAL A 467 -31.18 -2.64 39.76
CA VAL A 467 -32.07 -3.68 40.22
C VAL A 467 -33.43 -3.11 40.55
N ALA A 468 -33.49 -1.94 41.21
CA ALA A 468 -34.77 -1.29 41.47
C ALA A 468 -35.51 -0.97 40.14
N ASP A 469 -34.78 -0.53 39.10
CA ASP A 469 -35.46 -0.27 37.78
C ASP A 469 -36.01 -1.63 37.23
N VAL A 470 -35.25 -2.69 37.43
CA VAL A 470 -35.58 -3.98 36.83
C VAL A 470 -36.92 -4.45 37.41
N VAL A 471 -37.14 -4.26 38.70
CA VAL A 471 -38.37 -4.70 39.31
C VAL A 471 -39.39 -3.65 39.52
N SER A 472 -39.10 -2.45 39.09
CA SER A 472 -40.02 -1.32 39.12
C SER A 472 -41.37 -1.59 38.47
N PRO A 473 -42.45 -1.08 39.07
CA PRO A 473 -43.69 -1.27 38.39
C PRO A 473 -43.89 -0.28 37.27
N ASP A 474 -43.11 0.78 37.16
CA ASP A 474 -43.35 1.76 36.08
C ASP A 474 -42.35 1.61 34.94
N ARG A 475 -41.50 0.63 34.97
CA ARG A 475 -40.44 0.57 34.00
C ARG A 475 -40.58 -0.71 33.15
N GLU A 476 -40.89 -0.55 31.89
CA GLU A 476 -40.99 -1.64 30.96
C GLU A 476 -39.63 -2.29 30.82
N VAL A 477 -39.59 -3.58 31.03
CA VAL A 477 -38.33 -4.29 30.83
C VAL A 477 -38.60 -5.49 29.94
N SER A 478 -37.77 -5.68 28.92
CA SER A 478 -37.96 -6.85 28.11
C SER A 478 -36.85 -7.80 28.53
N PHE A 479 -37.16 -8.68 29.50
CA PHE A 479 -36.22 -9.63 30.06
C PHE A 479 -35.66 -10.57 28.99
N PRO A 480 -34.38 -10.92 29.05
CA PRO A 480 -33.84 -11.92 28.13
C PRO A 480 -34.65 -13.21 28.20
N GLU A 481 -34.66 -13.99 27.15
CA GLU A 481 -35.45 -15.23 27.17
C GLU A 481 -34.91 -16.16 28.20
N SER A 482 -33.59 -16.23 28.39
CA SER A 482 -33.01 -17.13 29.36
C SER A 482 -33.53 -16.83 30.83
N VAL A 483 -33.84 -15.56 31.07
CA VAL A 483 -34.28 -15.15 32.39
C VAL A 483 -35.74 -15.52 32.57
N VAL A 484 -36.52 -15.22 31.57
CA VAL A 484 -37.95 -15.57 31.60
C VAL A 484 -38.04 -17.07 31.84
N SER A 485 -37.21 -17.83 31.12
CA SER A 485 -37.23 -19.27 31.18
C SER A 485 -36.83 -19.85 32.56
N MET A 486 -35.73 -19.34 33.17
CA MET A 486 -35.31 -19.76 34.47
C MET A 486 -36.38 -19.44 35.55
N LEU A 487 -37.03 -18.27 35.45
CA LEU A 487 -38.07 -17.84 36.41
C LEU A 487 -39.34 -18.65 36.24
N LYS A 488 -39.60 -19.07 35.00
CA LYS A 488 -40.68 -19.98 34.71
C LYS A 488 -40.51 -21.32 35.42
N GLY A 489 -39.27 -21.75 35.65
CA GLY A 489 -38.95 -23.07 36.24
C GLY A 489 -38.13 -23.98 35.35
N ASP A 490 -37.75 -23.59 34.15
CA ASP A 490 -36.99 -24.54 33.23
C ASP A 490 -35.61 -25.06 33.64
N LEU A 491 -34.95 -24.40 34.58
CA LEU A 491 -33.64 -24.85 35.07
C LEU A 491 -33.79 -25.48 36.40
N GLY A 492 -35.00 -25.51 36.92
CA GLY A 492 -35.23 -26.07 38.22
C GLY A 492 -35.50 -25.05 39.28
N GLN A 493 -35.46 -25.53 40.53
CA GLN A 493 -35.74 -24.74 41.72
C GLN A 493 -34.58 -24.55 42.63
N PRO A 494 -34.27 -23.30 43.01
CA PRO A 494 -33.38 -22.97 44.15
C PRO A 494 -34.15 -23.24 45.42
N PRO A 495 -33.44 -23.60 46.50
CA PRO A 495 -34.12 -23.92 47.81
C PRO A 495 -35.24 -22.93 48.30
N SER A 496 -35.07 -21.66 48.08
CA SER A 496 -36.14 -20.76 48.57
C SER A 496 -37.13 -20.35 47.48
N GLY A 497 -37.13 -21.06 46.35
CA GLY A 497 -37.92 -20.64 45.19
C GLY A 497 -37.38 -19.33 44.59
N TRP A 498 -38.03 -18.92 43.54
CA TRP A 498 -37.73 -17.70 42.88
C TRP A 498 -38.45 -16.45 43.51
N PRO A 499 -37.80 -15.26 43.50
CA PRO A 499 -38.47 -14.07 44.13
C PRO A 499 -39.71 -13.74 43.36
N GLU A 500 -40.83 -13.60 44.05
CA GLU A 500 -42.09 -13.55 43.38
C GLU A 500 -42.31 -12.30 42.55
N ALA A 501 -41.95 -11.14 43.10
CA ALA A 501 -42.28 -9.92 42.40
C ALA A 501 -41.56 -9.91 41.07
N LEU A 502 -40.27 -10.19 41.11
CA LEU A 502 -39.45 -10.32 39.88
C LEU A 502 -40.02 -11.35 38.88
N GLN A 503 -40.37 -12.51 39.37
CA GLN A 503 -40.96 -13.58 38.62
C GLN A 503 -42.25 -13.12 37.95
N LYS A 504 -43.14 -12.55 38.72
CA LYS A 504 -44.42 -12.11 38.21
C LYS A 504 -44.27 -11.08 37.11
N LYS A 505 -43.37 -10.13 37.30
CA LYS A 505 -43.12 -9.13 36.26
C LYS A 505 -42.50 -9.71 34.99
N ALA A 506 -41.50 -10.56 35.15
CA ALA A 506 -40.82 -11.15 34.00
C ALA A 506 -41.73 -12.09 33.18
N LEU A 507 -42.67 -12.77 33.79
CA LEU A 507 -43.42 -13.79 33.08
C LEU A 507 -44.65 -13.21 32.33
N LYS A 508 -45.13 -12.04 32.69
CA LYS A 508 -46.14 -11.40 31.87
C LYS A 508 -47.39 -12.26 31.79
N GLY A 509 -47.86 -12.77 32.92
CA GLY A 509 -49.11 -13.57 33.01
C GLY A 509 -48.92 -15.11 32.82
N GLU A 510 -47.84 -15.55 32.18
CA GLU A 510 -47.52 -16.97 32.13
C GLU A 510 -47.25 -17.56 33.56
N LYS A 511 -47.77 -18.75 33.77
CA LYS A 511 -47.68 -19.41 35.09
C LYS A 511 -46.40 -20.17 35.27
N PRO A 512 -45.70 -19.94 36.39
CA PRO A 512 -44.47 -20.67 36.59
C PRO A 512 -44.78 -22.04 37.15
N TYR A 513 -43.79 -22.97 37.14
CA TYR A 513 -43.99 -24.31 37.74
C TYR A 513 -42.77 -24.63 38.63
N THR A 514 -43.03 -25.46 39.63
CA THR A 514 -42.04 -25.90 40.55
C THR A 514 -41.71 -27.41 40.46
N VAL A 515 -42.42 -28.15 39.63
CA VAL A 515 -41.98 -29.53 39.39
C VAL A 515 -40.63 -29.54 38.58
N ARG A 516 -39.90 -30.64 38.70
CA ARG A 516 -38.69 -30.93 37.92
C ARG A 516 -39.04 -30.78 36.43
N PRO A 517 -38.20 -30.08 35.64
CA PRO A 517 -38.58 -29.78 34.26
C PRO A 517 -38.76 -31.01 33.41
N GLY A 518 -37.94 -32.01 33.65
CA GLY A 518 -37.97 -33.25 32.90
C GLY A 518 -39.30 -33.92 33.02
N SER A 519 -39.95 -33.75 34.18
CA SER A 519 -41.23 -34.39 34.41
C SER A 519 -42.32 -33.88 33.47
N LEU A 520 -42.04 -32.79 32.79
CA LEU A 520 -43.01 -32.20 31.89
C LEU A 520 -42.72 -32.49 30.44
N LEU A 521 -41.56 -33.05 30.14
CA LEU A 521 -41.13 -33.22 28.75
C LEU A 521 -41.58 -34.50 28.18
N LYS A 522 -41.97 -34.45 26.93
CA LYS A 522 -42.29 -35.63 26.19
C LYS A 522 -41.11 -36.59 26.09
N GLU A 523 -41.33 -37.85 26.42
CA GLU A 523 -40.38 -38.88 26.16
C GLU A 523 -40.02 -38.86 24.66
N ALA A 524 -38.75 -38.92 24.30
CA ALA A 524 -38.41 -38.88 22.88
C ALA A 524 -38.78 -40.18 22.23
N ASP A 525 -39.31 -40.13 21.03
CA ASP A 525 -39.57 -41.36 20.31
C ASP A 525 -38.25 -41.71 19.57
N LEU A 526 -37.44 -42.58 20.18
CA LEU A 526 -36.06 -42.72 19.75
C LEU A 526 -35.98 -43.32 18.38
N ASP A 527 -36.91 -44.22 18.08
CA ASP A 527 -36.90 -44.90 16.79
C ASP A 527 -37.30 -44.00 15.64
N ALA A 528 -38.28 -43.15 15.86
CA ALA A 528 -38.63 -42.11 14.92
C ALA A 528 -37.48 -41.12 14.67
N GLU A 529 -36.92 -40.63 15.74
CA GLU A 529 -35.78 -39.74 15.62
C GLU A 529 -34.50 -40.29 14.99
N ARG A 530 -34.16 -41.56 15.26
CA ARG A 530 -33.10 -42.19 14.54
C ARG A 530 -33.43 -42.10 13.03
N LYS A 531 -34.68 -42.44 12.65
CA LYS A 531 -35.04 -42.40 11.25
C LYS A 531 -34.93 -41.00 10.66
N VAL A 532 -35.37 -39.98 11.38
CA VAL A 532 -35.12 -38.63 10.89
C VAL A 532 -33.65 -38.36 10.50
N ILE A 533 -32.70 -38.57 11.45
CA ILE A 533 -31.31 -38.23 11.14
C ILE A 533 -30.77 -39.13 10.02
N GLU A 534 -31.10 -40.43 10.03
CA GLU A 534 -30.65 -41.36 9.00
C GLU A 534 -31.19 -41.00 7.58
N LYS A 535 -32.38 -40.44 7.53
CA LYS A 535 -32.97 -40.01 6.25
C LYS A 535 -32.27 -38.69 5.82
N LYS A 536 -32.10 -37.76 6.76
CA LYS A 536 -31.41 -36.52 6.38
C LYS A 536 -30.04 -36.83 5.81
N LEU A 537 -29.29 -37.78 6.39
CA LEU A 537 -27.93 -38.04 5.94
C LEU A 537 -27.82 -39.10 4.95
N GLU A 538 -28.96 -39.68 4.54
CA GLU A 538 -28.98 -40.78 3.59
C GLU A 538 -28.10 -41.99 3.95
N ARG A 539 -28.00 -42.29 5.23
CA ARG A 539 -27.28 -43.47 5.68
C ARG A 539 -27.64 -43.79 7.15
N GLU A 540 -27.13 -44.92 7.65
CA GLU A 540 -27.29 -45.32 9.02
C GLU A 540 -26.25 -44.56 9.80
N VAL A 541 -26.58 -44.31 11.08
CA VAL A 541 -25.64 -43.70 12.00
C VAL A 541 -25.39 -44.70 13.12
N SER A 542 -24.28 -44.54 13.80
CA SER A 542 -23.97 -45.41 14.89
C SER A 542 -24.75 -44.84 16.09
N ASP A 543 -24.75 -45.61 17.15
CA ASP A 543 -25.39 -45.22 18.37
C ASP A 543 -24.75 -43.99 18.98
N PHE A 544 -23.47 -43.85 18.81
CA PHE A 544 -22.76 -42.62 19.30
C PHE A 544 -23.24 -41.37 18.56
N GLU A 545 -23.18 -41.47 17.23
CA GLU A 545 -23.76 -40.49 16.38
C GLU A 545 -25.18 -40.10 16.77
N PHE A 546 -26.01 -41.07 17.03
CA PHE A 546 -27.39 -40.76 17.39
C PHE A 546 -27.47 -40.04 18.69
N ALA A 547 -26.67 -40.46 19.66
CA ALA A 547 -26.52 -39.65 20.89
C ALA A 547 -26.08 -38.19 20.70
N SER A 548 -25.14 -37.98 19.80
CA SER A 548 -24.72 -36.59 19.39
C SER A 548 -25.89 -35.83 18.82
N TYR A 549 -26.60 -36.49 17.91
CA TYR A 549 -27.79 -35.94 17.32
C TYR A 549 -28.79 -35.56 18.40
N LEU A 550 -29.06 -36.45 19.33
CA LEU A 550 -30.03 -36.11 20.40
C LEU A 550 -29.63 -34.92 21.20
N MET A 551 -28.35 -34.81 21.51
CA MET A 551 -27.89 -33.69 22.29
C MET A 551 -27.83 -32.36 21.49
N TYR A 552 -27.46 -32.48 20.22
CA TYR A 552 -27.13 -31.34 19.33
C TYR A 552 -27.61 -31.68 17.93
N PRO A 553 -28.90 -31.63 17.66
CA PRO A 553 -29.40 -32.02 16.31
C PRO A 553 -28.90 -31.24 15.09
N LYS A 554 -28.83 -29.91 15.22
CA LYS A 554 -28.35 -29.05 14.11
C LYS A 554 -26.81 -29.12 14.01
N VAL A 555 -26.15 -29.00 15.13
CA VAL A 555 -24.72 -29.01 15.17
C VAL A 555 -24.21 -30.36 14.68
N PHE A 556 -24.76 -31.47 15.18
CA PHE A 556 -24.34 -32.77 14.66
C PHE A 556 -24.63 -32.86 13.17
N THR A 557 -25.81 -32.42 12.74
CA THR A 557 -26.10 -32.50 11.30
C THR A 557 -25.07 -31.71 10.41
N ASP A 558 -24.81 -30.46 10.77
CA ASP A 558 -23.82 -29.58 10.08
C ASP A 558 -22.47 -30.28 10.11
N PHE A 559 -22.12 -30.86 11.26
CA PHE A 559 -20.86 -31.60 11.37
C PHE A 559 -20.81 -32.78 10.45
N ALA A 560 -21.87 -33.56 10.40
CA ALA A 560 -21.84 -34.75 9.50
C ALA A 560 -21.67 -34.33 8.06
N LEU A 561 -22.33 -33.24 7.70
CA LEU A 561 -22.24 -32.72 6.31
C LEU A 561 -20.83 -32.15 6.01
N ALA A 562 -20.22 -31.42 6.96
CA ALA A 562 -18.81 -31.01 6.82
C ALA A 562 -17.84 -32.20 6.73
N SER A 563 -18.05 -33.24 7.54
CA SER A 563 -17.26 -34.48 7.39
C SER A 563 -17.30 -35.04 6.07
N ASP A 564 -18.50 -35.09 5.52
CA ASP A 564 -18.72 -35.54 4.14
C ASP A 564 -17.96 -34.77 3.04
N THR A 565 -17.90 -33.45 3.14
CA THR A 565 -17.24 -32.64 2.10
C THR A 565 -15.74 -32.77 2.37
N TYR A 566 -15.36 -32.61 3.65
CA TYR A 566 -13.94 -32.41 3.99
C TYR A 566 -13.13 -33.59 4.47
N GLY A 567 -13.76 -34.71 4.79
CA GLY A 567 -13.02 -35.88 5.29
C GLY A 567 -12.58 -35.70 6.74
N PRO A 568 -11.63 -36.52 7.19
CA PRO A 568 -11.14 -36.65 8.57
C PRO A 568 -10.08 -35.62 8.92
N VAL A 569 -10.48 -34.36 8.95
CA VAL A 569 -9.62 -33.24 9.16
C VAL A 569 -8.97 -33.29 10.53
N SER A 570 -9.56 -34.01 11.49
CA SER A 570 -8.95 -34.12 12.82
C SER A 570 -7.58 -34.77 12.76
N VAL A 571 -7.28 -35.50 11.69
CA VAL A 571 -5.94 -36.05 11.49
C VAL A 571 -4.89 -35.02 11.08
N LEU A 572 -5.26 -33.81 10.71
CA LEU A 572 -4.28 -32.75 10.38
C LEU A 572 -3.61 -32.12 11.61
N PRO A 573 -2.32 -31.76 11.50
CA PRO A 573 -1.74 -31.01 12.61
C PRO A 573 -2.43 -29.67 12.74
N THR A 574 -2.35 -29.07 13.89
CA THR A 574 -3.07 -27.86 14.18
C THR A 574 -2.72 -26.69 13.26
N PRO A 575 -1.44 -26.46 12.89
CA PRO A 575 -1.20 -25.29 12.02
C PRO A 575 -1.85 -25.46 10.66
N ALA A 576 -1.74 -26.63 10.09
CA ALA A 576 -2.41 -26.92 8.81
C ALA A 576 -3.94 -26.76 8.92
N TYR A 577 -4.50 -27.19 10.04
CA TYR A 577 -5.95 -27.15 10.23
C TYR A 577 -6.43 -25.69 10.23
N PHE A 578 -5.71 -24.82 10.96
CA PHE A 578 -6.12 -23.38 11.05
C PHE A 578 -5.64 -22.48 9.93
N TYR A 579 -4.55 -22.83 9.27
CA TYR A 579 -3.91 -21.90 8.30
C TYR A 579 -3.60 -22.53 6.98
N GLY A 580 -3.84 -23.82 6.78
CA GLY A 580 -3.50 -24.39 5.47
C GLY A 580 -2.02 -24.46 5.26
N LEU A 581 -1.59 -24.39 4.05
CA LEU A 581 -0.19 -24.49 3.71
C LEU A 581 0.28 -23.22 3.03
N ALA A 582 1.45 -22.78 3.42
CA ALA A 582 2.09 -21.68 2.76
C ALA A 582 2.64 -22.12 1.40
N ASP A 583 2.94 -21.17 0.55
CA ASP A 583 3.45 -21.44 -0.77
C ASP A 583 4.71 -22.26 -0.69
N GLY A 584 4.81 -23.28 -1.52
CA GLY A 584 5.93 -24.24 -1.45
C GLY A 584 6.00 -25.14 -0.21
N GLU A 585 5.06 -25.04 0.71
CA GLU A 585 5.18 -25.80 1.94
C GLU A 585 4.89 -27.31 1.71
N GLU A 586 5.68 -28.16 2.42
CA GLU A 586 5.48 -29.63 2.49
C GLU A 586 4.89 -30.07 3.83
N LEU A 587 3.83 -30.86 3.81
CA LEU A 587 3.16 -31.32 4.98
C LEU A 587 3.02 -32.88 4.93
N PHE A 588 3.12 -33.50 6.11
CA PHE A 588 2.96 -34.94 6.32
C PHE A 588 1.68 -35.18 7.01
N ALA A 589 0.80 -35.97 6.45
CA ALA A 589 -0.49 -36.26 7.12
C ALA A 589 -0.89 -37.70 7.02
N ASP A 590 -1.25 -38.25 8.15
CA ASP A 590 -1.58 -39.66 8.32
C ASP A 590 -3.06 -39.84 8.26
N ILE A 591 -3.60 -40.22 7.11
CA ILE A 591 -5.03 -40.54 7.09
C ILE A 591 -5.32 -41.91 7.81
N GLU A 592 -4.90 -43.04 7.22
CA GLU A 592 -5.04 -44.38 7.84
C GLU A 592 -3.97 -44.57 8.91
N LYS A 595 -0.91 -45.28 6.41
CA LYS A 595 -0.65 -44.54 5.17
C LYS A 595 -0.40 -43.05 5.49
N THR A 596 0.78 -42.57 5.11
CA THR A 596 1.17 -41.15 5.31
C THR A 596 1.28 -40.29 4.02
N LEU A 597 0.28 -39.41 3.82
CA LEU A 597 0.24 -38.46 2.71
C LEU A 597 1.35 -37.36 2.88
N VAL A 598 2.08 -37.12 1.79
CA VAL A 598 3.02 -35.99 1.67
C VAL A 598 2.48 -34.95 0.69
N ILE A 599 2.15 -33.75 1.20
CA ILE A 599 1.37 -32.77 0.45
C ILE A 599 2.20 -31.51 0.27
N VAL A 600 2.34 -31.04 -0.96
CA VAL A 600 3.12 -29.84 -1.27
C VAL A 600 2.21 -28.86 -2.01
N ASN A 601 2.07 -27.67 -1.43
CA ASN A 601 1.42 -26.57 -2.09
C ASN A 601 2.35 -25.99 -3.11
N GLN A 602 2.11 -26.30 -4.37
CA GLN A 602 3.04 -25.82 -5.39
C GLN A 602 2.71 -24.45 -6.02
N ALA A 603 1.44 -24.06 -6.04
CA ALA A 603 0.94 -22.84 -6.73
C ALA A 603 -0.56 -22.74 -6.50
N VAL A 604 -1.06 -21.50 -6.54
CA VAL A 604 -2.45 -21.18 -6.31
C VAL A 604 -2.87 -20.30 -7.47
N SER A 605 -3.90 -20.65 -8.23
CA SER A 605 -4.27 -19.84 -9.39
C SER A 605 -4.91 -18.49 -8.93
N ALA A 606 -5.06 -17.55 -9.86
CA ALA A 606 -5.97 -16.43 -9.65
C ALA A 606 -7.38 -17.00 -9.59
N THR A 607 -8.29 -16.18 -9.08
CA THR A 607 -9.70 -16.46 -9.11
C THR A 607 -10.22 -16.43 -10.53
N ASP A 608 -10.95 -17.47 -10.96
CA ASP A 608 -11.47 -17.54 -12.36
C ASP A 608 -12.88 -16.90 -12.49
N SER A 609 -13.44 -16.91 -13.71
CA SER A 609 -14.75 -16.31 -14.01
C SER A 609 -15.90 -17.00 -13.30
N GLN A 610 -15.74 -18.27 -12.92
CA GLN A 610 -16.69 -18.97 -12.06
C GLN A 610 -16.54 -18.69 -10.58
N GLY A 611 -15.62 -17.79 -10.21
CA GLY A 611 -15.37 -17.48 -8.81
C GLY A 611 -14.56 -18.51 -8.02
N MET A 612 -13.86 -19.39 -8.73
CA MET A 612 -13.14 -20.55 -8.18
C MET A 612 -11.63 -20.28 -8.25
N VAL A 613 -10.90 -20.83 -7.29
CA VAL A 613 -9.46 -20.79 -7.27
C VAL A 613 -8.99 -22.23 -7.29
N THR A 614 -7.94 -22.46 -8.09
CA THR A 614 -7.31 -23.78 -8.19
C THR A 614 -5.99 -23.89 -7.40
N VAL A 615 -5.93 -24.78 -6.41
CA VAL A 615 -4.67 -25.13 -5.78
C VAL A 615 -3.99 -26.34 -6.41
N PHE A 616 -2.74 -26.14 -6.86
CA PHE A 616 -1.88 -27.16 -7.41
C PHE A 616 -1.04 -27.87 -6.32
N PHE A 617 -1.51 -29.04 -5.93
CA PHE A 617 -0.85 -29.81 -4.94
C PHE A 617 0.00 -30.88 -5.62
N GLU A 618 1.10 -31.26 -4.99
CA GLU A 618 1.67 -32.58 -5.24
C GLU A 618 1.30 -33.48 -4.03
N LEU A 619 0.69 -34.64 -4.30
CA LEU A 619 0.34 -35.66 -3.29
C LEU A 619 1.18 -36.91 -3.61
N ASN A 620 2.16 -37.17 -2.77
CA ASN A 620 3.14 -38.22 -3.00
C ASN A 620 3.80 -38.23 -4.37
N GLY A 621 4.34 -37.06 -4.73
CA GLY A 621 4.96 -36.87 -6.03
C GLY A 621 4.00 -36.87 -7.21
N GLN A 622 2.69 -36.85 -7.00
CA GLN A 622 1.69 -36.90 -8.05
C GLN A 622 0.85 -35.61 -8.06
N PRO A 623 0.54 -35.09 -9.27
CA PRO A 623 -0.24 -33.86 -9.38
C PRO A 623 -1.72 -33.96 -9.04
N ARG A 624 -2.21 -33.03 -8.23
CA ARG A 624 -3.61 -32.90 -7.92
C ARG A 624 -3.98 -31.39 -7.96
N ARG A 625 -5.08 -31.09 -8.60
CA ARG A 625 -5.50 -29.74 -8.78
C ARG A 625 -6.84 -29.68 -8.13
N ILE A 626 -7.04 -28.77 -7.21
CA ILE A 626 -8.27 -28.75 -6.43
C ILE A 626 -8.86 -27.34 -6.48
N LYS A 627 -10.13 -27.27 -6.83
CA LYS A 627 -10.81 -26.05 -7.00
C LYS A 627 -11.62 -25.87 -5.78
N VAL A 628 -11.55 -24.68 -5.22
CA VAL A 628 -12.41 -24.30 -4.15
C VAL A 628 -12.89 -22.88 -4.49
N PRO A 629 -13.97 -22.43 -3.89
CA PRO A 629 -14.46 -21.08 -4.13
C PRO A 629 -13.60 -20.01 -3.46
N ASP A 630 -13.54 -18.85 -4.11
CA ASP A 630 -12.99 -17.66 -3.46
C ASP A 630 -14.06 -16.98 -2.60
N ARG A 631 -14.02 -17.18 -1.31
CA ARG A 631 -15.07 -16.71 -0.44
C ARG A 631 -14.89 -15.27 0.02
N ALA A 632 -13.87 -14.55 -0.45
CA ALA A 632 -13.77 -13.12 -0.16
C ALA A 632 -14.99 -12.52 -0.85
N ASP B 36 9.27 28.54 27.53
CA ASP B 36 10.60 27.87 27.41
C ASP B 36 10.77 26.49 28.10
N ARG B 37 10.46 26.35 29.39
CA ARG B 37 10.43 24.99 29.97
C ARG B 37 9.46 24.19 29.06
N ALA B 38 8.37 24.87 28.70
CA ALA B 38 7.36 24.40 27.81
C ALA B 38 7.93 24.17 26.40
N THR B 39 8.65 25.16 25.89
CA THR B 39 9.29 25.04 24.60
C THR B 39 10.09 23.74 24.55
N LYS B 40 10.82 23.43 25.62
CA LYS B 40 11.52 22.15 25.71
C LYS B 40 10.56 20.95 25.57
N LEU B 41 9.48 20.99 26.34
CA LEU B 41 8.46 19.96 26.25
C LEU B 41 7.90 19.76 24.86
N LEU B 42 7.56 20.85 24.22
CA LEU B 42 7.05 20.78 22.85
C LEU B 42 8.01 20.12 21.86
N THR B 43 9.31 20.28 22.11
CA THR B 43 10.27 19.69 21.18
C THR B 43 10.37 18.22 21.40
N TYR B 44 10.27 17.83 22.66
CA TYR B 44 10.16 16.41 22.98
C TYR B 44 8.96 15.84 22.26
N LEU B 45 7.79 16.42 22.55
CA LEU B 45 6.53 15.91 22.00
C LEU B 45 6.60 15.81 20.51
N ALA B 46 7.04 16.88 19.85
CA ALA B 46 7.23 16.87 18.40
C ALA B 46 8.14 15.70 17.96
N ASP B 47 9.26 15.52 18.65
CA ASP B 47 10.27 14.52 18.28
C ASP B 47 9.71 13.09 18.27
N VAL B 48 9.13 12.72 19.39
CA VAL B 48 8.54 11.41 19.54
C VAL B 48 7.27 11.26 18.65
N THR B 49 6.51 12.34 18.42
CA THR B 49 5.36 12.30 17.51
C THR B 49 5.82 11.95 16.12
N VAL B 50 6.92 12.55 15.69
CA VAL B 50 7.43 12.35 14.36
C VAL B 50 8.18 11.03 14.30
N ASN B 51 9.06 10.80 15.28
CA ASN B 51 10.02 9.71 15.20
C ASN B 51 9.68 8.46 16.01
N GLY B 52 8.80 8.58 16.99
CA GLY B 52 8.50 7.45 17.88
C GLY B 52 9.52 7.36 19.01
N HIS B 53 9.28 6.42 19.91
CA HIS B 53 10.18 6.20 21.04
C HIS B 53 11.06 4.97 20.81
N PRO B 54 12.36 5.07 21.08
CA PRO B 54 13.26 3.94 20.90
C PRO B 54 12.86 2.71 21.67
N GLU B 55 12.29 2.90 22.84
CA GLU B 55 11.82 1.81 23.65
C GLU B 55 10.46 1.23 23.17
N ALA B 56 9.76 1.92 22.28
CA ALA B 56 8.40 1.50 21.97
C ALA B 56 8.09 1.33 20.51
N LYS B 57 8.94 1.82 19.62
CA LYS B 57 8.62 1.90 18.18
C LYS B 57 8.31 0.54 17.53
N ASP B 58 9.03 -0.52 17.89
CA ASP B 58 8.83 -1.84 17.20
C ASP B 58 8.39 -2.93 18.20
N ARG B 59 7.59 -2.52 19.19
CA ARG B 59 7.04 -3.43 20.16
C ARG B 59 5.50 -3.33 20.15
N PRO B 60 4.82 -4.27 20.79
CA PRO B 60 3.34 -4.15 20.79
C PRO B 60 2.79 -2.81 21.38
N LYS B 61 1.63 -2.41 20.87
CA LYS B 61 1.01 -1.14 21.10
C LYS B 61 -0.24 -1.36 21.95
N PRO B 62 -0.69 -0.34 22.63
CA PRO B 62 -1.84 -0.47 23.50
C PRO B 62 -3.13 -0.52 22.72
N LEU B 63 -4.21 -0.98 23.32
CA LEU B 63 -5.45 -1.06 22.58
C LEU B 63 -5.85 0.32 22.16
N GLU B 64 -6.14 0.50 20.89
CA GLU B 64 -6.26 1.82 20.30
C GLU B 64 -7.42 2.47 21.01
N ASN B 65 -8.23 1.62 21.61
CA ASN B 65 -9.27 2.08 22.54
C ASN B 65 -8.72 3.02 23.63
N ARG B 68 -7.97 5.12 29.38
CA ARG B 68 -8.06 6.14 30.42
C ARG B 68 -7.92 5.54 31.89
N PRO B 69 -6.76 5.79 32.54
CA PRO B 69 -6.76 5.51 33.97
C PRO B 69 -7.40 6.72 34.62
N VAL B 70 -8.40 6.50 35.46
CA VAL B 70 -8.97 7.63 36.17
C VAL B 70 -8.58 7.47 37.64
N VAL B 71 -8.15 8.55 38.26
CA VAL B 71 -7.90 8.57 39.69
C VAL B 71 -9.26 8.48 40.38
N PRO B 72 -9.44 7.58 41.33
CA PRO B 72 -10.70 7.45 42.03
C PRO B 72 -11.13 8.70 42.71
N TYR B 73 -12.43 8.99 42.78
CA TYR B 73 -12.91 10.14 43.58
C TYR B 73 -12.76 9.61 44.99
N ALA B 74 -12.03 10.29 45.84
CA ALA B 74 -12.03 9.89 47.23
C ALA B 74 -13.02 10.79 47.96
N ASN B 75 -13.39 10.42 49.17
CA ASN B 75 -14.50 11.07 49.85
C ASN B 75 -14.30 12.56 50.00
N GLY B 76 -13.10 12.99 50.34
CA GLY B 76 -12.81 14.41 50.53
C GLY B 76 -12.26 14.60 51.95
N ASN B 77 -12.31 13.53 52.75
CA ASN B 77 -11.71 13.50 54.12
C ASN B 77 -10.23 14.02 54.14
N GLY B 78 -9.78 14.66 55.23
CA GLY B 78 -8.31 14.79 55.54
C GLY B 78 -7.76 13.37 55.68
N VAL B 79 -6.47 13.16 55.51
CA VAL B 79 -5.98 11.79 55.72
C VAL B 79 -5.84 11.38 57.20
N LYS B 80 -6.13 10.14 57.47
CA LYS B 80 -5.91 9.55 58.78
C LYS B 80 -4.45 9.27 59.04
N ASP B 81 -3.97 9.59 60.26
CA ASP B 81 -2.63 9.23 60.64
C ASP B 81 -2.40 7.73 60.45
N GLY B 82 -1.18 7.35 60.06
CA GLY B 82 -0.79 5.92 60.00
C GLY B 82 0.59 5.64 60.54
N THR B 83 1.22 4.66 59.92
CA THR B 83 2.49 4.16 60.34
C THR B 83 3.59 5.23 60.33
N LYS B 84 3.44 6.26 59.51
CA LYS B 84 4.46 7.30 59.46
C LYS B 84 4.43 8.14 60.72
N GLN B 85 3.25 8.51 61.17
CA GLN B 85 3.11 9.28 62.37
C GLN B 85 3.56 8.46 63.58
N LEU B 86 3.31 7.17 63.53
CA LEU B 86 3.66 6.22 64.63
C LEU B 86 5.18 6.02 64.71
N LEU B 87 5.80 5.77 63.57
CA LEU B 87 7.28 5.83 63.52
C LEU B 87 7.84 7.13 64.07
N ASP B 88 7.35 8.31 63.62
CA ASP B 88 7.84 9.57 64.16
C ASP B 88 7.67 9.64 65.69
N THR B 89 6.59 9.04 66.22
CA THR B 89 6.34 9.10 67.66
C THR B 89 7.25 8.11 68.39
N LEU B 90 7.47 6.92 67.83
CA LEU B 90 8.13 5.84 68.55
C LEU B 90 9.66 5.71 68.31
N GLY B 91 10.09 6.15 67.10
CA GLY B 91 11.42 5.87 66.59
C GLY B 91 11.48 4.41 66.17
N PRO B 92 12.54 4.06 65.40
CA PRO B 92 12.53 2.77 64.69
C PRO B 92 12.56 1.58 65.63
N LYS B 93 13.30 1.65 66.69
CA LYS B 93 13.39 0.46 67.52
C LYS B 93 12.03 0.15 68.15
N LYS B 94 11.37 1.14 68.74
CA LYS B 94 10.08 0.88 69.40
C LYS B 94 9.01 0.57 68.38
N PHE B 95 9.19 1.07 67.15
CA PHE B 95 8.28 0.79 66.06
C PHE B 95 8.32 -0.66 65.66
N GLY B 96 9.52 -1.21 65.52
CA GLY B 96 9.64 -2.65 65.33
C GLY B 96 8.99 -3.45 66.44
N GLU B 97 9.06 -2.98 67.69
CA GLU B 97 8.42 -3.68 68.81
C GLU B 97 6.91 -3.64 68.69
N TRP B 98 6.41 -2.54 68.16
CA TRP B 98 5.02 -2.40 67.95
C TRP B 98 4.53 -3.38 66.90
N MET B 99 5.30 -3.55 65.84
CA MET B 99 4.92 -4.47 64.78
C MET B 99 4.83 -5.89 65.36
N ARG B 100 5.86 -6.23 66.14
CA ARG B 100 5.93 -7.59 66.75
C ARG B 100 4.60 -7.80 67.49
N ASN B 101 4.29 -6.87 68.39
CA ASN B 101 3.13 -6.98 69.29
C ASN B 101 1.82 -6.93 68.54
N GLU B 102 1.83 -6.42 67.35
CA GLU B 102 0.61 -6.25 66.62
C GLU B 102 0.10 -7.64 66.21
N LYS B 103 -1.21 -7.82 66.40
CA LYS B 103 -1.95 -9.05 66.15
C LYS B 103 -2.30 -9.15 64.67
N ARG B 104 -2.94 -8.10 64.12
CA ARG B 104 -3.22 -8.04 62.68
C ARG B 104 -1.95 -8.20 61.89
N VAL B 105 -2.01 -8.92 60.77
CA VAL B 105 -0.86 -8.94 59.89
C VAL B 105 -0.81 -7.58 59.21
N LEU B 106 0.40 -7.08 59.06
CA LEU B 106 0.66 -5.81 58.42
C LEU B 106 1.06 -6.05 56.97
N LEU B 107 0.69 -5.13 56.08
CA LEU B 107 0.82 -5.36 54.64
C LEU B 107 1.63 -4.27 53.98
N THR B 108 2.62 -4.68 53.18
CA THR B 108 3.35 -3.79 52.36
C THR B 108 2.89 -4.03 50.90
N ASP B 109 2.58 -2.96 50.20
CA ASP B 109 2.12 -3.00 48.80
C ASP B 109 3.37 -2.71 47.96
N THR B 110 3.68 -3.59 47.01
CA THR B 110 4.95 -3.56 46.25
C THR B 110 4.70 -3.12 44.84
N THR B 111 3.44 -2.77 44.53
CA THR B 111 3.06 -2.34 43.16
C THR B 111 3.95 -1.26 42.54
N MET B 112 4.37 -0.31 43.34
CA MET B 112 5.15 0.82 42.86
C MET B 112 6.63 0.50 42.60
N ARG B 113 7.06 -0.69 43.02
CA ARG B 113 8.45 -1.08 42.78
C ARG B 113 8.54 -2.51 42.22
N ASP B 114 8.48 -3.58 43.04
CA ASP B 114 8.77 -4.97 42.53
C ASP B 114 7.75 -5.36 41.48
N GLY B 115 6.53 -4.85 41.63
CA GLY B 115 5.44 -5.27 40.80
C GLY B 115 5.72 -5.00 39.33
N HIS B 116 6.01 -3.75 39.00
CA HIS B 116 6.33 -3.42 37.59
C HIS B 116 7.76 -3.80 37.20
N GLN B 117 8.62 -3.84 38.19
CA GLN B 117 9.97 -4.29 37.95
C GLN B 117 9.92 -5.71 37.47
N SER B 118 9.10 -6.52 38.10
CA SER B 118 8.93 -7.90 37.75
C SER B 118 8.16 -8.12 36.46
N LEU B 119 7.24 -7.23 36.05
CA LEU B 119 6.31 -7.60 34.90
C LEU B 119 6.46 -6.70 33.70
N LEU B 120 7.07 -5.54 33.91
CA LEU B 120 7.10 -4.51 32.91
C LEU B 120 8.52 -3.85 32.76
N ALA B 121 9.56 -4.62 33.07
CA ALA B 121 10.95 -4.18 32.96
C ALA B 121 11.24 -2.90 33.74
N THR B 122 10.48 -2.69 34.81
CA THR B 122 10.66 -1.52 35.64
C THR B 122 10.32 -0.25 34.88
N ARG B 123 9.49 -0.34 33.84
CA ARG B 123 9.29 0.85 33.01
C ARG B 123 8.20 1.83 33.50
N MET B 124 7.58 1.54 34.63
CA MET B 124 6.46 2.35 35.12
C MET B 124 6.89 3.76 35.51
N ARG B 125 6.08 4.73 35.07
CA ARG B 125 6.42 6.13 35.18
C ARG B 125 5.87 6.86 36.41
N THR B 126 6.65 7.83 36.81
CA THR B 126 6.33 8.72 37.88
C THR B 126 4.92 9.31 37.71
N TYR B 127 4.53 9.66 36.50
CA TYR B 127 3.18 10.19 36.32
C TYR B 127 2.08 9.23 36.84
N ASP B 128 2.23 7.95 36.55
CA ASP B 128 1.24 6.98 36.98
C ASP B 128 1.36 6.59 38.49
N ILE B 129 2.58 6.61 39.01
CA ILE B 129 2.87 6.26 40.41
C ILE B 129 2.43 7.36 41.34
N ALA B 130 2.76 8.59 41.01
CA ALA B 130 2.40 9.71 41.82
C ALA B 130 0.93 10.01 41.90
N ARG B 131 0.26 9.86 40.76
CA ARG B 131 -1.12 10.25 40.65
C ARG B 131 -2.05 9.45 41.55
N ILE B 132 -1.58 8.28 41.97
CA ILE B 132 -2.37 7.36 42.82
C ILE B 132 -1.93 7.36 44.26
N ALA B 133 -0.84 8.06 44.59
CA ALA B 133 -0.40 8.08 45.99
C ALA B 133 -1.46 8.61 46.95
N GLY B 134 -2.13 9.70 46.58
CA GLY B 134 -3.17 10.29 47.40
C GLY B 134 -4.30 9.33 47.70
N THR B 135 -4.64 8.49 46.72
CA THR B 135 -5.73 7.55 46.87
C THR B 135 -5.34 6.49 47.91
N TYR B 136 -4.10 5.98 47.84
CA TYR B 136 -3.66 5.02 48.86
C TYR B 136 -3.79 5.65 50.27
N SER B 137 -3.34 6.89 50.37
CA SER B 137 -3.26 7.66 51.61
C SER B 137 -4.62 7.83 52.27
N HIS B 138 -5.60 8.20 51.46
CA HIS B 138 -6.98 8.35 51.83
C HIS B 138 -7.72 7.01 51.99
N ALA B 139 -7.50 6.04 51.11
CA ALA B 139 -8.33 4.79 51.13
C ALA B 139 -7.78 3.62 51.91
N LEU B 140 -6.45 3.52 52.03
CA LEU B 140 -5.84 2.40 52.74
C LEU B 140 -4.84 2.91 53.77
N PRO B 141 -5.35 3.68 54.72
CA PRO B 141 -4.45 4.28 55.63
C PRO B 141 -3.84 3.33 56.68
N ASN B 142 -4.27 2.07 56.73
CA ASN B 142 -3.66 1.05 57.58
C ASN B 142 -2.49 0.31 57.05
N LEU B 143 -2.15 0.53 55.82
CA LEU B 143 -1.02 -0.21 55.26
C LEU B 143 0.22 0.09 56.03
N LEU B 144 1.11 -0.90 56.16
CA LEU B 144 2.41 -0.65 56.77
C LEU B 144 3.23 0.33 55.92
N SER B 145 3.42 -0.03 54.63
CA SER B 145 4.28 0.72 53.75
C SER B 145 3.95 0.53 52.31
N LEU B 146 4.42 1.45 51.49
CA LEU B 146 4.44 1.34 50.06
C LEU B 146 5.87 1.10 49.66
N GLU B 147 6.15 -0.05 49.08
CA GLU B 147 7.47 -0.29 48.54
C GLU B 147 7.45 0.46 47.22
N CYS B 148 8.26 1.52 47.15
CA CYS B 148 8.13 2.43 46.03
C CYS B 148 9.42 2.95 45.47
N TRP B 149 10.54 2.36 45.87
CA TRP B 149 11.82 2.97 45.57
C TRP B 149 12.96 1.98 45.70
N GLY B 150 14.08 2.32 45.11
CA GLY B 150 15.20 1.39 45.11
C GLY B 150 14.98 0.32 44.08
N GLY B 151 15.65 -0.80 44.27
CA GLY B 151 15.66 -1.85 43.27
C GLY B 151 16.16 -1.26 41.98
N ALA B 152 15.60 -1.73 40.88
CA ALA B 152 16.01 -1.25 39.56
C ALA B 152 15.44 0.10 39.21
N THR B 153 14.53 0.65 40.00
CA THR B 153 13.86 1.88 39.61
C THR B 153 14.84 3.05 39.49
N PHE B 154 15.91 3.04 40.28
CA PHE B 154 16.78 4.20 40.34
C PHE B 154 17.46 4.38 38.98
N ASP B 155 18.12 3.31 38.54
CA ASP B 155 18.78 3.20 37.22
C ASP B 155 17.81 3.46 36.10
N VAL B 156 16.72 2.71 36.12
CA VAL B 156 15.83 2.67 34.95
C VAL B 156 15.09 3.99 34.80
N SER B 157 14.79 4.66 35.91
CA SER B 157 14.07 5.92 35.80
C SER B 157 14.84 6.89 34.93
N MET B 158 16.14 6.90 35.12
CA MET B 158 16.92 7.90 34.49
C MET B 158 17.31 7.46 33.09
N ARG B 159 17.86 6.26 33.00
CA ARG B 159 18.40 5.71 31.76
C ARG B 159 17.30 5.50 30.72
N PHE B 160 16.15 4.94 31.08
CA PHE B 160 15.13 4.66 30.06
C PHE B 160 13.93 5.58 30.04
N LEU B 161 13.58 6.20 31.18
CA LEU B 161 12.36 7.05 31.27
C LEU B 161 12.61 8.58 31.29
N THR B 162 13.87 8.98 31.36
CA THR B 162 14.26 10.42 31.48
C THR B 162 13.60 11.14 32.66
N GLU B 163 13.57 10.47 33.80
CA GLU B 163 13.03 11.17 34.94
C GLU B 163 13.87 10.88 36.15
N ASP B 164 13.83 11.84 37.06
CA ASP B 164 14.52 11.85 38.34
C ASP B 164 13.87 10.99 39.43
N PRO B 165 14.54 9.94 39.88
CA PRO B 165 13.92 9.16 40.94
C PRO B 165 13.68 9.95 42.25
N TRP B 166 14.46 10.99 42.50
CA TRP B 166 14.28 11.75 43.70
C TRP B 166 12.99 12.56 43.58
N GLU B 167 12.69 13.07 42.40
CA GLU B 167 11.38 13.73 42.18
C GLU B 167 10.25 12.71 42.45
N ARG B 168 10.37 11.52 41.86
CA ARG B 168 9.37 10.50 42.10
C ARG B 168 9.12 10.28 43.60
N LEU B 169 10.18 9.98 44.34
CA LEU B 169 10.06 9.88 45.81
C LEU B 169 9.36 11.09 46.44
N ALA B 170 9.77 12.30 46.06
CA ALA B 170 9.21 13.50 46.74
C ALA B 170 7.70 13.57 46.52
N LEU B 171 7.28 13.30 45.29
CA LEU B 171 5.83 13.31 44.90
C LEU B 171 5.05 12.26 45.67
N ILE B 172 5.65 11.08 45.85
CA ILE B 172 4.99 10.01 46.59
C ILE B 172 4.84 10.44 48.04
N ARG B 173 5.92 11.00 48.63
CA ARG B 173 5.96 11.50 50.02
C ARG B 173 4.89 12.55 50.30
N GLU B 174 4.78 13.49 49.38
CA GLU B 174 3.72 14.51 49.37
C GLU B 174 2.32 13.87 49.28
N GLY B 175 2.14 12.96 48.33
CA GLY B 175 0.84 12.34 48.21
C GLY B 175 0.40 11.44 49.38
N ALA B 176 1.34 10.81 50.05
CA ALA B 176 1.00 9.85 51.08
C ALA B 176 1.82 10.12 52.37
N PRO B 177 1.47 11.19 53.09
CA PRO B 177 2.28 11.61 54.28
C PRO B 177 1.99 10.77 55.51
N ASN B 178 1.03 9.85 55.37
CA ASN B 178 0.68 9.00 56.51
C ASN B 178 1.20 7.58 56.46
N LEU B 179 1.77 7.17 55.33
CA LEU B 179 2.29 5.81 55.19
C LEU B 179 3.81 5.78 55.17
N LEU B 180 4.42 4.67 55.60
CA LEU B 180 5.88 4.54 55.45
C LEU B 180 6.22 4.32 54.01
N LEU B 181 7.30 4.93 53.56
CA LEU B 181 7.84 4.63 52.26
C LEU B 181 9.08 3.74 52.39
N GLN B 182 9.02 2.62 51.65
CA GLN B 182 10.03 1.56 51.73
C GLN B 182 10.85 1.45 50.45
N MET B 183 12.16 1.35 50.54
CA MET B 183 12.97 1.13 49.36
C MET B 183 13.62 -0.23 49.54
N LEU B 184 14.09 -0.81 48.42
CA LEU B 184 14.99 -1.94 48.46
C LEU B 184 16.42 -1.45 48.27
N LEU B 185 17.27 -1.69 49.25
CA LEU B 185 18.67 -1.31 49.19
C LEU B 185 19.55 -2.56 49.10
N ARG B 186 20.46 -2.60 48.14
CA ARG B 186 21.33 -3.79 47.93
C ARG B 186 22.60 -3.77 48.78
N GLY B 187 22.54 -3.32 50.02
CA GLY B 187 23.69 -3.40 50.90
C GLY B 187 24.92 -2.76 50.32
N ALA B 188 26.05 -3.43 50.34
CA ALA B 188 27.24 -2.79 49.77
C ALA B 188 27.13 -2.49 48.22
N ASN B 189 26.05 -2.87 47.56
CA ASN B 189 25.86 -2.47 46.16
C ASN B 189 24.93 -1.27 45.94
N GLY B 190 24.35 -0.76 47.02
CA GLY B 190 23.56 0.44 46.91
C GLY B 190 22.36 0.20 46.02
N VAL B 191 22.20 1.06 45.01
CA VAL B 191 21.24 0.83 43.95
C VAL B 191 21.94 0.45 42.65
N GLY B 192 23.14 -0.14 42.76
CA GLY B 192 24.04 -0.44 41.63
C GLY B 192 24.33 -1.93 41.53
N TYR B 193 25.45 -2.28 40.88
CA TYR B 193 25.79 -3.69 40.59
C TYR B 193 27.13 -4.15 41.16
N THR B 194 27.86 -3.23 41.78
CA THR B 194 29.17 -3.53 42.31
C THR B 194 29.20 -3.05 43.74
N ASN B 195 30.05 -3.64 44.59
CA ASN B 195 30.23 -3.13 45.96
C ASN B 195 30.86 -1.75 45.80
N TYR B 196 30.38 -0.74 46.53
CA TYR B 196 30.89 0.62 46.39
C TYR B 196 31.81 0.93 47.56
N PRO B 197 32.48 2.10 47.58
CA PRO B 197 33.22 2.44 48.80
C PRO B 197 32.29 2.78 49.93
N ASP B 198 32.74 2.48 51.14
CA ASP B 198 31.95 2.64 52.35
C ASP B 198 31.30 3.98 52.42
N ASN B 199 32.05 5.01 52.08
CA ASN B 199 31.55 6.37 52.19
C ASN B 199 30.54 6.76 51.09
N VAL B 200 30.53 6.06 49.95
CA VAL B 200 29.53 6.33 48.91
C VAL B 200 28.22 5.87 49.46
N VAL B 201 28.26 4.64 49.99
CA VAL B 201 27.09 4.00 50.56
C VAL B 201 26.49 4.89 51.63
N LYS B 202 27.36 5.43 52.51
CA LYS B 202 26.93 6.26 53.62
C LYS B 202 26.24 7.49 53.07
N TYR B 203 26.83 8.12 52.07
CA TYR B 203 26.29 9.36 51.55
C TYR B 203 24.92 9.05 50.94
N PHE B 204 24.84 7.91 50.28
CA PHE B 204 23.61 7.55 49.62
C PHE B 204 22.49 7.29 50.63
N VAL B 205 22.79 6.52 51.64
CA VAL B 205 21.76 6.26 52.68
C VAL B 205 21.28 7.60 53.26
N ARG B 206 22.20 8.47 53.58
CA ARG B 206 21.83 9.76 54.11
C ARG B 206 20.89 10.51 53.18
N GLN B 207 21.20 10.56 51.89
CA GLN B 207 20.30 11.26 50.96
C GLN B 207 18.96 10.56 50.83
N ALA B 208 18.93 9.23 50.94
CA ALA B 208 17.65 8.50 50.79
C ALA B 208 16.69 8.85 51.94
N ALA B 209 17.23 8.76 53.15
CA ALA B 209 16.60 9.25 54.37
C ALA B 209 16.08 10.67 54.18
N LYS B 210 16.94 11.62 53.80
CA LYS B 210 16.45 13.00 53.60
C LYS B 210 15.38 13.08 52.53
N GLY B 211 15.50 12.27 51.47
CA GLY B 211 14.54 12.33 50.37
C GLY B 211 13.16 11.79 50.70
N GLY B 212 13.05 11.05 51.79
CA GLY B 212 11.73 10.61 52.29
C GLY B 212 11.56 9.11 52.54
N ILE B 213 12.60 8.30 52.36
CA ILE B 213 12.51 6.88 52.71
C ILE B 213 12.47 6.67 54.22
N ASP B 214 11.56 5.84 54.67
CA ASP B 214 11.36 5.59 56.08
C ASP B 214 11.84 4.20 56.44
N LEU B 215 11.72 3.29 55.50
CA LEU B 215 11.97 1.86 55.75
C LEU B 215 12.93 1.28 54.72
N PHE B 216 14.14 0.95 55.15
CA PHE B 216 15.14 0.37 54.26
C PHE B 216 15.19 -1.15 54.39
N ARG B 217 14.70 -1.87 53.37
CA ARG B 217 14.94 -3.29 53.34
C ARG B 217 16.32 -3.51 52.73
N VAL B 218 17.29 -3.89 53.55
CA VAL B 218 18.68 -4.05 53.07
C VAL B 218 19.06 -5.51 52.99
N PHE B 219 19.63 -5.91 51.87
CA PHE B 219 20.05 -7.32 51.68
C PHE B 219 21.46 -7.40 51.06
N ASP B 220 22.14 -8.51 51.34
CA ASP B 220 23.43 -8.84 50.71
C ASP B 220 23.21 -10.06 49.84
N CYS B 221 23.69 -10.01 48.60
CA CYS B 221 23.46 -11.11 47.65
C CYS B 221 24.14 -12.48 47.95
N LEU B 222 25.06 -12.55 48.93
CA LEU B 222 25.58 -13.83 49.44
C LEU B 222 25.17 -14.11 50.93
N ASN B 223 24.24 -13.30 51.45
CA ASN B 223 23.87 -13.31 52.87
C ASN B 223 25.12 -13.24 53.76
N TRP B 224 26.06 -12.38 53.41
CA TRP B 224 27.29 -12.19 54.18
C TRP B 224 27.03 -11.07 55.16
N VAL B 225 26.92 -11.37 56.44
CA VAL B 225 26.51 -10.27 57.36
C VAL B 225 27.59 -9.14 57.48
N GLU B 226 28.86 -9.53 57.50
CA GLU B 226 29.93 -8.50 57.62
C GLU B 226 29.74 -7.41 56.53
N ASN B 227 29.14 -7.81 55.42
CA ASN B 227 29.03 -6.90 54.31
C ASN B 227 27.82 -5.99 54.40
N MET B 228 26.93 -6.27 55.36
CA MET B 228 25.72 -5.49 55.56
C MET B 228 25.87 -4.40 56.65
N ARG B 229 26.98 -4.46 57.41
CA ARG B 229 27.17 -3.63 58.61
C ARG B 229 27.20 -2.16 58.32
N VAL B 230 27.98 -1.78 57.32
CA VAL B 230 28.10 -0.40 56.92
C VAL B 230 26.71 0.15 56.60
N SER B 231 25.97 -0.57 55.76
CA SER B 231 24.58 -0.16 55.42
C SER B 231 23.65 0.02 56.61
N MET B 232 23.63 -1.01 57.44
CA MET B 232 22.71 -1.09 58.56
C MET B 232 23.03 0.02 59.53
N ASP B 233 24.32 0.30 59.76
CA ASP B 233 24.74 1.36 60.70
C ASP B 233 24.38 2.73 60.14
N ALA B 234 24.65 2.94 58.86
CA ALA B 234 24.21 4.19 58.23
C ALA B 234 22.65 4.35 58.31
N ILE B 235 21.90 3.28 58.21
CA ILE B 235 20.43 3.42 58.33
C ILE B 235 20.02 3.82 59.77
N ALA B 236 20.59 3.16 60.77
CA ALA B 236 20.32 3.55 62.14
C ALA B 236 20.76 4.97 62.44
N GLU B 237 21.89 5.39 61.90
CA GLU B 237 22.41 6.76 62.20
C GLU B 237 21.42 7.82 61.67
N GLU B 238 20.67 7.56 60.61
CA GLU B 238 19.62 8.49 60.16
C GLU B 238 18.30 8.32 60.91
N ASN B 239 18.22 7.36 61.79
CA ASN B 239 17.07 7.13 62.64
C ASN B 239 15.84 6.68 61.86
N LYS B 240 16.10 5.83 60.88
CA LYS B 240 15.05 5.20 60.11
C LYS B 240 15.08 3.73 60.41
N LEU B 241 14.07 3.07 59.87
CA LEU B 241 13.93 1.62 59.97
C LEU B 241 14.89 0.81 59.05
N CYS B 242 15.62 -0.10 59.69
CA CYS B 242 16.56 -1.02 59.11
C CYS B 242 15.94 -2.41 59.20
N GLU B 243 15.41 -2.88 58.08
CA GLU B 243 14.89 -4.21 57.97
C GLU B 243 15.95 -5.02 57.25
N ALA B 244 16.73 -5.76 58.00
CA ALA B 244 17.81 -6.57 57.46
C ALA B 244 17.20 -7.89 56.92
N ALA B 245 17.33 -8.11 55.61
CA ALA B 245 16.79 -9.30 54.98
C ALA B 245 17.79 -10.43 54.94
N ILE B 246 17.26 -11.62 55.11
CA ILE B 246 17.91 -12.85 54.79
C ILE B 246 17.26 -13.41 53.51
N CYS B 247 18.04 -13.60 52.45
CA CYS B 247 17.54 -14.13 51.23
C CYS B 247 17.34 -15.63 51.38
N TYR B 248 16.21 -16.13 50.88
CA TYR B 248 15.90 -17.56 50.96
C TYR B 248 16.25 -18.32 49.69
N THR B 249 16.79 -19.52 49.84
CA THR B 249 17.16 -20.37 48.69
C THR B 249 17.17 -21.83 49.13
N GLY B 250 17.21 -22.70 48.14
CA GLY B 250 17.15 -24.13 48.41
C GLY B 250 15.82 -24.50 49.03
N ASP B 251 15.88 -25.34 50.06
CA ASP B 251 14.71 -25.93 50.66
C ASP B 251 15.05 -26.50 52.03
N ILE B 252 14.51 -25.86 53.08
CA ILE B 252 14.82 -26.26 54.44
C ILE B 252 14.30 -27.64 54.79
N LEU B 253 13.25 -28.14 54.14
CA LEU B 253 12.71 -29.47 54.50
C LEU B 253 13.26 -30.62 53.67
N ASN B 254 14.20 -30.32 52.78
CA ASN B 254 14.87 -31.34 52.02
C ASN B 254 16.23 -31.63 52.64
N SER B 255 16.33 -32.75 53.33
CA SER B 255 17.57 -33.08 54.04
C SER B 255 18.66 -33.55 53.10
N ALA B 256 18.35 -33.79 51.84
CA ALA B 256 19.43 -34.06 50.91
C ALA B 256 20.00 -32.72 50.43
N ARG B 257 19.52 -31.60 50.99
CA ARG B 257 20.15 -30.30 50.72
C ARG B 257 20.40 -29.50 52.01
N PRO B 258 21.41 -29.90 52.80
CA PRO B 258 21.67 -29.49 54.20
C PRO B 258 22.32 -28.16 54.36
N LYS B 259 22.92 -27.68 53.29
CA LYS B 259 23.60 -26.41 53.28
C LYS B 259 22.65 -25.28 53.72
N TYR B 260 21.46 -25.21 53.14
CA TYR B 260 20.56 -24.16 53.55
C TYR B 260 19.48 -24.71 54.46
N ASP B 261 19.86 -25.18 55.66
CA ASP B 261 18.88 -25.75 56.59
C ASP B 261 18.24 -24.67 57.48
N LEU B 262 17.33 -25.12 58.33
CA LEU B 262 16.69 -24.23 59.28
C LEU B 262 17.72 -23.40 60.10
N LYS B 263 18.75 -24.06 60.66
CA LYS B 263 19.78 -23.39 61.47
C LYS B 263 20.45 -22.24 60.73
N TYR B 264 20.68 -22.40 59.43
CA TYR B 264 21.29 -21.35 58.66
C TYR B 264 20.42 -20.12 58.79
N TYR B 265 19.11 -20.27 58.65
CA TYR B 265 18.23 -19.12 58.70
C TYR B 265 18.17 -18.52 60.14
N THR B 266 17.98 -19.38 61.14
CA THR B 266 17.85 -18.89 62.51
C THR B 266 19.13 -18.17 62.94
N ASN B 267 20.30 -18.73 62.62
CA ASN B 267 21.57 -18.09 63.00
C ASN B 267 21.78 -16.73 62.39
N LEU B 268 21.51 -16.62 61.11
CA LEU B 268 21.55 -15.34 60.42
C LEU B 268 20.60 -14.29 61.04
N ALA B 269 19.45 -14.73 61.54
CA ALA B 269 18.51 -13.79 62.18
C ALA B 269 19.15 -13.28 63.50
N VAL B 270 19.79 -14.16 64.27
CA VAL B 270 20.47 -13.74 65.52
C VAL B 270 21.62 -12.78 65.19
N GLU B 271 22.39 -13.11 64.16
CA GLU B 271 23.48 -12.25 63.76
C GLU B 271 23.02 -10.85 63.34
N LEU B 272 21.95 -10.77 62.58
CA LEU B 272 21.39 -9.48 62.14
C LEU B 272 20.76 -8.67 63.27
N GLU B 273 20.17 -9.32 64.26
CA GLU B 273 19.77 -8.61 65.46
C GLU B 273 20.99 -8.06 66.21
N LYS B 274 21.99 -8.90 66.51
CA LYS B 274 23.21 -8.39 67.12
C LYS B 274 23.69 -7.19 66.29
N ALA B 275 23.59 -7.23 64.96
CA ALA B 275 24.04 -6.09 64.14
C ALA B 275 23.12 -4.82 64.17
N GLY B 276 22.00 -4.89 64.89
CA GLY B 276 21.18 -3.72 65.10
C GLY B 276 19.94 -3.60 64.18
N ALA B 277 19.56 -4.66 63.48
CA ALA B 277 18.31 -4.62 62.71
C ALA B 277 17.15 -4.19 63.61
N HIS B 278 16.13 -3.54 63.03
CA HIS B 278 14.91 -3.23 63.78
C HIS B 278 13.82 -4.20 63.44
N ILE B 279 13.92 -4.79 62.26
CA ILE B 279 12.98 -5.78 61.68
C ILE B 279 13.87 -6.80 60.90
N ILE B 280 13.43 -8.07 60.78
CA ILE B 280 14.16 -9.05 60.01
C ILE B 280 13.24 -9.39 58.88
N ALA B 281 13.79 -9.48 57.69
CA ALA B 281 13.02 -9.85 56.52
C ALA B 281 13.48 -11.21 56.04
N VAL B 282 12.54 -11.99 55.51
CA VAL B 282 12.85 -13.17 54.63
C VAL B 282 12.51 -12.73 53.23
N KCX B 283 13.54 -12.60 52.41
CA KCX B 283 13.43 -12.20 51.02
CB KCX B 283 14.54 -11.19 50.69
CG KCX B 283 14.63 -10.79 49.22
CD KCX B 283 15.60 -9.65 48.91
CE KCX B 283 15.49 -9.26 47.46
NZ KCX B 283 14.32 -8.50 46.98
C KCX B 283 13.55 -13.48 50.19
O KCX B 283 14.64 -14.03 50.00
CX KCX B 283 13.33 -8.81 46.18
OQ1 KCX B 283 13.19 -9.95 45.74
OQ2 KCX B 283 12.63 -7.68 46.04
N ASP B 284 12.41 -13.97 49.76
CA ASP B 284 12.30 -15.12 48.93
C ASP B 284 12.20 -14.67 47.48
N MET B 285 13.34 -14.31 46.91
CA MET B 285 13.39 -13.51 45.69
C MET B 285 12.99 -14.28 44.48
N ALA B 286 13.01 -15.61 44.59
CA ALA B 286 12.68 -16.47 43.47
C ALA B 286 11.40 -17.26 43.73
N GLY B 287 10.81 -17.07 44.89
CA GLY B 287 9.52 -17.66 45.20
C GLY B 287 9.65 -19.13 45.51
N LEU B 288 10.69 -19.49 46.29
CA LEU B 288 11.00 -20.90 46.54
C LEU B 288 10.38 -21.45 47.82
N LEU B 289 9.99 -20.57 48.72
CA LEU B 289 9.56 -21.07 50.02
C LEU B 289 8.18 -21.73 49.84
N LYS B 290 8.06 -22.98 50.27
CA LYS B 290 6.84 -23.73 50.20
C LYS B 290 6.06 -23.56 51.48
N PRO B 291 4.76 -23.78 51.43
CA PRO B 291 3.93 -23.57 52.62
C PRO B 291 4.34 -24.38 53.85
N ALA B 292 4.70 -25.64 53.71
CA ALA B 292 5.06 -26.41 54.88
C ALA B 292 6.36 -25.86 55.47
N ALA B 293 7.28 -25.43 54.60
CA ALA B 293 8.51 -24.78 55.07
C ALA B 293 8.27 -23.50 55.86
N ALA B 294 7.36 -22.68 55.35
CA ALA B 294 7.03 -21.42 55.97
C ALA B 294 6.49 -21.62 57.35
N LYS B 295 5.64 -22.61 57.53
CA LYS B 295 5.15 -22.96 58.84
C LYS B 295 6.28 -23.25 59.86
N VAL B 296 7.29 -24.02 59.44
CA VAL B 296 8.40 -24.34 60.29
C VAL B 296 9.30 -23.09 60.48
N LEU B 297 9.54 -22.38 59.36
CA LEU B 297 10.57 -21.34 59.40
C LEU B 297 10.20 -20.19 60.27
N PHE B 298 8.96 -19.72 60.12
CA PHE B 298 8.51 -18.50 60.80
C PHE B 298 8.27 -18.75 62.27
N LYS B 299 7.83 -19.95 62.62
CA LYS B 299 7.77 -20.29 64.05
C LYS B 299 9.17 -20.24 64.64
N ALA B 300 10.14 -20.82 63.95
CA ALA B 300 11.51 -20.90 64.49
C ALA B 300 12.10 -19.51 64.55
N LEU B 301 11.85 -18.70 63.51
CA LEU B 301 12.44 -17.35 63.48
C LEU B 301 11.88 -16.52 64.63
N ARG B 302 10.59 -16.56 64.85
CA ARG B 302 10.02 -15.76 65.90
C ARG B 302 10.46 -16.23 67.30
N GLU B 303 10.92 -17.46 67.42
CA GLU B 303 11.57 -17.96 68.64
C GLU B 303 13.05 -17.62 68.74
N ALA B 304 13.76 -17.56 67.63
CA ALA B 304 15.19 -17.20 67.61
C ALA B 304 15.43 -15.75 67.93
N THR B 305 14.58 -14.88 67.42
CA THR B 305 14.70 -13.44 67.68
C THR B 305 13.37 -12.88 68.16
N GLY B 306 13.49 -11.85 68.97
CA GLY B 306 12.41 -11.01 69.45
C GLY B 306 11.93 -10.00 68.43
N LEU B 307 12.74 -9.73 67.40
CA LEU B 307 12.41 -8.79 66.34
C LEU B 307 11.19 -9.22 65.50
N PRO B 308 10.44 -8.26 64.95
CA PRO B 308 9.36 -8.59 64.05
C PRO B 308 9.95 -9.08 62.74
N ILE B 309 9.12 -9.82 62.01
CA ILE B 309 9.53 -10.53 60.79
C ILE B 309 8.61 -10.15 59.64
N HIS B 310 9.24 -9.84 58.52
CA HIS B 310 8.58 -9.31 57.31
C HIS B 310 8.90 -10.25 56.13
N PHE B 311 7.87 -10.85 55.54
CA PHE B 311 7.98 -11.82 54.45
C PHE B 311 7.66 -11.32 53.04
N HIS B 312 8.65 -11.47 52.17
CA HIS B 312 8.63 -11.03 50.78
C HIS B 312 8.81 -12.24 49.90
N THR B 313 7.88 -12.47 48.94
CA THR B 313 8.06 -13.55 48.02
C THR B 313 7.53 -13.21 46.63
N HIS B 314 7.74 -14.12 45.73
CA HIS B 314 7.24 -13.99 44.38
C HIS B 314 6.40 -15.25 44.01
N ASP B 315 5.54 -15.09 43.02
CA ASP B 315 4.53 -16.06 42.64
C ASP B 315 4.77 -16.84 41.40
N THR B 316 6.02 -17.00 41.00
CA THR B 316 6.38 -17.67 39.74
C THR B 316 5.86 -19.11 39.70
N SER B 317 5.79 -19.73 40.89
CA SER B 317 5.33 -21.08 41.07
C SER B 317 3.82 -21.20 40.92
N GLY B 318 3.12 -20.09 41.14
CA GLY B 318 1.69 -20.08 41.25
C GLY B 318 1.10 -20.55 42.56
N ILE B 319 1.93 -20.79 43.57
CA ILE B 319 1.42 -21.05 44.90
C ILE B 319 1.91 -20.12 46.01
N ALA B 320 2.55 -19.01 45.68
CA ALA B 320 3.12 -18.17 46.74
C ALA B 320 2.10 -17.66 47.79
N ALA B 321 0.87 -17.46 47.40
CA ALA B 321 -0.16 -17.01 48.30
C ALA B 321 -0.40 -18.08 49.34
N ALA B 322 -0.27 -19.36 48.98
CA ALA B 322 -0.28 -20.45 49.99
C ALA B 322 0.78 -20.27 51.03
N THR B 323 1.98 -19.89 50.60
CA THR B 323 3.11 -19.68 51.53
C THR B 323 2.95 -18.46 52.40
N VAL B 324 2.49 -17.38 51.79
CA VAL B 324 2.17 -16.20 52.53
C VAL B 324 1.13 -16.49 53.64
N LEU B 325 0.06 -17.18 53.28
CA LEU B 325 -0.99 -17.43 54.22
C LEU B 325 -0.50 -18.37 55.34
N ALA B 326 0.43 -19.26 55.01
CA ALA B 326 1.01 -20.12 56.04
C ALA B 326 1.93 -19.29 56.90
N ALA B 327 2.72 -18.40 56.34
CA ALA B 327 3.54 -17.45 57.15
C ALA B 327 2.68 -16.67 58.22
N VAL B 328 1.49 -16.24 57.83
CA VAL B 328 0.60 -15.52 58.66
C VAL B 328 0.01 -16.40 59.79
N GLU B 329 -0.47 -17.59 59.47
CA GLU B 329 -0.91 -18.52 60.48
C GLU B 329 0.24 -18.78 61.46
N ALA B 330 1.47 -18.81 60.97
CA ALA B 330 2.60 -19.00 61.84
C ALA B 330 3.05 -17.78 62.61
N GLY B 331 2.39 -16.65 62.47
CA GLY B 331 2.66 -15.51 63.31
C GLY B 331 3.44 -14.41 62.65
N VAL B 332 3.80 -14.55 61.36
CA VAL B 332 4.64 -13.54 60.73
C VAL B 332 4.04 -12.14 60.88
N ASP B 333 4.86 -11.12 61.04
CA ASP B 333 4.35 -9.84 61.46
C ASP B 333 3.95 -8.98 60.27
N ALA B 334 4.62 -9.11 59.14
CA ALA B 334 4.33 -8.26 57.97
C ALA B 334 4.57 -9.09 56.71
N VAL B 335 3.80 -8.85 55.65
CA VAL B 335 3.94 -9.60 54.37
C VAL B 335 3.78 -8.61 53.27
N ASP B 336 4.43 -8.86 52.14
CA ASP B 336 4.29 -8.02 50.95
C ASP B 336 3.29 -8.64 49.94
N ALA B 337 2.57 -7.78 49.19
CA ALA B 337 1.74 -8.27 48.12
C ALA B 337 1.60 -7.14 47.12
N ALA B 338 1.26 -7.53 45.88
CA ALA B 338 1.02 -6.54 44.80
C ALA B 338 -0.43 -6.44 44.50
N MET B 339 -0.85 -5.25 44.13
CA MET B 339 -2.18 -5.04 43.59
C MET B 339 -2.48 -5.99 42.47
N ASP B 340 -3.74 -6.44 42.43
CA ASP B 340 -4.13 -7.60 41.69
C ASP B 340 -3.60 -7.49 40.28
N ALA B 341 -3.84 -6.36 39.66
CA ALA B 341 -3.62 -6.15 38.28
C ALA B 341 -2.13 -6.18 37.90
N LEU B 342 -1.26 -6.05 38.88
CA LEU B 342 0.20 -6.25 38.71
C LEU B 342 0.73 -7.37 39.59
N SER B 343 -0.13 -8.38 39.84
CA SER B 343 0.25 -9.48 40.70
C SER B 343 0.40 -10.80 39.90
N GLY B 344 0.89 -11.84 40.55
CA GLY B 344 0.92 -13.14 39.96
C GLY B 344 2.19 -13.33 39.14
N ASN B 345 2.48 -14.58 38.86
CA ASN B 345 3.62 -14.96 38.04
C ASN B 345 4.88 -14.49 38.72
N THR B 346 5.71 -13.73 38.02
CA THR B 346 6.99 -13.34 38.56
C THR B 346 6.90 -12.16 39.51
N SER B 347 5.74 -11.52 39.61
CA SER B 347 5.47 -10.50 40.63
C SER B 347 5.08 -11.11 41.96
N GLN B 348 4.54 -10.30 42.85
CA GLN B 348 4.14 -10.79 44.19
C GLN B 348 2.80 -11.42 43.96
N PRO B 349 2.35 -12.23 44.93
CA PRO B 349 1.02 -12.76 44.90
C PRO B 349 -0.03 -11.67 45.17
N CYS B 350 -1.23 -11.95 44.73
CA CYS B 350 -2.33 -11.03 44.70
C CYS B 350 -2.70 -10.48 46.11
N LEU B 351 -2.59 -9.18 46.26
CA LEU B 351 -3.00 -8.49 47.48
C LEU B 351 -4.45 -8.64 47.84
N GLY B 352 -5.33 -8.32 46.89
CA GLY B 352 -6.81 -8.39 47.12
C GLY B 352 -7.21 -9.75 47.66
N SER B 353 -6.62 -10.81 47.12
CA SER B 353 -7.07 -12.14 47.46
C SER B 353 -6.49 -12.61 48.79
N ILE B 354 -5.26 -12.24 49.04
CA ILE B 354 -4.67 -12.48 50.31
C ILE B 354 -5.50 -11.80 51.44
N VAL B 355 -5.83 -10.54 51.21
CA VAL B 355 -6.68 -9.81 52.13
C VAL B 355 -8.05 -10.49 52.28
N GLU B 356 -8.65 -10.82 51.16
CA GLU B 356 -9.95 -11.46 51.21
C GLU B 356 -9.90 -12.79 51.99
N ALA B 357 -8.76 -13.50 51.90
CA ALA B 357 -8.63 -14.78 52.58
C ALA B 357 -8.56 -14.65 54.11
N LEU B 358 -8.03 -13.52 54.55
CA LEU B 358 -7.84 -13.20 55.97
C LEU B 358 -9.03 -12.43 56.60
N SER B 359 -9.96 -12.00 55.76
CA SER B 359 -11.09 -11.21 56.16
C SER B 359 -11.91 -11.96 57.16
N GLY B 360 -12.26 -11.34 58.30
CA GLY B 360 -13.08 -11.99 59.35
C GLY B 360 -12.20 -12.80 60.28
N SER B 361 -10.91 -13.02 59.98
CA SER B 361 -10.09 -13.86 60.89
C SER B 361 -9.42 -13.07 62.05
N GLU B 362 -8.78 -13.74 62.99
CA GLU B 362 -8.03 -13.09 64.09
C GLU B 362 -6.99 -12.10 63.59
N ARG B 363 -6.40 -12.38 62.42
CA ARG B 363 -5.29 -11.56 61.94
C ARG B 363 -5.67 -10.64 60.80
N ASP B 364 -6.97 -10.56 60.57
CA ASP B 364 -7.58 -9.68 59.57
C ASP B 364 -6.78 -8.38 59.55
N PRO B 365 -6.22 -8.02 58.40
CA PRO B 365 -5.43 -6.83 58.29
C PRO B 365 -6.22 -5.55 58.27
N GLY B 366 -7.55 -5.61 58.13
CA GLY B 366 -8.37 -4.38 58.24
C GLY B 366 -8.28 -3.47 57.01
N LEU B 367 -8.34 -4.03 55.81
CA LEU B 367 -8.24 -3.21 54.57
C LEU B 367 -9.51 -3.35 53.75
N ASP B 368 -10.04 -2.27 53.19
CA ASP B 368 -11.33 -2.28 52.60
C ASP B 368 -11.21 -2.90 51.17
N PRO B 369 -11.83 -4.09 50.99
CA PRO B 369 -11.65 -4.81 49.69
C PRO B 369 -12.15 -3.99 48.51
N ALA B 370 -13.22 -3.21 48.73
CA ALA B 370 -13.73 -2.31 47.69
C ALA B 370 -12.69 -1.27 47.19
N TRP B 371 -11.93 -0.68 48.11
CA TRP B 371 -10.87 0.24 47.71
C TRP B 371 -9.71 -0.51 47.14
N ILE B 372 -9.38 -1.69 47.65
CA ILE B 372 -8.30 -2.47 47.01
C ILE B 372 -8.65 -2.71 45.48
N ARG B 373 -9.89 -3.08 45.17
CA ARG B 373 -10.30 -3.29 43.80
C ARG B 373 -10.23 -1.98 43.01
N ARG B 374 -10.67 -0.84 43.60
CA ARG B 374 -10.80 0.37 42.81
C ARG B 374 -9.36 0.75 42.41
N ILE B 375 -8.43 0.59 43.35
CA ILE B 375 -7.03 0.87 43.08
C ILE B 375 -6.43 -0.11 42.07
N SER B 376 -6.81 -1.38 42.15
CA SER B 376 -6.41 -2.35 41.16
C SER B 376 -6.99 -1.99 39.77
N PHE B 377 -8.24 -1.53 39.70
CA PHE B 377 -8.79 -1.17 38.40
C PHE B 377 -7.95 -0.03 37.84
N TYR B 378 -7.49 0.88 38.70
CA TYR B 378 -6.59 1.92 38.21
C TYR B 378 -5.29 1.34 37.66
N TRP B 379 -4.66 0.44 38.40
CA TRP B 379 -3.41 -0.12 37.93
C TRP B 379 -3.57 -0.96 36.68
N GLU B 380 -4.73 -1.56 36.50
CA GLU B 380 -5.01 -2.28 35.32
C GLU B 380 -5.06 -1.32 34.10
N ALA B 381 -5.78 -0.20 34.23
CA ALA B 381 -5.88 0.76 33.11
C ALA B 381 -4.50 1.38 32.87
N VAL B 382 -3.74 1.63 33.93
CA VAL B 382 -2.35 2.03 33.77
C VAL B 382 -1.48 0.98 33.01
N ARG B 383 -1.59 -0.27 33.43
CA ARG B 383 -0.78 -1.32 32.88
C ARG B 383 -0.91 -1.49 31.38
N ASN B 384 -2.12 -1.32 30.84
CA ASN B 384 -2.36 -1.43 29.43
C ASN B 384 -1.56 -0.43 28.62
N GLN B 385 -1.19 0.69 29.26
CA GLN B 385 -0.37 1.71 28.58
C GLN B 385 1.03 1.23 28.34
N TYR B 386 1.46 0.16 29.01
CA TYR B 386 2.83 -0.40 28.90
C TYR B 386 2.92 -1.71 28.10
N ALA B 387 2.02 -1.89 27.14
CA ALA B 387 1.95 -3.14 26.41
C ALA B 387 3.32 -3.46 25.80
N ALA B 388 4.02 -2.44 25.36
CA ALA B 388 5.35 -2.58 24.79
C ALA B 388 6.32 -3.43 25.59
N PHE B 389 6.14 -3.45 26.89
CA PHE B 389 7.07 -4.09 27.80
C PHE B 389 6.56 -5.40 28.43
N GLU B 390 5.46 -5.93 27.94
CA GLU B 390 4.90 -7.19 28.50
C GLU B 390 5.80 -8.38 28.10
N SER B 391 6.04 -9.35 28.98
CA SER B 391 6.70 -10.60 28.54
C SER B 391 5.62 -11.46 27.87
N ASP B 392 6.00 -12.64 27.37
CA ASP B 392 5.02 -13.60 26.93
C ASP B 392 4.80 -14.77 27.94
N LEU B 393 5.15 -14.55 29.19
CA LEU B 393 4.94 -15.52 30.24
C LEU B 393 3.44 -15.70 30.38
N LYS B 394 2.96 -16.92 30.31
CA LYS B 394 1.54 -17.20 30.38
C LYS B 394 1.03 -17.73 31.74
N GLY B 395 1.85 -18.09 32.70
CA GLY B 395 1.29 -18.55 33.95
C GLY B 395 2.34 -19.21 34.80
N PRO B 396 1.92 -19.98 35.80
CA PRO B 396 2.74 -20.61 36.79
C PRO B 396 3.74 -21.56 36.18
N ALA B 397 4.88 -21.76 36.87
CA ALA B 397 5.90 -22.67 36.41
C ALA B 397 6.59 -23.32 37.61
N SER B 398 6.36 -24.61 37.82
CA SER B 398 7.05 -25.30 38.88
C SER B 398 8.56 -25.46 38.56
N GLU B 399 8.94 -25.26 37.32
CA GLU B 399 10.36 -25.19 36.84
C GLU B 399 11.21 -24.28 37.72
N VAL B 400 10.58 -23.24 38.26
CA VAL B 400 11.27 -22.40 39.19
C VAL B 400 11.99 -23.18 40.31
N TYR B 401 11.44 -24.33 40.74
CA TYR B 401 12.07 -25.07 41.80
C TYR B 401 13.35 -25.66 41.27
N LEU B 402 13.48 -25.77 39.98
CA LEU B 402 14.64 -26.36 39.46
C LEU B 402 15.74 -25.31 39.31
N HIS B 403 15.41 -24.19 38.69
CA HIS B 403 16.47 -23.26 38.32
C HIS B 403 16.76 -22.19 39.36
N GLU B 404 15.75 -21.83 40.13
CA GLU B 404 15.86 -20.77 41.08
C GLU B 404 16.17 -19.38 40.55
N MET B 405 15.79 -19.06 39.32
CA MET B 405 15.88 -17.65 38.84
C MET B 405 14.91 -16.78 39.60
N PRO B 406 15.43 -15.74 40.27
CA PRO B 406 14.55 -14.75 40.92
C PRO B 406 13.53 -14.12 39.98
N GLY B 407 12.32 -13.88 40.46
CA GLY B 407 11.22 -13.37 39.66
C GLY B 407 11.58 -12.24 38.77
N GLY B 408 12.06 -11.18 39.39
CA GLY B 408 12.59 -10.04 38.68
C GLY B 408 13.71 -10.29 37.66
N GLN B 409 14.15 -11.56 37.47
CA GLN B 409 15.15 -11.94 36.44
C GLN B 409 14.57 -12.73 35.32
N PHE B 410 13.56 -13.53 35.59
CA PHE B 410 13.20 -14.68 34.67
C PHE B 410 12.85 -14.24 33.24
N THR B 411 12.12 -13.14 33.15
CA THR B 411 11.74 -12.50 31.87
C THR B 411 12.97 -12.02 31.06
N ASN B 412 13.73 -11.15 31.71
CA ASN B 412 14.94 -10.53 31.14
C ASN B 412 15.92 -11.57 30.55
N LEU B 413 16.20 -12.62 31.32
CA LEU B 413 17.10 -13.66 30.88
C LEU B 413 16.58 -14.44 29.69
N LYS B 414 15.26 -14.70 29.61
CA LYS B 414 14.69 -15.27 28.39
C LYS B 414 14.80 -14.29 27.24
N GLU B 415 14.65 -12.99 27.49
CA GLU B 415 14.88 -12.00 26.42
C GLU B 415 16.35 -11.96 25.95
N GLN B 416 17.25 -11.93 26.92
CA GLN B 416 18.66 -11.98 26.65
C GLN B 416 19.00 -13.26 25.86
N ALA B 417 18.38 -14.39 26.22
CA ALA B 417 18.65 -15.63 25.47
C ALA B 417 18.07 -15.65 24.04
N ARG B 418 16.91 -14.99 23.86
CA ARG B 418 16.34 -14.88 22.54
C ARG B 418 17.34 -14.08 21.72
N SER B 419 17.71 -12.92 22.26
CA SER B 419 18.78 -12.09 21.74
C SER B 419 19.95 -12.89 21.16
N LEU B 420 20.35 -13.98 21.82
CA LEU B 420 21.49 -14.76 21.34
C LEU B 420 21.10 -15.99 20.54
N GLY B 421 19.92 -15.97 19.92
CA GLY B 421 19.51 -17.05 19.00
C GLY B 421 19.28 -18.38 19.71
N LEU B 422 18.75 -18.29 20.92
CA LEU B 422 18.52 -19.46 21.77
C LEU B 422 17.05 -19.57 22.22
N GLU B 423 16.15 -18.91 21.48
CA GLU B 423 14.71 -18.90 21.78
C GLU B 423 14.26 -20.31 22.09
N THR B 424 14.65 -21.23 21.20
CA THR B 424 14.27 -22.64 21.28
C THR B 424 15.21 -23.52 22.13
N ARG B 425 16.18 -22.93 22.83
CA ARG B 425 17.02 -23.69 23.76
C ARG B 425 16.77 -23.15 25.16
N TRP B 426 15.65 -22.47 25.34
CA TRP B 426 15.40 -21.79 26.58
C TRP B 426 15.43 -22.79 27.72
N HIS B 427 14.93 -23.99 27.48
CA HIS B 427 14.84 -24.98 28.55
C HIS B 427 16.26 -25.49 28.85
N GLN B 428 17.14 -25.36 27.87
CA GLN B 428 18.53 -25.71 28.05
C GLN B 428 19.26 -24.67 28.88
N VAL B 429 18.83 -23.44 28.74
CA VAL B 429 19.42 -22.35 29.49
C VAL B 429 19.11 -22.51 30.97
N ALA B 430 17.90 -23.00 31.25
CA ALA B 430 17.45 -23.19 32.61
C ALA B 430 18.22 -24.27 33.34
N GLN B 431 18.67 -25.27 32.62
CA GLN B 431 19.46 -26.35 33.19
C GLN B 431 20.89 -25.85 33.49
N ALA B 432 21.41 -25.06 32.57
CA ALA B 432 22.71 -24.46 32.74
C ALA B 432 22.76 -23.53 33.95
N TYR B 433 21.71 -22.77 34.17
CA TYR B 433 21.65 -21.91 35.35
C TYR B 433 21.71 -22.77 36.61
N ALA B 434 21.01 -23.91 36.63
CA ALA B 434 21.03 -24.77 37.81
C ALA B 434 22.37 -25.45 37.94
N ASP B 435 22.87 -25.99 36.83
CA ASP B 435 24.20 -26.56 36.77
C ASP B 435 25.30 -25.55 37.20
N ALA B 436 25.24 -24.33 36.70
CA ALA B 436 26.24 -23.30 37.01
C ALA B 436 26.23 -22.95 38.50
N ASN B 437 25.04 -22.83 39.05
CA ASN B 437 24.89 -22.54 40.45
C ASN B 437 25.51 -23.64 41.35
N GLN B 438 25.32 -24.92 40.98
CA GLN B 438 26.01 -26.02 41.67
C GLN B 438 27.49 -25.85 41.53
N MET B 439 27.94 -25.63 40.30
CA MET B 439 29.32 -25.36 39.98
C MET B 439 29.87 -24.24 40.81
N PHE B 440 29.07 -23.21 41.06
CA PHE B 440 29.54 -22.12 41.94
C PHE B 440 29.54 -22.45 43.46
N GLY B 441 29.11 -23.66 43.84
CA GLY B 441 29.10 -24.09 45.23
C GLY B 441 27.71 -24.20 45.82
N ASP B 442 26.71 -23.83 45.02
CA ASP B 442 25.31 -23.69 45.46
C ASP B 442 25.10 -22.42 46.30
N ILE B 443 24.84 -21.32 45.61
CA ILE B 443 24.79 -19.99 46.21
C ILE B 443 23.45 -19.28 46.08
N VAL B 444 23.41 -18.18 46.82
CA VAL B 444 22.32 -17.27 46.84
C VAL B 444 22.35 -16.43 45.58
N LYS B 445 21.23 -16.46 44.84
CA LYS B 445 21.14 -15.83 43.55
C LYS B 445 20.06 -14.78 43.60
N VAL B 446 20.56 -13.55 43.70
CA VAL B 446 19.77 -12.34 43.82
C VAL B 446 20.72 -11.23 43.36
N THR B 447 20.20 -10.10 42.91
CA THR B 447 21.04 -9.10 42.25
C THR B 447 22.16 -8.66 43.21
N PRO B 448 23.41 -8.62 42.73
CA PRO B 448 23.92 -8.92 41.39
C PRO B 448 24.51 -10.35 41.13
N SER B 449 24.54 -11.26 42.11
CA SER B 449 24.93 -12.65 41.85
C SER B 449 23.99 -13.40 40.86
N SER B 450 22.69 -13.08 40.82
CA SER B 450 21.78 -13.76 39.87
C SER B 450 22.21 -13.42 38.45
N LYS B 451 22.57 -12.16 38.26
CA LYS B 451 23.01 -11.71 36.97
C LYS B 451 24.32 -12.37 36.59
N VAL B 452 25.16 -12.66 37.57
CA VAL B 452 26.39 -13.40 37.31
C VAL B 452 26.08 -14.79 36.83
N VAL B 453 25.23 -15.50 37.56
CA VAL B 453 24.93 -16.87 37.20
C VAL B 453 24.27 -16.92 35.85
N GLY B 454 23.54 -15.84 35.53
CA GLY B 454 22.93 -15.71 34.22
C GLY B 454 23.96 -15.78 33.11
N ASP B 455 24.99 -14.97 33.19
CA ASP B 455 25.95 -14.84 32.08
C ASP B 455 26.71 -16.15 31.87
N MET B 456 26.93 -16.87 32.96
CA MET B 456 27.65 -18.15 32.89
CA MET B 456 27.67 -18.14 32.87
C MET B 456 26.82 -19.19 32.19
N ALA B 457 25.51 -19.22 32.54
CA ALA B 457 24.55 -20.15 31.91
C ALA B 457 24.46 -19.93 30.39
N LEU B 458 24.34 -18.65 30.00
CA LEU B 458 24.28 -18.30 28.61
C LEU B 458 25.51 -18.72 27.84
N MET B 459 26.67 -18.43 28.38
CA MET B 459 27.89 -18.85 27.74
C MET B 459 27.92 -20.36 27.55
N MET B 460 27.57 -21.10 28.59
CA MET B 460 27.62 -22.56 28.56
C MET B 460 26.79 -23.20 27.42
N VAL B 461 25.54 -22.79 27.28
CA VAL B 461 24.68 -23.27 26.19
C VAL B 461 25.28 -22.71 24.91
N SER B 462 25.48 -21.40 24.85
CA SER B 462 26.05 -20.74 23.67
C SER B 462 27.36 -21.39 23.17
N GLN B 463 28.38 -21.52 24.01
CA GLN B 463 29.62 -22.17 23.56
C GLN B 463 29.53 -23.71 23.75
N ASP B 464 28.30 -24.24 23.80
CA ASP B 464 28.05 -25.68 23.97
C ASP B 464 29.02 -26.36 24.95
N LEU B 465 28.98 -25.88 26.20
CA LEU B 465 29.89 -26.31 27.27
C LEU B 465 29.14 -26.88 28.48
N THR B 466 29.73 -27.91 29.11
CA THR B 466 29.18 -28.58 30.30
C THR B 466 30.01 -28.28 31.52
N VAL B 467 29.44 -28.44 32.70
CA VAL B 467 30.16 -28.19 33.95
C VAL B 467 31.53 -28.88 33.93
N ALA B 468 31.61 -30.09 33.39
CA ALA B 468 32.91 -30.77 33.29
C ALA B 468 33.91 -29.98 32.42
N ASP B 469 33.46 -29.51 31.25
CA ASP B 469 34.27 -28.63 30.38
C ASP B 469 34.72 -27.35 31.09
N VAL B 470 33.76 -26.61 31.65
CA VAL B 470 34.04 -25.24 32.13
C VAL B 470 35.26 -25.20 33.07
N VAL B 471 35.29 -26.13 34.01
CA VAL B 471 36.32 -26.19 35.04
C VAL B 471 37.40 -27.24 34.72
N SER B 472 37.53 -27.65 33.46
CA SER B 472 38.50 -28.66 33.06
C SER B 472 39.89 -28.02 32.87
N PRO B 473 40.97 -28.80 33.03
CA PRO B 473 42.32 -28.24 32.84
C PRO B 473 42.66 -27.84 31.39
N ASP B 474 42.50 -28.75 30.43
CA ASP B 474 42.87 -28.50 29.04
C ASP B 474 42.00 -27.45 28.31
N ARG B 475 40.73 -27.31 28.67
CA ARG B 475 39.77 -26.55 27.83
C ARG B 475 39.80 -25.03 28.04
N GLU B 476 40.11 -24.28 26.98
CA GLU B 476 40.19 -22.82 27.04
C GLU B 476 38.80 -22.15 27.06
N VAL B 477 38.44 -21.50 28.18
CA VAL B 477 37.18 -20.74 28.30
C VAL B 477 37.46 -19.26 28.55
N SER B 478 36.61 -18.36 28.04
CA SER B 478 36.76 -16.93 28.34
C SER B 478 35.58 -16.45 29.14
N PHE B 479 35.71 -16.54 30.46
CA PHE B 479 34.62 -16.27 31.40
C PHE B 479 34.17 -14.80 31.31
N PRO B 480 32.87 -14.53 31.53
CA PRO B 480 32.43 -13.13 31.54
C PRO B 480 33.07 -12.28 32.66
N GLU B 481 33.12 -10.97 32.43
CA GLU B 481 33.69 -10.03 33.38
C GLU B 481 32.87 -10.02 34.69
N SER B 482 31.56 -10.27 34.61
CA SER B 482 30.76 -10.53 35.80
C SER B 482 31.34 -11.67 36.62
N VAL B 483 31.61 -12.80 35.96
CA VAL B 483 32.08 -14.00 36.66
C VAL B 483 33.51 -13.83 37.19
N VAL B 484 34.41 -13.34 36.33
CA VAL B 484 35.79 -13.05 36.74
C VAL B 484 35.74 -12.19 38.03
N SER B 485 34.90 -11.16 38.04
CA SER B 485 34.88 -10.22 39.13
C SER B 485 34.38 -10.85 40.42
N MET B 486 33.43 -11.77 40.31
CA MET B 486 32.79 -12.34 41.48
C MET B 486 33.72 -13.35 42.14
N LEU B 487 34.32 -14.21 41.35
CA LEU B 487 35.31 -15.12 41.87
C LEU B 487 36.54 -14.38 42.44
N LYS B 488 36.78 -13.14 42.00
CA LYS B 488 37.82 -12.26 42.58
C LYS B 488 37.45 -11.89 44.05
N GLY B 489 36.17 -11.75 44.31
CA GLY B 489 35.71 -11.34 45.64
C GLY B 489 34.99 -9.98 45.67
N ASP B 490 34.80 -9.38 44.49
CA ASP B 490 34.12 -8.09 44.36
C ASP B 490 32.68 -8.12 44.82
N LEU B 491 32.10 -9.30 44.98
CA LEU B 491 30.69 -9.33 45.45
C LEU B 491 30.52 -9.88 46.85
N GLY B 492 31.67 -10.12 47.51
CA GLY B 492 31.76 -10.81 48.77
C GLY B 492 32.05 -12.30 48.67
N GLN B 493 31.87 -12.95 49.84
CA GLN B 493 32.23 -14.34 50.08
C GLN B 493 31.02 -15.14 50.52
N PRO B 494 30.69 -16.24 49.82
CA PRO B 494 29.67 -17.18 50.24
C PRO B 494 30.26 -18.10 51.34
N PRO B 495 29.40 -18.69 52.19
CA PRO B 495 29.73 -19.46 53.39
C PRO B 495 31.09 -20.12 53.41
N SER B 496 31.27 -21.08 52.51
CA SER B 496 32.42 -21.94 52.56
C SER B 496 33.51 -21.32 51.72
N GLY B 497 33.21 -20.23 51.02
CA GLY B 497 34.12 -19.64 50.02
C GLY B 497 33.96 -20.29 48.65
N TRP B 498 34.75 -19.82 47.67
CA TRP B 498 34.58 -20.25 46.30
C TRP B 498 35.43 -21.47 45.95
N PRO B 499 34.81 -22.52 45.34
CA PRO B 499 35.52 -23.70 44.85
C PRO B 499 36.87 -23.38 44.23
N GLU B 500 37.93 -23.95 44.82
CA GLU B 500 39.31 -23.54 44.52
C GLU B 500 39.62 -23.65 43.04
N ALA B 501 39.17 -24.73 42.41
CA ALA B 501 39.58 -25.07 41.05
C ALA B 501 39.05 -24.08 40.03
N LEU B 502 37.76 -23.81 40.10
CA LEU B 502 37.09 -22.93 39.14
C LEU B 502 37.65 -21.51 39.21
N GLN B 503 37.85 -21.05 40.45
CA GLN B 503 38.38 -19.71 40.72
C GLN B 503 39.75 -19.49 40.11
N LYS B 504 40.63 -20.47 40.29
CA LYS B 504 42.01 -20.39 39.83
C LYS B 504 42.17 -20.34 38.32
N LYS B 505 41.19 -20.90 37.60
CA LYS B 505 41.21 -20.96 36.14
C LYS B 505 40.50 -19.73 35.59
N ALA B 506 39.39 -19.37 36.18
CA ALA B 506 38.77 -18.11 35.84
C ALA B 506 39.81 -17.00 35.98
N LEU B 507 40.49 -17.02 37.12
CA LEU B 507 41.46 -15.98 37.48
C LEU B 507 42.51 -15.69 36.41
N LYS B 508 43.02 -16.74 35.77
CA LYS B 508 44.04 -16.63 34.73
C LYS B 508 45.35 -16.02 35.25
N GLY B 509 45.70 -16.32 36.50
CA GLY B 509 46.88 -15.75 37.14
C GLY B 509 46.53 -14.82 38.29
N GLU B 510 45.41 -14.10 38.19
CA GLU B 510 45.12 -13.06 39.17
C GLU B 510 44.76 -13.68 40.53
N LYS B 511 45.14 -12.98 41.61
CA LYS B 511 44.93 -13.45 42.99
C LYS B 511 43.57 -13.03 43.53
N PRO B 512 42.88 -13.93 44.26
CA PRO B 512 41.64 -13.58 44.87
C PRO B 512 41.88 -12.86 46.16
N TYR B 513 40.91 -12.05 46.60
CA TYR B 513 40.91 -11.51 47.97
C TYR B 513 39.64 -11.94 48.67
N THR B 514 39.78 -12.43 49.90
CA THR B 514 38.59 -12.80 50.69
C THR B 514 38.22 -11.75 51.75
N VAL B 515 38.87 -10.59 51.71
CA VAL B 515 38.49 -9.44 52.52
C VAL B 515 37.22 -8.81 51.94
N ARG B 516 36.36 -8.28 52.81
CA ARG B 516 35.20 -7.51 52.39
C ARG B 516 35.63 -6.37 51.47
N PRO B 517 35.07 -6.30 50.24
CA PRO B 517 35.49 -5.33 49.21
C PRO B 517 35.69 -3.87 49.63
N GLY B 518 34.81 -3.35 50.49
CA GLY B 518 34.88 -1.94 50.90
C GLY B 518 35.98 -1.67 51.91
N SER B 519 36.54 -2.74 52.47
CA SER B 519 37.83 -2.67 53.16
C SER B 519 39.03 -2.65 52.19
N LEU B 520 38.77 -2.55 50.88
CA LEU B 520 39.85 -2.31 49.91
C LEU B 520 39.63 -1.04 49.11
N LEU B 521 38.39 -0.77 48.68
CA LEU B 521 38.11 0.45 47.93
C LEU B 521 38.60 1.66 48.75
N LYS B 522 39.22 2.65 48.11
CA LYS B 522 39.66 3.87 48.82
C LYS B 522 38.39 4.70 48.99
N GLU B 523 38.34 5.53 50.03
CA GLU B 523 37.26 6.50 50.17
C GLU B 523 37.34 7.42 48.95
N ALA B 524 36.18 7.75 48.40
CA ALA B 524 36.06 8.70 47.31
C ALA B 524 36.24 10.12 47.87
N ASP B 525 36.77 11.06 47.08
CA ASP B 525 36.82 12.45 47.48
C ASP B 525 35.50 13.11 47.06
N LEU B 526 34.52 13.17 47.98
CA LEU B 526 33.25 13.86 47.71
C LEU B 526 33.53 15.27 47.16
N ASP B 527 34.35 16.04 47.89
CA ASP B 527 34.71 17.40 47.47
C ASP B 527 35.19 17.42 45.98
N ALA B 528 36.08 16.48 45.62
CA ALA B 528 36.66 16.40 44.26
C ALA B 528 35.79 15.69 43.20
N GLU B 529 35.16 14.60 43.60
CA GLU B 529 34.27 13.89 42.69
C GLU B 529 33.09 14.76 42.32
N ARG B 530 32.77 15.70 43.20
CA ARG B 530 31.69 16.63 43.00
C ARG B 530 32.07 17.73 42.03
N LYS B 531 33.31 18.23 42.11
CA LYS B 531 33.79 19.23 41.15
C LYS B 531 33.79 18.69 39.70
N VAL B 532 34.03 17.38 39.56
CA VAL B 532 34.03 16.71 38.25
C VAL B 532 32.67 16.73 37.57
N ILE B 533 31.60 16.43 38.31
CA ILE B 533 30.23 16.44 37.76
C ILE B 533 29.72 17.87 37.57
N GLU B 534 30.17 18.78 38.46
CA GLU B 534 29.72 20.17 38.40
C GLU B 534 30.38 20.92 37.26
N LYS B 535 31.57 20.43 36.85
CA LYS B 535 32.35 21.03 35.77
C LYS B 535 32.13 20.32 34.42
N LYS B 536 31.74 19.04 34.47
CA LYS B 536 31.16 18.36 33.31
C LYS B 536 29.81 18.99 32.95
N LEU B 537 29.08 19.48 33.94
CA LEU B 537 27.76 20.07 33.71
C LEU B 537 27.78 21.59 33.70
N GLU B 538 28.90 22.22 34.11
CA GLU B 538 28.98 23.69 34.28
C GLU B 538 27.77 24.25 35.09
N ARG B 539 27.38 23.49 36.12
CA ARG B 539 26.28 23.83 37.04
C ARG B 539 26.75 23.41 38.40
N GLU B 540 26.09 23.93 39.44
CA GLU B 540 26.11 23.31 40.76
C GLU B 540 25.02 22.26 40.66
N VAL B 541 25.19 21.14 41.36
CA VAL B 541 24.17 20.11 41.42
C VAL B 541 23.76 19.97 42.86
N SER B 542 22.69 19.23 43.11
CA SER B 542 22.19 18.96 44.47
C SER B 542 22.94 17.81 45.10
N ASP B 543 22.72 17.63 46.40
CA ASP B 543 23.25 16.48 47.14
C ASP B 543 22.58 15.22 46.61
N PHE B 544 21.29 15.34 46.34
CA PHE B 544 20.53 14.30 45.65
C PHE B 544 21.16 13.97 44.28
N GLU B 545 21.27 14.92 43.37
CA GLU B 545 22.04 14.68 42.11
C GLU B 545 23.44 14.07 42.31
N PHE B 546 24.19 14.62 43.25
CA PHE B 546 25.55 14.13 43.48
C PHE B 546 25.47 12.69 43.89
N ALA B 547 24.48 12.36 44.71
CA ALA B 547 24.25 10.97 45.07
C ALA B 547 23.94 10.07 43.84
N SER B 548 23.05 10.52 42.96
CA SER B 548 22.82 9.85 41.70
C SER B 548 24.14 9.69 40.91
N TYR B 549 24.93 10.76 40.84
CA TYR B 549 26.15 10.73 40.06
C TYR B 549 27.13 9.69 40.65
N LEU B 550 27.20 9.63 41.98
CA LEU B 550 28.09 8.71 42.69
C LEU B 550 27.66 7.27 42.45
N MET B 551 26.36 7.06 42.25
CA MET B 551 25.87 5.70 42.02
C MET B 551 26.01 5.35 40.54
N TYR B 552 25.72 6.30 39.65
CA TYR B 552 25.71 6.02 38.22
C TYR B 552 26.26 7.19 37.46
N PRO B 553 27.58 7.29 37.42
CA PRO B 553 28.23 8.38 36.76
C PRO B 553 27.70 8.65 35.34
N LYS B 554 27.92 7.71 34.42
CA LYS B 554 27.52 7.92 33.01
C LYS B 554 26.01 8.13 32.95
N VAL B 555 25.28 7.26 33.62
CA VAL B 555 23.85 7.31 33.46
C VAL B 555 23.27 8.66 33.96
N PHE B 556 23.75 9.18 35.10
CA PHE B 556 23.29 10.49 35.57
C PHE B 556 23.56 11.66 34.59
N THR B 557 24.73 11.63 33.98
CA THR B 557 25.19 12.71 33.09
C THR B 557 24.38 12.78 31.79
N ASP B 558 24.21 11.62 31.18
CA ASP B 558 23.31 11.48 30.05
C ASP B 558 21.91 12.01 30.41
N PHE B 559 21.44 11.69 31.62
CA PHE B 559 20.11 12.13 32.01
C PHE B 559 20.03 13.65 32.14
N ALA B 560 21.07 14.26 32.70
CA ALA B 560 21.14 15.72 32.88
C ALA B 560 21.02 16.46 31.56
N LEU B 561 21.85 16.03 30.60
CA LEU B 561 21.82 16.57 29.23
C LEU B 561 20.42 16.46 28.68
N ALA B 562 19.90 15.24 28.64
CA ALA B 562 18.58 14.99 28.11
C ALA B 562 17.53 15.91 28.76
N SER B 563 17.56 15.98 30.11
CA SER B 563 16.66 16.88 30.88
C SER B 563 16.76 18.30 30.40
N ASP B 564 17.98 18.73 30.15
CA ASP B 564 18.23 20.05 29.63
C ASP B 564 17.66 20.25 28.22
N THR B 565 17.82 19.21 27.40
CA THR B 565 17.32 19.24 26.06
C THR B 565 15.79 19.31 26.07
N TYR B 566 15.15 18.42 26.84
CA TYR B 566 13.72 18.09 26.60
C TYR B 566 12.72 18.60 27.63
N GLY B 567 13.25 19.10 28.74
CA GLY B 567 12.44 19.59 29.85
C GLY B 567 11.86 18.53 30.75
N PRO B 568 10.80 18.92 31.47
CA PRO B 568 10.21 18.04 32.47
C PRO B 568 9.22 16.99 31.89
N VAL B 569 9.75 16.14 31.01
CA VAL B 569 8.99 15.05 30.39
C VAL B 569 8.20 14.17 31.35
N SER B 570 8.65 14.05 32.59
CA SER B 570 7.94 13.28 33.56
C SER B 570 6.52 13.79 33.78
N VAL B 571 6.20 15.02 33.41
CA VAL B 571 4.83 15.52 33.66
C VAL B 571 3.90 15.10 32.50
N LEU B 572 4.46 14.48 31.50
CA LEU B 572 3.63 14.05 30.36
C LEU B 572 2.93 12.76 30.72
N PRO B 573 1.61 12.67 30.40
CA PRO B 573 0.96 11.36 30.55
C PRO B 573 1.66 10.35 29.67
N THR B 574 1.63 9.08 30.10
CA THR B 574 2.40 7.97 29.50
C THR B 574 2.23 7.70 28.00
N PRO B 575 1.01 7.80 27.47
CA PRO B 575 0.79 7.65 26.00
C PRO B 575 1.45 8.74 25.19
N ALA B 576 1.38 9.98 25.70
CA ALA B 576 2.11 11.06 25.04
C ALA B 576 3.62 10.90 25.18
N TYR B 577 4.10 10.50 26.35
CA TYR B 577 5.53 10.23 26.51
C TYR B 577 5.99 9.19 25.50
N PHE B 578 5.31 8.05 25.41
CA PHE B 578 5.80 6.97 24.56
C PHE B 578 5.43 7.07 23.10
N TYR B 579 4.30 7.72 22.77
CA TYR B 579 3.80 7.82 21.37
C TYR B 579 3.53 9.19 20.83
N GLY B 580 3.69 10.23 21.64
CA GLY B 580 3.45 11.55 21.09
C GLY B 580 1.97 11.86 21.00
N LEU B 581 1.58 12.80 20.16
CA LEU B 581 0.20 13.23 20.06
C LEU B 581 -0.32 12.96 18.66
N ALA B 582 -1.47 12.28 18.57
CA ALA B 582 -2.09 12.04 17.28
C ALA B 582 -2.67 13.33 16.71
N ASP B 583 -2.89 13.36 15.42
CA ASP B 583 -3.38 14.55 14.74
C ASP B 583 -4.65 15.05 15.36
N GLY B 584 -4.77 16.35 15.47
CA GLY B 584 -5.90 16.97 16.11
C GLY B 584 -6.00 16.75 17.62
N GLU B 585 -5.09 16.04 18.26
CA GLU B 585 -5.27 15.69 19.65
C GLU B 585 -4.96 16.85 20.62
N GLU B 586 -5.68 16.83 21.75
CA GLU B 586 -5.55 17.82 22.82
C GLU B 586 -5.03 17.17 24.07
N LEU B 587 -4.11 17.87 24.74
CA LEU B 587 -3.45 17.31 25.90
C LEU B 587 -3.19 18.39 26.97
N PHE B 588 -3.51 18.01 28.21
CA PHE B 588 -3.42 18.83 29.42
C PHE B 588 -2.17 18.34 30.18
N ALA B 589 -1.29 19.23 30.61
CA ALA B 589 -0.20 18.82 31.50
C ALA B 589 0.25 19.96 32.38
N ASP B 590 0.83 19.62 33.52
CA ASP B 590 1.16 20.62 34.55
C ASP B 590 2.67 20.83 34.63
N ILE B 591 3.14 21.98 34.13
CA ILE B 591 4.56 22.37 34.23
C ILE B 591 4.87 22.79 35.69
N GLU B 592 4.32 23.92 36.18
CA GLU B 592 4.28 24.21 37.65
C GLU B 592 3.05 23.49 38.24
N LYS B 593 2.73 23.66 39.54
CA LYS B 593 1.60 22.91 40.13
C LYS B 593 0.25 23.57 39.83
N THR B 596 -1.03 24.42 34.42
CA THR B 596 -1.65 23.59 33.38
C THR B 596 -1.53 24.11 31.93
N LEU B 597 -0.98 23.27 31.06
CA LEU B 597 -0.90 23.59 29.63
C LEU B 597 -1.95 22.80 28.85
N VAL B 598 -2.56 23.48 27.89
CA VAL B 598 -3.38 22.87 26.84
C VAL B 598 -2.48 22.81 25.60
N ILE B 599 -2.11 21.58 25.18
CA ILE B 599 -1.32 21.37 23.95
C ILE B 599 -2.12 20.57 22.91
N VAL B 600 -2.37 21.21 21.77
CA VAL B 600 -3.02 20.61 20.63
C VAL B 600 -1.99 20.41 19.51
N ASN B 601 -1.91 19.18 18.99
CA ASN B 601 -1.25 18.91 17.72
C ASN B 601 -2.19 19.29 16.60
N GLN B 602 -1.98 20.48 16.05
CA GLN B 602 -2.66 20.93 14.85
C GLN B 602 -2.30 20.28 13.51
N ALA B 603 -1.02 20.06 13.26
CA ALA B 603 -0.57 19.52 11.99
C ALA B 603 0.88 19.16 12.01
N VAL B 604 1.36 18.45 11.02
CA VAL B 604 2.77 18.09 10.95
C VAL B 604 3.21 18.22 9.49
N SER B 605 4.26 18.98 9.17
CA SER B 605 4.69 19.14 7.75
C SER B 605 5.39 17.87 7.29
N ALA B 606 5.64 17.74 6.01
CA ALA B 606 6.61 16.77 5.49
C ALA B 606 8.03 17.16 6.04
N THR B 607 8.98 16.22 5.69
CA THR B 607 10.42 16.47 5.86
C THR B 607 10.91 17.44 4.79
N ASP B 608 11.66 18.46 5.22
CA ASP B 608 12.18 19.49 4.32
C ASP B 608 13.59 19.15 3.83
N SER B 609 14.13 20.06 3.03
CA SER B 609 15.46 19.96 2.43
C SER B 609 16.57 19.69 3.44
N GLN B 610 16.46 20.24 4.66
CA GLN B 610 17.47 20.04 5.70
C GLN B 610 17.14 18.83 6.58
N GLY B 611 16.19 18.00 6.16
CA GLY B 611 15.78 16.85 6.96
C GLY B 611 15.00 17.19 8.22
N MET B 612 14.54 18.43 8.35
CA MET B 612 13.80 18.88 9.51
C MET B 612 12.31 18.78 9.22
N VAL B 613 11.54 18.36 10.20
CA VAL B 613 10.08 18.32 10.13
C VAL B 613 9.53 19.39 11.05
N THR B 614 8.36 19.97 10.69
CA THR B 614 7.75 20.98 11.57
C THR B 614 6.36 20.58 12.09
N VAL B 615 6.22 20.61 13.40
CA VAL B 615 4.97 20.25 14.09
C VAL B 615 4.26 21.47 14.66
N PHE B 616 3.03 21.68 14.09
CA PHE B 616 2.22 22.83 14.41
C PHE B 616 1.37 22.57 15.65
N PHE B 617 1.62 23.39 16.67
CA PHE B 617 1.05 23.21 18.02
C PHE B 617 0.20 24.42 18.38
N GLU B 618 -0.76 24.20 19.28
CA GLU B 618 -1.46 25.31 19.93
C GLU B 618 -1.27 25.19 21.44
N LEU B 619 -0.47 26.10 22.00
CA LEU B 619 -0.19 26.08 23.46
C LEU B 619 -1.08 27.13 24.13
N ASN B 620 -2.03 26.68 24.96
CA ASN B 620 -2.98 27.57 25.67
C ASN B 620 -3.73 28.57 24.82
N GLY B 621 -3.97 28.24 23.56
CA GLY B 621 -4.68 29.12 22.66
C GLY B 621 -3.80 29.81 21.65
N GLN B 622 -2.47 29.70 21.81
CA GLN B 622 -1.54 30.44 20.93
C GLN B 622 -0.73 29.50 20.02
N PRO B 623 -0.35 29.94 18.80
CA PRO B 623 0.39 29.08 17.86
C PRO B 623 1.88 28.89 18.16
N ARG B 624 2.38 27.66 18.03
CA ARG B 624 3.84 27.39 18.05
C ARG B 624 4.24 26.39 16.93
N ARG B 625 5.31 26.71 16.19
CA ARG B 625 5.93 25.79 15.24
C ARG B 625 7.20 25.22 15.89
N ILE B 626 7.33 23.89 15.93
CA ILE B 626 8.53 23.26 16.51
C ILE B 626 9.14 22.31 15.49
N LYS B 627 10.42 22.60 15.10
CA LYS B 627 11.10 21.77 14.13
C LYS B 627 11.82 20.64 14.89
N VAL B 628 11.94 19.48 14.21
CA VAL B 628 12.71 18.35 14.73
C VAL B 628 13.27 17.57 13.55
N PRO B 629 14.40 16.87 13.77
CA PRO B 629 14.99 16.11 12.64
C PRO B 629 14.19 14.84 12.38
N ASP B 630 14.14 14.43 11.12
CA ASP B 630 13.47 13.20 10.73
C ASP B 630 14.54 12.15 10.83
N ARG B 631 14.53 11.41 11.93
CA ARG B 631 15.54 10.42 12.23
C ARG B 631 15.25 9.09 11.56
N ALA B 632 14.46 9.09 10.50
CA ALA B 632 14.10 7.82 9.87
C ALA B 632 15.04 7.60 8.73
N ASP C 36 -8.56 40.39 2.05
CA ASP C 36 -9.80 39.63 1.76
C ASP C 36 -9.91 38.93 0.38
N ARG C 37 -9.69 39.67 -0.71
CA ARG C 37 -9.40 39.00 -1.98
C ARG C 37 -8.35 37.94 -1.71
N ALA C 38 -7.43 38.26 -0.81
CA ALA C 38 -6.35 37.37 -0.45
C ALA C 38 -6.88 36.15 0.25
N THR C 39 -7.69 36.39 1.28
CA THR C 39 -8.30 35.31 2.05
C THR C 39 -8.96 34.30 1.11
N LYS C 40 -9.71 34.81 0.14
CA LYS C 40 -10.45 33.98 -0.81
C LYS C 40 -9.53 33.15 -1.71
N LEU C 41 -8.46 33.77 -2.21
CA LEU C 41 -7.43 33.08 -2.93
C LEU C 41 -6.80 31.99 -2.13
N LEU C 42 -6.51 32.25 -0.84
CA LEU C 42 -5.95 31.19 -0.02
C LEU C 42 -6.94 30.03 0.15
N THR C 43 -8.23 30.37 0.24
CA THR C 43 -9.27 29.37 0.36
C THR C 43 -9.32 28.48 -0.86
N TYR C 44 -9.26 29.09 -2.04
CA TYR C 44 -9.19 28.34 -3.30
C TYR C 44 -7.96 27.44 -3.27
N LEU C 45 -6.81 28.04 -3.03
CA LEU C 45 -5.57 27.30 -3.01
C LEU C 45 -5.68 26.13 -2.05
N ALA C 46 -6.37 26.35 -0.94
CA ALA C 46 -6.49 25.33 0.05
C ALA C 46 -7.37 24.21 -0.48
N ASP C 47 -8.48 24.63 -1.09
CA ASP C 47 -9.47 23.70 -1.58
C ASP C 47 -8.90 22.78 -2.64
N VAL C 48 -8.19 23.36 -3.60
CA VAL C 48 -7.62 22.57 -4.70
C VAL C 48 -6.41 21.73 -4.26
N THR C 49 -5.63 22.25 -3.33
CA THR C 49 -4.54 21.49 -2.73
C THR C 49 -5.02 20.19 -2.02
N VAL C 50 -6.11 20.30 -1.26
CA VAL C 50 -6.67 19.17 -0.51
C VAL C 50 -7.54 18.23 -1.37
N ASN C 51 -8.28 18.76 -2.33
CA ASN C 51 -9.30 18.01 -3.06
C ASN C 51 -9.05 17.95 -4.57
N GLY C 52 -8.02 18.62 -5.09
CA GLY C 52 -7.75 18.49 -6.49
C GLY C 52 -8.75 19.33 -7.25
N HIS C 53 -8.46 19.53 -8.53
CA HIS C 53 -9.37 20.24 -9.41
C HIS C 53 -10.16 19.15 -10.12
N PRO C 54 -11.48 19.37 -10.28
CA PRO C 54 -12.36 18.37 -10.88
C PRO C 54 -12.03 18.10 -12.32
N GLU C 55 -11.65 19.13 -13.07
CA GLU C 55 -11.16 18.96 -14.45
C GLU C 55 -9.80 18.33 -14.56
N ALA C 56 -9.09 18.09 -13.46
CA ALA C 56 -7.72 17.56 -13.54
C ALA C 56 -7.39 16.34 -12.69
N LYS C 57 -8.05 16.17 -11.55
CA LYS C 57 -7.65 15.13 -10.60
C LYS C 57 -7.54 13.72 -11.27
N ASP C 58 -8.38 13.39 -12.25
CA ASP C 58 -8.38 12.01 -12.76
C ASP C 58 -7.79 11.86 -14.12
N ARG C 59 -6.89 12.76 -14.49
CA ARG C 59 -6.32 12.80 -15.80
C ARG C 59 -4.81 12.82 -15.72
N PRO C 60 -4.11 12.62 -16.86
CA PRO C 60 -2.64 12.72 -16.86
C PRO C 60 -2.15 14.09 -16.32
N LYS C 61 -0.94 14.08 -15.80
CA LYS C 61 -0.43 15.19 -15.01
C LYS C 61 0.87 15.59 -15.64
N PRO C 62 1.22 16.84 -15.56
CA PRO C 62 2.40 17.29 -16.27
C PRO C 62 3.59 16.65 -15.65
N LEU C 63 4.65 16.58 -16.39
CA LEU C 63 5.86 15.99 -15.90
C LEU C 63 6.25 16.68 -14.61
N GLU C 64 6.82 15.91 -13.69
CA GLU C 64 7.26 16.50 -12.46
C GLU C 64 8.38 17.48 -12.72
N ASN C 65 9.23 17.18 -13.69
CA ASN C 65 10.39 17.99 -13.93
C ASN C 65 10.07 19.43 -14.31
N ALA C 66 9.19 19.64 -15.28
CA ALA C 66 8.50 20.92 -15.42
C ALA C 66 9.22 22.29 -15.45
N ALA C 67 10.04 22.65 -16.45
CA ALA C 67 10.46 24.11 -16.50
C ALA C 67 9.22 25.03 -16.56
N ARG C 68 8.97 25.84 -15.55
CA ARG C 68 7.96 26.87 -15.74
C ARG C 68 8.28 27.61 -17.10
N PRO C 69 7.24 27.99 -17.85
CA PRO C 69 7.46 28.82 -19.02
C PRO C 69 8.16 30.16 -18.72
N VAL C 70 9.00 30.62 -19.62
CA VAL C 70 9.64 31.91 -19.48
C VAL C 70 9.30 32.82 -20.62
N VAL C 71 8.76 33.98 -20.27
CA VAL C 71 8.47 35.07 -21.16
C VAL C 71 9.83 35.60 -21.62
N PRO C 72 10.09 35.69 -22.93
CA PRO C 72 11.32 36.33 -23.47
C PRO C 72 11.59 37.80 -23.08
N TYR C 73 12.88 38.20 -22.96
CA TYR C 73 13.30 39.62 -22.64
C TYR C 73 13.10 40.58 -23.81
N GLY C 76 15.06 45.88 -25.29
CA GLY C 76 13.68 46.11 -24.89
C GLY C 76 13.02 46.93 -25.97
N ASN C 77 12.76 48.21 -25.70
CA ASN C 77 12.38 49.24 -26.70
C ASN C 77 11.28 50.24 -26.23
N GLY C 78 10.48 50.73 -27.20
CA GLY C 78 9.02 50.95 -27.07
C GLY C 78 8.44 50.04 -28.16
N VAL C 79 7.22 50.25 -28.68
CA VAL C 79 6.73 49.37 -29.78
C VAL C 79 6.36 50.06 -31.09
N LYS C 80 6.55 49.34 -32.19
CA LYS C 80 6.39 49.85 -33.54
C LYS C 80 4.90 49.88 -33.92
N ASP C 81 4.43 50.93 -34.59
CA ASP C 81 3.04 51.06 -35.03
C ASP C 81 2.68 49.80 -35.83
N GLY C 82 1.42 49.36 -35.81
CA GLY C 82 1.02 48.28 -36.69
C GLY C 82 -0.38 48.37 -37.23
N THR C 83 -1.01 47.24 -37.47
CA THR C 83 -2.31 47.23 -38.12
C THR C 83 -3.39 47.92 -37.28
N LYS C 84 -3.22 47.92 -35.97
CA LYS C 84 -4.12 48.66 -35.10
C LYS C 84 -4.15 50.19 -35.36
N GLN C 85 -2.96 50.80 -35.40
CA GLN C 85 -2.87 52.22 -35.67
C GLN C 85 -3.42 52.46 -37.09
N LEU C 86 -3.10 51.57 -38.05
CA LEU C 86 -3.59 51.76 -39.42
C LEU C 86 -5.10 51.76 -39.50
N LEU C 87 -5.72 50.82 -38.79
CA LEU C 87 -7.14 50.73 -38.73
C LEU C 87 -7.71 51.98 -38.09
N ASP C 88 -7.13 52.41 -36.98
CA ASP C 88 -7.55 53.65 -36.37
C ASP C 88 -7.47 54.84 -37.34
N THR C 89 -6.39 54.92 -38.09
CA THR C 89 -6.19 56.00 -39.06
C THR C 89 -7.19 55.88 -40.20
N LEU C 90 -7.29 54.72 -40.83
CA LEU C 90 -8.04 54.59 -42.09
C LEU C 90 -9.54 54.32 -41.97
N GLY C 91 -9.96 53.68 -40.88
CA GLY C 91 -11.28 53.10 -40.81
C GLY C 91 -11.35 51.77 -41.54
N PRO C 92 -12.38 50.98 -41.19
CA PRO C 92 -12.52 49.62 -41.73
C PRO C 92 -12.53 49.44 -43.29
N LYS C 93 -13.31 50.25 -44.01
CA LYS C 93 -13.34 50.14 -45.46
C LYS C 93 -11.93 50.34 -46.08
N LYS C 94 -11.28 51.46 -45.76
CA LYS C 94 -9.99 51.79 -46.35
C LYS C 94 -9.02 50.78 -45.83
N PHE C 95 -9.20 50.32 -44.59
CA PHE C 95 -8.26 49.32 -44.08
C PHE C 95 -8.28 48.05 -44.89
N GLY C 96 -9.47 47.60 -45.26
CA GLY C 96 -9.56 46.40 -46.08
C GLY C 96 -8.92 46.62 -47.43
N GLU C 97 -9.08 47.81 -47.98
CA GLU C 97 -8.41 48.16 -49.24
C GLU C 97 -6.91 48.08 -49.11
N TRP C 98 -6.36 48.68 -48.06
CA TRP C 98 -4.95 48.49 -47.73
C TRP C 98 -4.49 47.00 -47.74
N MET C 99 -5.25 46.10 -47.15
CA MET C 99 -4.86 44.67 -47.20
C MET C 99 -4.79 44.16 -48.62
N ARG C 100 -5.79 44.58 -49.38
CA ARG C 100 -5.95 44.10 -50.74
C ARG C 100 -4.67 44.45 -51.51
N ASN C 101 -4.27 45.69 -51.35
CA ASN C 101 -3.20 46.26 -52.14
C ASN C 101 -1.85 45.83 -51.65
N GLU C 102 -1.80 45.38 -50.42
CA GLU C 102 -0.61 44.82 -49.88
C GLU C 102 -0.10 43.55 -50.63
N LYS C 103 1.18 43.61 -51.01
CA LYS C 103 1.87 42.51 -51.68
C LYS C 103 2.23 41.38 -50.73
N ARG C 104 2.87 41.71 -49.62
CA ARG C 104 3.17 40.71 -48.59
C ARG C 104 1.89 40.03 -48.19
N VAL C 105 1.98 38.73 -47.88
CA VAL C 105 0.82 38.03 -47.32
C VAL C 105 0.79 38.41 -45.87
N LEU C 106 -0.40 38.67 -45.38
CA LEU C 106 -0.58 39.04 -44.01
C LEU C 106 -0.86 37.79 -43.23
N LEU C 107 -0.46 37.79 -41.97
CA LEU C 107 -0.63 36.60 -41.09
C LEU C 107 -1.50 36.88 -39.85
N THR C 108 -2.41 35.98 -39.55
CA THR C 108 -3.12 35.97 -38.27
C THR C 108 -2.64 34.76 -37.47
N ASP C 109 -2.27 34.99 -36.20
CA ASP C 109 -1.87 33.94 -35.28
C ASP C 109 -3.07 33.57 -34.43
N THR C 110 -3.38 32.28 -34.42
CA THR C 110 -4.58 31.73 -33.83
C THR C 110 -4.28 30.96 -32.53
N THR C 111 -3.05 31.06 -32.06
CA THR C 111 -2.62 30.25 -30.92
C THR C 111 -3.48 30.52 -29.71
N MET C 112 -3.79 31.80 -29.51
CA MET C 112 -4.58 32.24 -28.37
C MET C 112 -6.07 31.86 -28.42
N ARG C 113 -6.54 31.30 -29.54
CA ARG C 113 -7.95 30.85 -29.65
C ARG C 113 -8.11 29.47 -30.34
N ASP C 114 -8.05 29.40 -31.66
CA ASP C 114 -8.34 28.16 -32.36
C ASP C 114 -7.36 27.08 -31.93
N GLY C 115 -6.10 27.50 -31.76
CA GLY C 115 -5.03 26.57 -31.45
C GLY C 115 -5.28 25.71 -30.20
N HIS C 116 -5.60 26.34 -29.08
CA HIS C 116 -5.85 25.55 -27.85
C HIS C 116 -7.29 25.03 -27.81
N GLN C 117 -8.17 25.73 -28.53
CA GLN C 117 -9.53 25.20 -28.71
C GLN C 117 -9.50 23.86 -29.43
N SER C 118 -8.72 23.77 -30.49
CA SER C 118 -8.56 22.53 -31.20
C SER C 118 -7.73 21.48 -30.45
N LEU C 119 -6.74 21.85 -29.69
CA LEU C 119 -5.88 20.80 -29.13
C LEU C 119 -6.05 20.58 -27.67
N LEU C 120 -6.63 21.51 -26.94
CA LEU C 120 -6.62 21.33 -25.50
C LEU C 120 -7.96 21.71 -24.87
N ALA C 121 -9.05 21.47 -25.62
CA ALA C 121 -10.42 21.68 -25.16
C ALA C 121 -10.66 23.12 -24.66
N THR C 122 -9.97 24.06 -25.28
CA THR C 122 -10.09 25.45 -24.94
C THR C 122 -9.76 25.82 -23.49
N ARG C 123 -8.96 25.00 -22.82
CA ARG C 123 -8.68 25.22 -21.40
C ARG C 123 -7.51 26.21 -21.10
N MET C 124 -6.89 26.74 -22.14
CA MET C 124 -5.78 27.65 -21.93
C MET C 124 -6.21 28.90 -21.11
N ARG C 125 -5.39 29.22 -20.12
CA ARG C 125 -5.76 30.26 -19.17
C ARG C 125 -5.22 31.63 -19.52
N THR C 126 -5.96 32.63 -19.10
CA THR C 126 -5.51 34.02 -19.14
C THR C 126 -4.06 34.26 -18.66
N TYR C 127 -3.63 33.65 -17.56
CA TYR C 127 -2.31 33.89 -17.05
C TYR C 127 -1.27 33.58 -18.13
N ASP C 128 -1.50 32.56 -18.94
CA ASP C 128 -0.48 32.16 -19.89
C ASP C 128 -0.63 32.98 -21.17
N ILE C 129 -1.86 33.30 -21.52
CA ILE C 129 -2.15 34.04 -22.71
C ILE C 129 -1.68 35.48 -22.58
N ALA C 130 -2.01 36.12 -21.48
CA ALA C 130 -1.65 37.51 -21.28
C ALA C 130 -0.15 37.76 -21.16
N ARG C 131 0.59 36.90 -20.47
CA ARG C 131 2.03 37.13 -20.28
C ARG C 131 2.82 37.24 -21.60
N ILE C 132 2.29 36.78 -22.73
CA ILE C 132 3.05 36.71 -23.95
C ILE C 132 2.63 37.77 -24.98
N ALA C 133 1.55 38.50 -24.67
CA ALA C 133 1.03 39.49 -25.59
C ALA C 133 2.08 40.60 -25.94
N GLY C 134 2.72 41.16 -24.92
CA GLY C 134 3.83 42.13 -25.08
C GLY C 134 4.95 41.63 -26.00
N THR C 135 5.35 40.37 -25.83
CA THR C 135 6.40 39.78 -26.61
C THR C 135 6.01 39.75 -28.05
N TYR C 136 4.76 39.35 -28.33
CA TYR C 136 4.23 39.44 -29.71
C TYR C 136 4.25 40.89 -30.16
N SER C 137 3.86 41.78 -29.26
CA SER C 137 3.78 43.18 -29.57
C SER C 137 5.18 43.75 -29.99
N HIS C 138 6.24 43.37 -29.26
CA HIS C 138 7.58 43.88 -29.59
C HIS C 138 8.27 43.12 -30.72
N ALA C 139 8.03 41.81 -30.77
CA ALA C 139 8.82 40.92 -31.60
C ALA C 139 8.23 40.70 -32.97
N LEU C 140 6.90 40.74 -33.13
CA LEU C 140 6.27 40.50 -34.43
C LEU C 140 5.24 41.62 -34.77
N PRO C 141 5.70 42.86 -34.77
CA PRO C 141 4.77 43.99 -34.94
C PRO C 141 4.00 44.01 -36.27
N ASN C 142 4.55 43.28 -37.26
CA ASN C 142 4.03 43.07 -38.62
C ASN C 142 2.81 42.17 -38.81
N LEU C 143 2.46 41.45 -37.75
CA LEU C 143 1.33 40.54 -37.79
C LEU C 143 0.06 41.30 -38.08
N LEU C 144 -0.85 40.66 -38.80
CA LEU C 144 -2.13 41.26 -39.09
C LEU C 144 -2.97 41.33 -37.85
N SER C 145 -3.11 40.19 -37.18
CA SER C 145 -3.95 40.15 -36.02
C SER C 145 -3.58 38.99 -35.12
N LEU C 146 -4.02 39.08 -33.87
CA LEU C 146 -4.02 37.97 -32.96
C LEU C 146 -5.45 37.44 -32.81
N GLU C 147 -5.72 36.20 -33.24
CA GLU C 147 -7.04 35.62 -32.95
C GLU C 147 -7.03 35.12 -31.53
N CYS C 148 -7.79 35.78 -30.65
CA CYS C 148 -7.59 35.64 -29.21
C CYS C 148 -8.90 35.63 -28.40
N TRP C 149 -10.03 35.48 -29.08
CA TRP C 149 -11.33 35.67 -28.41
C TRP C 149 -12.48 35.11 -29.22
N GLY C 150 -13.61 34.88 -28.56
CA GLY C 150 -14.78 34.30 -29.20
C GLY C 150 -14.58 32.81 -29.35
N GLY C 151 -15.33 32.20 -30.27
CA GLY C 151 -15.36 30.77 -30.36
C GLY C 151 -15.80 30.26 -29.00
N ALA C 152 -15.24 29.11 -28.60
CA ALA C 152 -15.57 28.45 -27.33
C ALA C 152 -14.98 29.11 -26.07
N THR C 153 -14.07 30.10 -26.24
CA THR C 153 -13.35 30.69 -25.13
C THR C 153 -14.27 31.44 -24.20
N PHE C 154 -15.33 32.04 -24.74
CA PHE C 154 -16.21 32.84 -23.89
C PHE C 154 -16.90 31.96 -22.82
N ASP C 155 -17.42 30.81 -23.30
CA ASP C 155 -18.06 29.85 -22.45
C ASP C 155 -17.07 29.23 -21.46
N VAL C 156 -16.05 28.58 -22.03
CA VAL C 156 -15.08 27.80 -21.24
C VAL C 156 -14.35 28.57 -20.16
N SER C 157 -13.94 29.79 -20.48
CA SER C 157 -13.28 30.64 -19.49
C SER C 157 -14.11 30.71 -18.21
N MET C 158 -15.37 31.11 -18.32
CA MET C 158 -16.23 31.11 -17.13
C MET C 158 -16.51 29.75 -16.53
N ARG C 159 -17.00 28.82 -17.35
CA ARG C 159 -17.55 27.54 -16.87
C ARG C 159 -16.47 26.65 -16.30
N PHE C 160 -15.33 26.55 -16.96
CA PHE C 160 -14.32 25.62 -16.54
C PHE C 160 -13.08 26.22 -15.85
N LEU C 161 -12.76 27.50 -16.09
CA LEU C 161 -11.51 28.12 -15.57
C LEU C 161 -11.79 29.21 -14.54
N THR C 162 -13.06 29.47 -14.28
CA THR C 162 -13.42 30.49 -13.29
C THR C 162 -12.67 31.84 -13.55
N GLU C 163 -12.71 32.29 -14.79
CA GLU C 163 -12.10 33.55 -15.12
C GLU C 163 -12.92 34.28 -16.18
N ASP C 164 -12.74 35.58 -16.23
CA ASP C 164 -13.64 36.47 -16.93
C ASP C 164 -13.02 36.68 -18.33
N PRO C 165 -13.82 36.47 -19.39
CA PRO C 165 -13.31 36.62 -20.75
C PRO C 165 -13.06 38.09 -21.13
N TRP C 166 -13.69 39.03 -20.43
CA TRP C 166 -13.47 40.45 -20.74
C TRP C 166 -12.12 40.93 -20.21
N GLU C 167 -11.83 40.56 -18.98
CA GLU C 167 -10.54 40.79 -18.39
C GLU C 167 -9.46 40.17 -19.29
N ARG C 168 -9.70 38.93 -19.76
CA ARG C 168 -8.73 38.34 -20.66
C ARG C 168 -8.42 39.30 -21.82
N LEU C 169 -9.47 39.72 -22.49
CA LEU C 169 -9.34 40.62 -23.61
C LEU C 169 -8.61 41.92 -23.25
N ALA C 170 -9.03 42.56 -22.16
CA ALA C 170 -8.39 43.82 -21.67
C ALA C 170 -6.88 43.61 -21.50
N LEU C 171 -6.48 42.46 -20.96
CA LEU C 171 -5.07 42.24 -20.68
C LEU C 171 -4.28 42.08 -21.96
N ILE C 172 -4.89 41.46 -22.94
CA ILE C 172 -4.27 41.34 -24.25
C ILE C 172 -4.19 42.66 -24.95
N ARG C 173 -5.31 43.39 -24.96
CA ARG C 173 -5.37 44.75 -25.50
C ARG C 173 -4.22 45.65 -24.99
N GLU C 174 -4.05 45.64 -23.69
CA GLU C 174 -3.01 46.37 -23.04
C GLU C 174 -1.60 45.87 -23.42
N GLY C 175 -1.40 44.55 -23.58
CA GLY C 175 -0.09 44.04 -23.95
C GLY C 175 0.30 44.24 -25.42
N ALA C 176 -0.71 44.28 -26.30
CA ALA C 176 -0.47 44.47 -27.70
C ALA C 176 -1.29 45.65 -28.28
N PRO C 177 -0.89 46.92 -27.97
CA PRO C 177 -1.64 48.08 -28.51
C PRO C 177 -1.40 48.33 -29.98
N ASN C 178 -0.48 47.60 -30.59
CA ASN C 178 -0.15 47.79 -32.01
C ASN C 178 -0.72 46.79 -32.97
N LEU C 179 -1.30 45.71 -32.46
CA LEU C 179 -1.86 44.64 -33.32
C LEU C 179 -3.39 44.57 -33.25
N LEU C 180 -4.01 44.15 -34.33
CA LEU C 180 -5.46 43.94 -34.33
C LEU C 180 -5.79 42.70 -33.52
N LEU C 181 -6.80 42.81 -32.66
CA LEU C 181 -7.29 41.69 -31.89
C LEU C 181 -8.52 41.15 -32.60
N GLN C 182 -8.50 39.85 -32.87
CA GLN C 182 -9.52 39.22 -33.66
C GLN C 182 -10.36 38.19 -32.86
N MET C 183 -11.68 38.23 -33.11
CA MET C 183 -12.61 37.29 -32.53
C MET C 183 -13.32 36.47 -33.60
N LEU C 184 -13.86 35.33 -33.16
CA LEU C 184 -14.72 34.52 -33.95
C LEU C 184 -16.09 34.69 -33.41
N LEU C 185 -16.97 35.25 -34.25
CA LEU C 185 -18.33 35.53 -33.89
C LEU C 185 -19.25 34.63 -34.70
N ARG C 186 -20.12 33.89 -34.01
CA ARG C 186 -20.95 32.85 -34.67
C ARG C 186 -22.25 33.40 -35.25
N GLY C 187 -22.21 34.57 -35.85
CA GLY C 187 -23.37 35.14 -36.54
C GLY C 187 -24.45 35.30 -35.54
N ALA C 188 -25.66 34.86 -35.88
CA ALA C 188 -26.80 34.94 -34.98
C ALA C 188 -26.68 34.09 -33.71
N ASN C 189 -25.63 33.28 -33.63
CA ASN C 189 -25.40 32.49 -32.43
C ASN C 189 -24.46 33.17 -31.45
N GLY C 190 -23.90 34.33 -31.82
CA GLY C 190 -22.99 35.07 -30.94
C GLY C 190 -21.84 34.23 -30.43
N VAL C 191 -21.77 34.06 -29.11
CA VAL C 191 -20.76 33.14 -28.53
C VAL C 191 -21.37 31.92 -27.84
N GLY C 192 -22.67 31.71 -28.11
CA GLY C 192 -23.43 30.56 -27.65
C GLY C 192 -23.70 29.59 -28.79
N TYR C 193 -24.84 28.88 -28.69
CA TYR C 193 -25.21 27.73 -29.55
C TYR C 193 -26.61 27.84 -30.15
N THR C 194 -27.37 28.86 -29.76
CA THR C 194 -28.74 29.08 -30.25
C THR C 194 -28.75 30.40 -30.94
N ASN C 195 -29.68 30.60 -31.86
CA ASN C 195 -29.99 31.95 -32.35
C ASN C 195 -30.64 32.82 -31.22
N TYR C 196 -30.19 34.07 -31.08
CA TYR C 196 -30.68 34.98 -30.01
C TYR C 196 -31.51 36.12 -30.58
N PRO C 197 -32.24 36.85 -29.72
CA PRO C 197 -32.92 38.05 -30.26
C PRO C 197 -31.92 39.03 -30.87
N ASP C 198 -32.40 39.85 -31.80
CA ASP C 198 -31.52 40.79 -32.52
C ASP C 198 -30.88 41.79 -31.60
N ASN C 199 -31.64 42.31 -30.65
CA ASN C 199 -31.08 43.32 -29.78
C ASN C 199 -29.98 42.76 -28.90
N VAL C 200 -30.06 41.47 -28.60
CA VAL C 200 -29.00 40.81 -27.82
C VAL C 200 -27.72 40.70 -28.63
N VAL C 201 -27.85 40.36 -29.91
CA VAL C 201 -26.70 40.20 -30.79
C VAL C 201 -25.97 41.55 -30.91
N LYS C 202 -26.73 42.59 -31.25
CA LYS C 202 -26.26 43.97 -31.35
C LYS C 202 -25.58 44.40 -30.07
N TYR C 203 -26.20 44.10 -28.94
CA TYR C 203 -25.67 44.52 -27.65
C TYR C 203 -24.32 43.87 -27.48
N PHE C 204 -24.27 42.55 -27.72
CA PHE C 204 -23.06 41.83 -27.47
C PHE C 204 -21.93 42.38 -28.34
N VAL C 205 -22.24 42.64 -29.59
CA VAL C 205 -21.26 43.21 -30.51
C VAL C 205 -20.79 44.61 -30.06
N ARG C 206 -21.72 45.50 -29.69
CA ARG C 206 -21.37 46.81 -29.10
C ARG C 206 -20.30 46.54 -28.03
N GLN C 207 -20.59 45.66 -27.07
CA GLN C 207 -19.67 45.44 -25.96
C GLN C 207 -18.32 44.84 -26.35
N ALA C 208 -18.34 43.87 -27.25
CA ALA C 208 -17.12 43.31 -27.83
C ALA C 208 -16.19 44.39 -28.41
N ALA C 209 -16.78 45.35 -29.12
CA ALA C 209 -16.01 46.45 -29.71
C ALA C 209 -15.50 47.30 -28.56
N LYS C 210 -16.39 47.71 -27.69
CA LYS C 210 -16.00 48.48 -26.50
C LYS C 210 -14.88 47.77 -25.75
N GLY C 211 -14.86 46.45 -25.76
CA GLY C 211 -13.87 45.70 -25.00
C GLY C 211 -12.52 45.47 -25.67
N GLY C 212 -12.36 45.81 -26.95
CA GLY C 212 -11.03 45.74 -27.59
C GLY C 212 -10.93 44.95 -28.86
N ILE C 213 -12.03 44.33 -29.28
CA ILE C 213 -12.00 43.58 -30.54
C ILE C 213 -12.04 44.54 -31.72
N ASP C 214 -11.11 44.35 -32.66
CA ASP C 214 -11.02 45.19 -33.83
C ASP C 214 -11.57 44.48 -35.06
N LEU C 215 -11.46 43.15 -35.08
CA LEU C 215 -11.65 42.37 -36.29
C LEU C 215 -12.57 41.20 -35.98
N PHE C 216 -13.82 41.34 -36.43
CA PHE C 216 -14.80 40.32 -36.23
C PHE C 216 -14.83 39.40 -37.45
N ARG C 217 -14.45 38.14 -37.27
CA ARG C 217 -14.75 37.10 -38.27
C ARG C 217 -16.08 36.48 -37.92
N VAL C 218 -17.08 36.78 -38.75
CA VAL C 218 -18.44 36.36 -38.49
C VAL C 218 -18.85 35.32 -39.49
N PHE C 219 -19.44 34.23 -38.98
CA PHE C 219 -19.86 33.14 -39.82
C PHE C 219 -21.25 32.70 -39.37
N ASP C 220 -22.01 32.16 -40.33
CA ASP C 220 -23.27 31.44 -40.08
C ASP C 220 -23.07 29.96 -40.47
N CYS C 221 -23.50 29.09 -39.59
CA CYS C 221 -23.29 27.64 -39.73
C CYS C 221 -23.90 26.95 -40.96
N LEU C 222 -24.80 27.62 -41.70
CA LEU C 222 -25.31 27.15 -43.01
C LEU C 222 -24.96 28.06 -44.20
N ASN C 223 -24.05 28.99 -44.01
CA ASN C 223 -23.75 29.99 -45.04
C ASN C 223 -25.02 30.73 -45.53
N TRP C 224 -25.91 31.13 -44.63
CA TRP C 224 -27.12 31.85 -45.01
C TRP C 224 -26.93 33.37 -44.79
N VAL C 225 -26.74 34.11 -45.87
CA VAL C 225 -26.40 35.54 -45.80
C VAL C 225 -27.46 36.29 -44.96
N GLU C 226 -28.74 36.03 -45.24
CA GLU C 226 -29.85 36.70 -44.56
C GLU C 226 -29.64 36.68 -43.05
N ASN C 227 -29.23 35.52 -42.55
CA ASN C 227 -29.06 35.31 -41.14
C ASN C 227 -27.81 35.97 -40.58
N MET C 228 -26.94 36.53 -41.45
CA MET C 228 -25.73 37.24 -41.01
C MET C 228 -25.89 38.77 -40.98
N ARG C 229 -26.95 39.30 -41.55
CA ARG C 229 -27.03 40.74 -41.73
C ARG C 229 -26.98 41.51 -40.44
N VAL C 230 -27.73 41.04 -39.45
CA VAL C 230 -27.80 41.72 -38.16
C VAL C 230 -26.41 41.92 -37.58
N SER C 231 -25.63 40.83 -37.50
CA SER C 231 -24.24 40.87 -37.04
C SER C 231 -23.34 41.78 -37.88
N MET C 232 -23.33 41.57 -39.18
CA MET C 232 -22.54 42.43 -40.06
C MET C 232 -22.91 43.91 -39.91
N ASP C 233 -24.20 44.19 -39.88
CA ASP C 233 -24.66 45.56 -39.64
C ASP C 233 -24.17 46.11 -38.33
N ALA C 234 -24.13 45.26 -37.30
CA ALA C 234 -23.79 45.78 -35.99
C ALA C 234 -22.30 46.06 -35.98
N ILE C 235 -21.51 45.16 -36.55
CA ILE C 235 -20.09 45.34 -36.59
C ILE C 235 -19.75 46.69 -37.27
N ALA C 236 -20.40 46.97 -38.39
CA ALA C 236 -20.04 48.13 -39.21
C ALA C 236 -20.40 49.38 -38.43
N GLU C 237 -21.55 49.27 -37.75
CA GLU C 237 -22.11 50.31 -36.89
C GLU C 237 -21.12 50.72 -35.80
N GLU C 238 -20.45 49.74 -35.21
CA GLU C 238 -19.39 50.03 -34.24
C GLU C 238 -18.10 50.45 -34.92
N ASN C 239 -18.10 50.58 -36.26
CA ASN C 239 -16.94 50.99 -37.02
C ASN C 239 -15.74 50.06 -36.87
N LYS C 240 -16.00 48.76 -36.76
CA LYS C 240 -14.93 47.78 -36.71
C LYS C 240 -14.93 46.96 -37.98
N LEU C 241 -13.92 46.09 -38.13
CA LEU C 241 -13.78 45.26 -39.32
C LEU C 241 -14.75 44.11 -39.33
N CYS C 242 -15.62 44.12 -40.33
CA CYS C 242 -16.51 43.04 -40.64
C CYS C 242 -15.90 42.12 -41.69
N GLU C 243 -15.29 41.03 -41.24
CA GLU C 243 -14.73 39.97 -42.09
C GLU C 243 -15.78 38.84 -42.13
N ALA C 244 -16.58 38.85 -43.19
CA ALA C 244 -17.66 37.92 -43.38
C ALA C 244 -17.14 36.61 -43.94
N ALA C 245 -17.36 35.52 -43.23
CA ALA C 245 -16.78 34.27 -43.69
C ALA C 245 -17.78 33.44 -44.49
N ILE C 246 -17.19 32.69 -45.41
CA ILE C 246 -17.85 31.64 -46.13
C ILE C 246 -17.23 30.30 -45.73
N CYS C 247 -18.05 29.41 -45.16
CA CYS C 247 -17.55 28.10 -44.69
C CYS C 247 -17.36 27.20 -45.88
N TYR C 248 -16.22 26.55 -45.93
CA TYR C 248 -15.92 25.68 -47.05
C TYR C 248 -16.29 24.26 -46.71
N THR C 249 -17.04 23.61 -47.60
CA THR C 249 -17.35 22.21 -47.48
C THR C 249 -17.32 21.55 -48.84
N GLY C 250 -17.29 20.23 -48.87
CA GLY C 250 -17.27 19.50 -50.13
C GLY C 250 -15.93 19.63 -50.87
N ASP C 251 -15.99 19.79 -52.18
CA ASP C 251 -14.82 19.75 -53.03
C ASP C 251 -15.24 20.39 -54.35
N ILE C 252 -14.82 21.62 -54.58
CA ILE C 252 -15.08 22.29 -55.84
C ILE C 252 -14.60 21.59 -57.08
N LEU C 253 -13.54 20.78 -57.00
CA LEU C 253 -13.02 20.13 -58.20
C LEU C 253 -13.61 18.78 -58.49
N ASN C 254 -14.65 18.44 -57.77
CA ASN C 254 -15.27 17.16 -57.99
C ASN C 254 -16.65 17.40 -58.53
N SER C 255 -16.77 17.32 -59.84
CA SER C 255 -18.07 17.51 -60.50
C SER C 255 -19.14 16.52 -60.05
N ALA C 256 -18.76 15.39 -59.50
CA ALA C 256 -19.76 14.52 -58.89
C ALA C 256 -20.37 15.08 -57.62
N ARG C 257 -19.90 16.22 -57.10
CA ARG C 257 -20.58 16.81 -55.94
C ARG C 257 -20.98 18.27 -56.22
N PRO C 258 -21.94 18.48 -57.12
CA PRO C 258 -22.18 19.80 -57.76
C PRO C 258 -22.64 20.95 -56.83
N LYS C 259 -23.20 20.61 -55.69
CA LYS C 259 -23.80 21.57 -54.79
C LYS C 259 -22.82 22.65 -54.35
N TYR C 260 -21.64 22.23 -53.93
CA TYR C 260 -20.70 23.14 -53.39
C TYR C 260 -19.62 23.30 -54.43
N ASP C 261 -19.95 23.95 -55.54
CA ASP C 261 -19.05 24.16 -56.68
C ASP C 261 -18.49 25.57 -56.62
N LEU C 262 -17.71 25.98 -57.60
CA LEU C 262 -16.97 27.27 -57.51
C LEU C 262 -17.92 28.46 -57.46
N LYS C 263 -19.00 28.39 -58.24
CA LYS C 263 -19.99 29.49 -58.34
C LYS C 263 -20.72 29.69 -57.03
N TYR C 264 -20.95 28.61 -56.28
CA TYR C 264 -21.52 28.71 -54.94
C TYR C 264 -20.75 29.70 -54.09
N TYR C 265 -19.43 29.55 -54.08
CA TYR C 265 -18.58 30.42 -53.28
C TYR C 265 -18.43 31.85 -53.85
N THR C 266 -18.16 32.01 -55.14
CA THR C 266 -18.14 33.37 -55.73
C THR C 266 -19.45 34.12 -55.60
N ASN C 267 -20.56 33.41 -55.70
CA ASN C 267 -21.86 34.08 -55.50
C ASN C 267 -21.96 34.60 -54.08
N LEU C 268 -21.57 33.75 -53.13
CA LEU C 268 -21.59 34.16 -51.71
C LEU C 268 -20.70 35.38 -51.44
N ALA C 269 -19.57 35.43 -52.13
CA ALA C 269 -18.62 36.52 -51.89
C ALA C 269 -19.24 37.80 -52.28
N VAL C 270 -19.93 37.75 -53.42
CA VAL C 270 -20.59 38.92 -53.95
C VAL C 270 -21.72 39.34 -53.05
N GLU C 271 -22.44 38.38 -52.50
CA GLU C 271 -23.58 38.73 -51.63
C GLU C 271 -23.03 39.35 -50.34
N LEU C 272 -21.98 38.77 -49.81
CA LEU C 272 -21.44 39.26 -48.57
C LEU C 272 -20.84 40.69 -48.71
N GLU C 273 -20.28 41.01 -49.88
CA GLU C 273 -19.83 42.39 -50.22
C GLU C 273 -21.03 43.31 -50.30
N LYS C 274 -22.02 42.91 -51.10
CA LYS C 274 -23.29 43.63 -51.15
C LYS C 274 -23.82 43.89 -49.73
N ALA C 275 -23.64 42.95 -48.79
CA ALA C 275 -24.19 43.11 -47.45
C ALA C 275 -23.27 43.93 -46.54
N GLY C 276 -22.13 44.37 -47.05
CA GLY C 276 -21.30 45.37 -46.34
C GLY C 276 -19.99 44.87 -45.75
N ALA C 277 -19.52 43.70 -46.14
CA ALA C 277 -18.28 43.18 -45.56
C ALA C 277 -17.06 44.05 -45.93
N HIS C 278 -16.06 44.06 -45.05
CA HIS C 278 -14.82 44.80 -45.28
C HIS C 278 -13.70 43.84 -45.76
N ILE C 279 -13.87 42.56 -45.40
CA ILE C 279 -12.93 41.48 -45.77
C ILE C 279 -13.81 40.25 -45.93
N ILE C 280 -13.40 39.35 -46.82
CA ILE C 280 -14.12 38.07 -47.00
C ILE C 280 -13.22 36.98 -46.52
N ALA C 281 -13.76 36.11 -45.69
CA ALA C 281 -12.97 34.98 -45.33
C ALA C 281 -13.52 33.70 -45.94
N VAL C 282 -12.62 32.75 -46.10
CA VAL C 282 -12.97 31.39 -46.41
C VAL C 282 -12.65 30.63 -45.14
N KCX C 283 -13.67 30.11 -44.46
CA KCX C 283 -13.46 29.40 -43.19
CB KCX C 283 -14.51 29.81 -42.13
CG KCX C 283 -14.33 29.11 -40.76
CD KCX C 283 -15.40 29.45 -39.69
CE KCX C 283 -15.21 28.73 -38.35
NZ KCX C 283 -14.02 28.98 -37.52
C KCX C 283 -13.52 27.95 -43.55
O KCX C 283 -14.59 27.39 -43.74
CX KCX C 283 -12.93 28.20 -37.30
OQ1 KCX C 283 -12.76 27.18 -37.85
OQ2 KCX C 283 -12.18 28.84 -36.46
N ASP C 284 -12.37 27.32 -43.66
CA ASP C 284 -12.27 25.89 -43.96
C ASP C 284 -12.19 25.14 -42.63
N MET C 285 -13.33 24.99 -41.94
CA MET C 285 -13.35 24.59 -40.51
C MET C 285 -12.88 23.17 -40.25
N ALA C 286 -13.03 22.35 -41.28
CA ALA C 286 -12.58 20.93 -41.20
C ALA C 286 -11.32 20.62 -42.04
N GLY C 287 -10.71 21.63 -42.62
CA GLY C 287 -9.43 21.40 -43.34
C GLY C 287 -9.60 20.57 -44.61
N LEU C 288 -10.62 20.89 -45.37
CA LEU C 288 -11.04 20.12 -46.54
C LEU C 288 -10.54 20.73 -47.84
N LEU C 289 -10.19 22.00 -47.84
CA LEU C 289 -9.64 22.60 -49.04
C LEU C 289 -8.26 22.02 -49.40
N LYS C 290 -8.19 21.51 -50.62
CA LYS C 290 -7.00 20.93 -51.16
C LYS C 290 -6.28 21.90 -52.04
N PRO C 291 -4.99 21.73 -52.19
CA PRO C 291 -4.19 22.79 -52.84
C PRO C 291 -4.62 23.18 -54.26
N ALA C 292 -4.97 22.21 -55.08
CA ALA C 292 -5.39 22.54 -56.45
C ALA C 292 -6.66 23.36 -56.38
N ALA C 293 -7.59 22.97 -55.51
CA ALA C 293 -8.82 23.72 -55.29
C ALA C 293 -8.53 25.14 -54.83
N ALA C 294 -7.53 25.29 -53.99
CA ALA C 294 -7.22 26.60 -53.48
C ALA C 294 -6.81 27.48 -54.60
N LYS C 295 -6.00 26.92 -55.49
CA LYS C 295 -5.41 27.69 -56.55
C LYS C 295 -6.49 28.29 -57.40
N VAL C 296 -7.50 27.49 -57.75
CA VAL C 296 -8.67 27.98 -58.48
C VAL C 296 -9.55 28.92 -57.65
N LEU C 297 -9.80 28.56 -56.40
CA LEU C 297 -10.78 29.27 -55.59
C LEU C 297 -10.43 30.74 -55.36
N PHE C 298 -9.21 30.95 -54.87
CA PHE C 298 -8.76 32.27 -54.49
C PHE C 298 -8.52 33.13 -55.69
N LYS C 299 -8.14 32.54 -56.81
CA LYS C 299 -8.09 33.32 -58.04
C LYS C 299 -9.50 33.83 -58.46
N ALA C 300 -10.50 32.96 -58.51
CA ALA C 300 -11.86 33.39 -58.85
C ALA C 300 -12.45 34.35 -57.82
N LEU C 301 -12.16 34.12 -56.54
CA LEU C 301 -12.67 35.03 -55.52
C LEU C 301 -12.17 36.44 -55.77
N ARG C 302 -10.87 36.56 -56.06
CA ARG C 302 -10.30 37.89 -56.17
C ARG C 302 -10.77 38.53 -57.44
N GLU C 303 -11.26 37.74 -58.41
CA GLU C 303 -11.99 38.28 -59.59
C GLU C 303 -13.46 38.62 -59.31
N ALA C 304 -14.11 37.91 -58.41
CA ALA C 304 -15.55 38.11 -58.15
C ALA C 304 -15.83 39.34 -57.27
N THR C 305 -14.86 39.68 -56.43
CA THR C 305 -14.97 40.81 -55.51
C THR C 305 -13.64 41.47 -55.40
N GLY C 306 -13.65 42.74 -55.05
CA GLY C 306 -12.42 43.52 -54.88
C GLY C 306 -12.00 43.64 -53.43
N LEU C 307 -12.84 43.13 -52.52
CA LEU C 307 -12.51 43.03 -51.13
C LEU C 307 -11.34 42.05 -50.90
N PRO C 308 -10.48 42.32 -49.91
CA PRO C 308 -9.44 41.32 -49.64
C PRO C 308 -9.97 40.02 -49.05
N ILE C 309 -9.20 38.95 -49.24
CA ILE C 309 -9.59 37.62 -48.86
C ILE C 309 -8.66 37.11 -47.75
N HIS C 310 -9.26 36.51 -46.72
CA HIS C 310 -8.57 35.97 -45.57
C HIS C 310 -8.87 34.45 -45.45
N PHE C 311 -7.85 33.58 -45.47
CA PHE C 311 -8.09 32.11 -45.47
C PHE C 311 -7.71 31.45 -44.13
N HIS C 312 -8.64 30.71 -43.56
CA HIS C 312 -8.49 29.96 -42.30
C HIS C 312 -8.70 28.48 -42.63
N THR C 313 -7.83 27.59 -42.13
CA THR C 313 -8.05 26.15 -42.24
C THR C 313 -7.49 25.39 -41.01
N HIS C 314 -7.73 24.08 -40.98
CA HIS C 314 -7.19 23.18 -39.94
C HIS C 314 -6.35 22.08 -40.62
N ASP C 315 -5.42 21.48 -39.92
CA ASP C 315 -4.40 20.64 -40.55
C ASP C 315 -4.65 19.17 -40.31
N THR C 316 -5.91 18.77 -40.19
CA THR C 316 -6.30 17.39 -39.85
C THR C 316 -5.81 16.38 -40.87
N SER C 317 -5.80 16.81 -42.13
CA SER C 317 -5.30 15.99 -43.24
C SER C 317 -3.78 15.79 -43.25
N GLY C 318 -3.07 16.67 -42.54
CA GLY C 318 -1.63 16.71 -42.67
C GLY C 318 -1.12 17.42 -43.90
N ILE C 319 -1.96 18.13 -44.64
CA ILE C 319 -1.51 18.83 -45.87
C ILE C 319 -1.99 20.24 -46.01
N ALA C 320 -2.59 20.78 -44.95
CA ALA C 320 -3.12 22.11 -44.99
C ALA C 320 -2.07 23.20 -45.26
N ALA C 321 -0.83 22.99 -44.88
CA ALA C 321 0.19 24.01 -45.15
C ALA C 321 0.32 24.09 -46.67
N ALA C 322 0.10 22.98 -47.37
CA ALA C 322 0.21 22.99 -48.81
C ALA C 322 -0.87 23.86 -49.44
N THR C 323 -2.07 23.79 -48.88
CA THR C 323 -3.19 24.53 -49.37
C THR C 323 -2.97 26.00 -49.04
N VAL C 324 -2.42 26.26 -47.86
CA VAL C 324 -2.06 27.65 -47.48
C VAL C 324 -1.07 28.23 -48.46
N LEU C 325 0.00 27.52 -48.76
CA LEU C 325 0.99 28.04 -49.70
C LEU C 325 0.40 28.21 -51.11
N ALA C 326 -0.43 27.25 -51.54
CA ALA C 326 -1.12 27.42 -52.80
C ALA C 326 -2.02 28.66 -52.73
N ALA C 327 -2.62 28.94 -51.59
CA ALA C 327 -3.54 30.14 -51.55
C ALA C 327 -2.76 31.44 -51.69
N VAL C 328 -1.59 31.48 -51.06
CA VAL C 328 -0.67 32.64 -51.14
C VAL C 328 -0.26 32.87 -52.60
N GLU C 329 0.23 31.80 -53.21
CA GLU C 329 0.68 31.86 -54.58
C GLU C 329 -0.44 32.39 -55.44
N ALA C 330 -1.71 32.11 -55.13
CA ALA C 330 -2.81 32.59 -55.93
C ALA C 330 -3.31 33.96 -55.51
N GLY C 331 -2.68 34.60 -54.52
CA GLY C 331 -2.95 36.00 -54.30
C GLY C 331 -3.76 36.33 -53.05
N VAL C 332 -4.01 35.32 -52.20
CA VAL C 332 -4.86 35.57 -51.05
C VAL C 332 -4.14 36.61 -50.17
N ASP C 333 -4.90 37.48 -49.52
CA ASP C 333 -4.33 38.61 -48.80
C ASP C 333 -3.84 38.31 -47.37
N ALA C 334 -4.50 37.35 -46.74
CA ALA C 334 -4.21 37.01 -45.36
C ALA C 334 -4.50 35.52 -45.13
N VAL C 335 -3.65 34.90 -44.30
CA VAL C 335 -3.83 33.54 -43.88
C VAL C 335 -3.58 33.39 -42.37
N ASP C 336 -4.24 32.39 -41.80
CA ASP C 336 -4.11 32.02 -40.40
C ASP C 336 -3.14 30.88 -40.19
N ALA C 337 -2.42 30.93 -39.09
CA ALA C 337 -1.61 29.81 -38.71
C ALA C 337 -1.43 29.86 -37.21
N ALA C 338 -1.06 28.74 -36.61
CA ALA C 338 -0.75 28.67 -35.16
C ALA C 338 0.71 28.48 -34.96
N MET C 339 1.23 28.96 -33.86
CA MET C 339 2.59 28.65 -33.42
C MET C 339 2.89 27.16 -33.45
N ASP C 340 4.12 26.84 -33.84
CA ASP C 340 4.56 25.50 -34.11
C ASP C 340 4.05 24.55 -33.00
N ALA C 341 4.32 24.92 -31.77
CA ALA C 341 4.08 24.12 -30.58
C ALA C 341 2.61 23.80 -30.25
N LEU C 342 1.70 24.51 -30.91
CA LEU C 342 0.25 24.30 -30.84
C LEU C 342 -0.37 24.20 -32.25
N SER C 343 0.38 23.60 -33.17
CA SER C 343 0.00 23.56 -34.57
C SER C 343 -0.14 22.14 -35.04
N GLY C 344 -0.60 21.92 -36.26
CA GLY C 344 -0.72 20.58 -36.79
C GLY C 344 -1.94 19.84 -36.34
N ASN C 345 -2.15 18.66 -36.87
CA ASN C 345 -3.36 17.93 -36.64
C ASN C 345 -4.66 18.79 -36.68
N THR C 346 -5.49 18.74 -35.64
CA THR C 346 -6.78 19.43 -35.73
C THR C 346 -6.64 20.96 -35.52
N SER C 347 -5.42 21.43 -35.22
CA SER C 347 -5.19 22.86 -35.09
C SER C 347 -4.93 23.46 -36.49
N GLN C 348 -4.39 24.69 -36.51
CA GLN C 348 -3.93 25.26 -37.77
C GLN C 348 -2.61 24.64 -38.12
N PRO C 349 -2.20 24.81 -39.40
CA PRO C 349 -0.84 24.49 -39.80
C PRO C 349 0.25 25.39 -39.23
N CYS C 350 1.49 24.90 -39.31
CA CYS C 350 2.60 25.47 -38.61
C CYS C 350 3.04 26.86 -39.10
N LEU C 351 2.99 27.84 -38.22
CA LEU C 351 3.26 29.23 -38.55
C LEU C 351 4.73 29.44 -38.98
N GLY C 352 5.63 28.87 -38.20
CA GLY C 352 7.07 29.00 -38.45
C GLY C 352 7.47 28.41 -39.77
N SER C 353 6.88 27.24 -40.12
CA SER C 353 7.29 26.59 -41.32
C SER C 353 6.69 27.26 -42.50
N ILE C 354 5.45 27.66 -42.43
CA ILE C 354 4.89 28.46 -43.50
C ILE C 354 5.72 29.72 -43.76
N VAL C 355 6.05 30.42 -42.69
CA VAL C 355 6.86 31.62 -42.86
C VAL C 355 8.22 31.27 -43.49
N GLU C 356 8.80 30.18 -43.03
CA GLU C 356 10.06 29.81 -43.54
C GLU C 356 9.97 29.51 -45.05
N ALA C 357 8.89 28.84 -45.46
CA ALA C 357 8.67 28.55 -46.84
C ALA C 357 8.59 29.80 -47.71
N LEU C 358 8.16 30.91 -47.12
CA LEU C 358 7.87 32.14 -47.88
C LEU C 358 9.04 33.11 -47.82
N SER C 359 10.03 32.76 -47.01
CA SER C 359 11.16 33.63 -46.74
C SER C 359 11.84 33.93 -48.01
N GLY C 360 12.08 35.20 -48.33
CA GLY C 360 12.88 35.51 -49.51
C GLY C 360 12.03 35.51 -50.76
N SER C 361 10.82 35.01 -50.70
CA SER C 361 9.91 35.10 -51.89
C SER C 361 9.29 36.50 -52.07
N GLU C 362 8.57 36.72 -53.15
CA GLU C 362 7.93 38.02 -53.45
C GLU C 362 6.92 38.41 -52.38
N ARG C 363 6.29 37.45 -51.75
CA ARG C 363 5.20 37.73 -50.81
C ARG C 363 5.64 37.54 -49.37
N ASP C 364 6.96 37.44 -49.16
CA ASP C 364 7.55 37.29 -47.84
C ASP C 364 6.80 38.14 -46.81
N PRO C 365 6.33 37.53 -45.72
CA PRO C 365 5.52 38.29 -44.82
C PRO C 365 6.30 39.18 -43.84
N GLY C 366 7.64 39.13 -43.87
CA GLY C 366 8.57 39.96 -43.00
C GLY C 366 8.45 39.67 -41.54
N LEU C 367 8.41 38.38 -41.19
CA LEU C 367 8.33 38.04 -39.76
C LEU C 367 9.60 37.29 -39.38
N ASP C 368 10.25 37.70 -38.31
CA ASP C 368 11.52 37.15 -37.90
C ASP C 368 11.32 35.70 -37.37
N PRO C 369 11.99 34.71 -37.99
CA PRO C 369 11.74 33.32 -37.59
C PRO C 369 12.40 32.92 -36.26
N ALA C 370 13.46 33.62 -35.85
CA ALA C 370 14.07 33.36 -34.57
C ALA C 370 13.05 33.69 -33.45
N TRP C 371 12.24 34.73 -33.70
CA TRP C 371 11.31 35.22 -32.70
C TRP C 371 10.08 34.31 -32.70
N ILE C 372 9.67 33.88 -33.87
CA ILE C 372 8.62 32.86 -33.94
C ILE C 372 9.04 31.66 -33.16
N ARG C 373 10.26 31.21 -33.36
CA ARG C 373 10.73 30.09 -32.58
C ARG C 373 10.82 30.36 -31.06
N ARG C 374 11.26 31.55 -30.67
CA ARG C 374 11.29 31.89 -29.21
C ARG C 374 9.89 31.86 -28.60
N ILE C 375 8.94 32.40 -29.35
CA ILE C 375 7.61 32.41 -28.86
C ILE C 375 7.01 30.99 -28.89
N SER C 376 7.34 30.17 -29.90
CA SER C 376 6.89 28.79 -29.90
C SER C 376 7.41 28.01 -28.70
N PHE C 377 8.68 28.23 -28.32
CA PHE C 377 9.25 27.59 -27.13
C PHE C 377 8.47 27.98 -25.85
N TYR C 378 8.08 29.25 -25.75
CA TYR C 378 7.24 29.68 -24.67
C TYR C 378 5.98 28.82 -24.71
N TRP C 379 5.27 28.80 -25.84
CA TRP C 379 4.01 28.02 -25.91
C TRP C 379 4.16 26.53 -25.65
N GLU C 380 5.33 25.97 -26.00
CA GLU C 380 5.59 24.52 -25.78
C GLU C 380 5.68 24.25 -24.25
N ALA C 381 6.42 25.09 -23.53
CA ALA C 381 6.48 24.99 -22.06
C ALA C 381 5.10 25.25 -21.42
N VAL C 382 4.34 26.19 -21.98
CA VAL C 382 2.97 26.43 -21.51
C VAL C 382 2.10 25.18 -21.71
N ARG C 383 2.17 24.60 -22.89
CA ARG C 383 1.32 23.45 -23.21
C ARG C 383 1.61 22.25 -22.33
N ASN C 384 2.87 22.04 -21.91
CA ASN C 384 3.20 20.99 -20.93
C ASN C 384 2.40 20.98 -19.65
N GLN C 385 1.90 22.15 -19.25
CA GLN C 385 1.13 22.31 -18.01
C GLN C 385 -0.28 21.80 -18.14
N TYR C 386 -0.71 21.66 -19.38
CA TYR C 386 -2.06 21.27 -19.73
C TYR C 386 -2.15 19.80 -20.21
N ALA C 387 -1.22 18.95 -19.78
CA ALA C 387 -1.27 17.52 -20.10
C ALA C 387 -2.66 16.88 -19.89
N ALA C 388 -3.40 17.32 -18.89
CA ALA C 388 -4.68 16.72 -18.56
C ALA C 388 -5.68 16.74 -19.71
N PHE C 389 -5.52 17.68 -20.61
CA PHE C 389 -6.48 17.88 -21.67
C PHE C 389 -5.92 17.52 -23.02
N GLU C 390 -4.77 16.86 -23.07
CA GLU C 390 -4.29 16.31 -24.38
C GLU C 390 -5.23 15.16 -24.90
N SER C 391 -5.45 15.12 -26.21
CA SER C 391 -6.15 13.99 -26.83
C SER C 391 -5.17 12.87 -27.16
N ASP C 392 -5.68 11.79 -27.67
CA ASP C 392 -4.78 10.71 -28.07
C ASP C 392 -4.62 10.70 -29.60
N LEU C 393 -4.96 11.78 -30.27
CA LEU C 393 -4.71 11.87 -31.71
C LEU C 393 -3.19 11.82 -31.97
N LYS C 394 -2.80 10.93 -32.85
CA LYS C 394 -1.41 10.67 -33.16
C LYS C 394 -0.90 11.39 -34.44
N GLY C 395 -1.77 11.88 -35.33
CA GLY C 395 -1.30 12.44 -36.59
C GLY C 395 -2.37 12.68 -37.64
N PRO C 396 -1.95 12.89 -38.89
CA PRO C 396 -2.78 13.19 -40.01
C PRO C 396 -3.71 12.04 -40.26
N ALA C 397 -4.80 12.34 -40.92
CA ALA C 397 -5.83 11.35 -41.23
C ALA C 397 -6.59 11.85 -42.47
N SER C 398 -6.45 11.18 -43.61
CA SER C 398 -7.27 11.49 -44.79
C SER C 398 -8.80 11.20 -44.63
N GLU C 399 -9.08 10.35 -43.67
CA GLU C 399 -10.39 10.15 -43.16
C GLU C 399 -11.21 11.41 -43.09
N VAL C 400 -10.57 12.48 -42.72
CA VAL C 400 -11.29 13.75 -42.67
C VAL C 400 -12.05 14.08 -43.96
N TYR C 401 -11.55 13.65 -45.12
CA TYR C 401 -12.26 13.94 -46.37
C TYR C 401 -13.53 13.14 -46.47
N LEU C 402 -13.67 12.08 -45.70
CA LEU C 402 -14.89 11.28 -45.65
C LEU C 402 -15.89 11.90 -44.66
N HIS C 403 -15.51 12.12 -43.40
CA HIS C 403 -16.49 12.60 -42.42
C HIS C 403 -16.73 14.11 -42.42
N GLU C 404 -15.71 14.90 -42.71
CA GLU C 404 -15.85 16.35 -42.71
C GLU C 404 -16.13 16.93 -41.31
N MET C 405 -15.68 16.23 -40.28
CA MET C 405 -15.79 16.76 -38.92
C MET C 405 -14.86 17.95 -38.79
N PRO C 406 -15.36 19.13 -38.33
CA PRO C 406 -14.47 20.31 -37.99
C PRO C 406 -13.37 20.04 -36.96
N GLY C 407 -12.16 20.49 -37.25
CA GLY C 407 -11.02 20.34 -36.36
C GLY C 407 -11.34 20.43 -34.89
N GLY C 408 -12.03 21.49 -34.52
CA GLY C 408 -12.41 21.73 -33.13
C GLY C 408 -13.52 20.82 -32.61
N GLN C 409 -14.01 19.86 -33.41
CA GLN C 409 -15.02 18.89 -32.98
C GLN C 409 -14.53 17.45 -33.00
N PHE C 410 -13.48 17.16 -33.77
CA PHE C 410 -13.10 15.77 -34.00
C PHE C 410 -12.85 15.06 -32.67
N THR C 411 -12.12 15.73 -31.80
CA THR C 411 -11.58 15.06 -30.62
C THR C 411 -12.67 14.88 -29.53
N ASN C 412 -13.38 15.97 -29.27
CA ASN C 412 -14.59 16.08 -28.46
C ASN C 412 -15.58 14.93 -28.65
N LEU C 413 -15.97 14.79 -29.90
CA LEU C 413 -16.85 13.76 -30.30
C LEU C 413 -16.32 12.36 -30.03
N LYS C 414 -14.99 12.21 -30.01
CA LYS C 414 -14.39 10.88 -29.76
C LYS C 414 -14.41 10.55 -28.25
N GLU C 415 -14.14 11.56 -27.42
CA GLU C 415 -14.44 11.54 -26.00
C GLU C 415 -15.91 11.14 -25.85
N GLN C 416 -16.80 12.00 -26.36
CA GLN C 416 -18.23 11.82 -26.29
C GLN C 416 -18.64 10.41 -26.69
N ALA C 417 -18.06 9.90 -27.76
CA ALA C 417 -18.31 8.50 -28.16
C ALA C 417 -17.76 7.49 -27.17
N ARG C 418 -16.58 7.78 -26.61
CA ARG C 418 -15.99 6.87 -25.63
C ARG C 418 -16.98 6.75 -24.46
N SER C 419 -17.46 7.90 -24.00
CA SER C 419 -18.50 8.00 -22.97
C SER C 419 -19.60 7.01 -23.10
N LEU C 420 -20.05 6.79 -24.31
CA LEU C 420 -21.14 5.86 -24.58
C LEU C 420 -20.62 4.46 -24.92
N GLY C 421 -19.38 4.18 -24.53
CA GLY C 421 -18.81 2.86 -24.74
C GLY C 421 -18.67 2.56 -26.21
N LEU C 422 -18.30 3.54 -27.00
CA LEU C 422 -18.21 3.29 -28.43
C LEU C 422 -16.76 3.36 -28.92
N GLU C 423 -15.80 3.53 -28.00
CA GLU C 423 -14.37 3.59 -28.38
C GLU C 423 -14.03 2.68 -29.57
N THR C 424 -14.45 1.44 -29.44
CA THR C 424 -14.17 0.42 -30.42
C THR C 424 -14.97 0.56 -31.75
N ARG C 425 -16.05 1.36 -31.77
CA ARG C 425 -16.78 1.58 -33.03
C ARG C 425 -16.53 3.01 -33.62
N TRP C 426 -15.36 3.60 -33.35
CA TRP C 426 -15.13 5.00 -33.70
C TRP C 426 -15.20 5.23 -35.21
N HIS C 427 -14.61 4.32 -35.99
CA HIS C 427 -14.64 4.41 -37.46
C HIS C 427 -16.06 4.14 -38.00
N GLN C 428 -16.88 3.45 -37.23
CA GLN C 428 -18.35 3.34 -37.48
C GLN C 428 -19.04 4.70 -37.38
N VAL C 429 -18.77 5.37 -36.25
CA VAL C 429 -19.30 6.68 -35.95
C VAL C 429 -18.87 7.72 -36.95
N ALA C 430 -17.68 7.57 -37.51
CA ALA C 430 -17.21 8.53 -38.51
C ALA C 430 -17.95 8.35 -39.80
N GLN C 431 -18.21 7.09 -40.16
CA GLN C 431 -19.04 6.73 -41.33
C GLN C 431 -20.50 7.17 -41.19
N ALA C 432 -21.04 7.11 -39.97
CA ALA C 432 -22.41 7.49 -39.69
C ALA C 432 -22.59 9.01 -39.79
N TYR C 433 -21.61 9.71 -39.25
CA TYR C 433 -21.50 11.15 -39.40
C TYR C 433 -21.62 11.53 -40.86
N ALA C 434 -20.88 10.87 -41.74
CA ALA C 434 -20.95 11.19 -43.14
C ALA C 434 -22.33 10.88 -43.69
N ASP C 435 -22.86 9.75 -43.29
CA ASP C 435 -24.20 9.29 -43.71
C ASP C 435 -25.29 10.28 -43.28
N ALA C 436 -25.29 10.63 -42.00
CA ALA C 436 -26.23 11.58 -41.49
C ALA C 436 -26.12 12.92 -42.26
N ASN C 437 -24.90 13.29 -42.62
CA ASN C 437 -24.71 14.52 -43.39
C ASN C 437 -25.45 14.46 -44.71
N GLN C 438 -25.38 13.35 -45.46
CA GLN C 438 -26.17 13.24 -46.72
C GLN C 438 -27.64 13.17 -46.41
N MET C 439 -27.98 12.48 -45.33
CA MET C 439 -29.38 12.41 -44.87
C MET C 439 -29.98 13.79 -44.63
N PHE C 440 -29.24 14.66 -43.94
CA PHE C 440 -29.65 16.05 -43.75
C PHE C 440 -29.67 16.88 -45.02
N GLY C 441 -29.31 16.29 -46.17
CA GLY C 441 -29.29 16.96 -47.47
C GLY C 441 -27.91 17.46 -47.85
N ASP C 442 -26.87 17.02 -47.12
CA ASP C 442 -25.45 17.42 -47.36
C ASP C 442 -25.21 18.90 -47.08
N ILE C 443 -24.86 19.19 -45.85
CA ILE C 443 -24.87 20.56 -45.35
C ILE C 443 -23.51 21.01 -44.84
N VAL C 444 -23.45 22.30 -44.56
CA VAL C 444 -22.37 22.92 -43.86
C VAL C 444 -22.41 22.55 -42.36
N LYS C 445 -21.28 21.98 -41.92
CA LYS C 445 -21.12 21.39 -40.59
C LYS C 445 -20.04 22.18 -39.81
N VAL C 446 -20.54 23.05 -38.93
CA VAL C 446 -19.74 23.94 -38.17
C VAL C 446 -20.63 24.43 -37.03
N THR C 447 -20.04 24.87 -35.93
CA THR C 447 -20.87 25.25 -34.78
C THR C 447 -21.93 26.25 -35.17
N PRO C 448 -23.19 25.96 -34.88
CA PRO C 448 -23.72 24.81 -34.11
C PRO C 448 -24.22 23.60 -34.89
N SER C 449 -24.25 23.68 -36.23
CA SER C 449 -24.76 22.56 -37.04
C SER C 449 -23.93 21.28 -36.91
N SER C 450 -22.63 21.41 -36.63
CA SER C 450 -21.78 20.21 -36.46
C SER C 450 -22.23 19.34 -35.28
N LYS C 451 -22.51 19.98 -34.15
CA LYS C 451 -22.98 19.29 -32.94
C LYS C 451 -24.24 18.48 -33.21
N VAL C 452 -25.07 18.98 -34.11
CA VAL C 452 -26.30 18.28 -34.48
C VAL C 452 -25.99 17.02 -35.27
N VAL C 453 -25.10 17.12 -36.23
CA VAL C 453 -24.81 15.94 -37.04
C VAL C 453 -24.14 14.95 -36.13
N GLY C 454 -23.28 15.45 -35.25
CA GLY C 454 -22.67 14.61 -34.23
C GLY C 454 -23.69 13.78 -33.49
N ASP C 455 -24.58 14.45 -32.76
CA ASP C 455 -25.59 13.77 -31.98
C ASP C 455 -26.25 12.71 -32.79
N MET C 456 -26.68 13.07 -34.01
CA MET C 456 -27.34 12.11 -34.88
CA MET C 456 -27.36 12.09 -34.86
C MET C 456 -26.46 10.88 -35.06
N ALA C 457 -25.22 11.10 -35.50
CA ALA C 457 -24.28 10.01 -35.77
C ALA C 457 -24.10 9.05 -34.57
N LEU C 458 -24.06 9.61 -33.37
CA LEU C 458 -23.95 8.84 -32.15
C LEU C 458 -25.18 7.97 -31.91
N MET C 459 -26.36 8.56 -31.97
CA MET C 459 -27.56 7.72 -31.93
C MET C 459 -27.56 6.60 -32.95
N MET C 460 -27.26 6.93 -34.21
CA MET C 460 -27.24 5.86 -35.23
C MET C 460 -26.30 4.73 -34.78
N VAL C 461 -25.17 5.12 -34.18
CA VAL C 461 -24.22 4.15 -33.62
C VAL C 461 -24.89 3.41 -32.46
N SER C 462 -25.18 4.08 -31.33
CA SER C 462 -25.89 3.40 -30.19
C SER C 462 -26.92 2.38 -30.64
N GLN C 463 -27.88 2.85 -31.43
CA GLN C 463 -29.10 2.08 -31.64
C GLN C 463 -29.01 1.25 -32.91
N ASP C 464 -27.82 1.15 -33.51
CA ASP C 464 -27.69 0.34 -34.73
C ASP C 464 -28.76 0.74 -35.73
N LEU C 465 -28.79 2.01 -36.18
CA LEU C 465 -29.79 2.46 -37.19
C LEU C 465 -29.09 2.93 -38.45
N THR C 466 -29.68 2.64 -39.60
CA THR C 466 -29.15 3.12 -40.87
C THR C 466 -29.95 4.33 -41.36
N VAL C 467 -29.39 5.11 -42.30
CA VAL C 467 -30.12 6.19 -42.99
C VAL C 467 -31.54 5.71 -43.36
N ALA C 468 -31.64 4.49 -43.90
CA ALA C 468 -32.96 3.91 -44.23
C ALA C 468 -33.87 3.72 -43.00
N ASP C 469 -33.33 3.22 -41.89
CA ASP C 469 -34.11 3.00 -40.65
C ASP C 469 -34.49 4.32 -40.00
N VAL C 470 -33.60 5.29 -40.10
CA VAL C 470 -33.80 6.57 -39.44
C VAL C 470 -34.99 7.30 -40.05
N VAL C 471 -35.12 7.23 -41.38
CA VAL C 471 -36.26 7.81 -42.09
C VAL C 471 -37.36 6.78 -42.34
N SER C 472 -37.32 5.64 -41.65
CA SER C 472 -38.31 4.60 -41.86
C SER C 472 -39.66 5.09 -41.34
N PRO C 473 -40.75 4.81 -42.10
CA PRO C 473 -42.11 5.14 -41.65
C PRO C 473 -42.59 4.32 -40.43
N ASP C 474 -42.18 3.05 -40.40
CA ASP C 474 -42.51 2.12 -39.31
C ASP C 474 -41.79 2.44 -37.97
N ARG C 475 -40.60 3.03 -38.05
CA ARG C 475 -39.63 2.93 -36.96
C ARG C 475 -39.60 4.10 -35.95
N GLU C 476 -39.92 3.81 -34.68
CA GLU C 476 -39.95 4.80 -33.59
C GLU C 476 -38.54 5.20 -33.17
N VAL C 477 -38.19 6.46 -33.46
CA VAL C 477 -36.87 7.01 -33.18
C VAL C 477 -37.09 8.27 -32.34
N SER C 478 -36.52 8.35 -31.15
CA SER C 478 -36.69 9.53 -30.32
C SER C 478 -35.48 10.43 -30.56
N PHE C 479 -35.63 11.40 -31.45
CA PHE C 479 -34.51 12.14 -31.99
C PHE C 479 -33.87 13.05 -30.93
N PRO C 480 -32.67 13.57 -31.20
CA PRO C 480 -32.15 14.44 -30.16
C PRO C 480 -32.73 15.87 -30.19
N GLU C 481 -32.77 16.47 -29.01
CA GLU C 481 -33.29 17.82 -28.82
C GLU C 481 -32.56 18.83 -29.70
N SER C 482 -31.38 18.47 -30.24
CA SER C 482 -30.70 19.35 -31.19
C SER C 482 -31.10 19.06 -32.65
N VAL C 483 -31.42 17.82 -32.98
CA VAL C 483 -31.85 17.53 -34.35
C VAL C 483 -33.27 18.05 -34.64
N VAL C 484 -34.21 17.82 -33.71
CA VAL C 484 -35.57 18.38 -33.79
C VAL C 484 -35.51 19.88 -34.06
N SER C 485 -34.80 20.56 -33.15
CA SER C 485 -34.64 21.99 -33.15
C SER C 485 -34.01 22.54 -34.44
N MET C 486 -33.16 21.77 -35.12
CA MET C 486 -32.57 22.26 -36.37
C MET C 486 -33.54 22.11 -37.53
N LEU C 487 -34.25 20.99 -37.54
CA LEU C 487 -35.17 20.72 -38.62
C LEU C 487 -36.39 21.62 -38.49
N LYS C 488 -36.66 22.08 -37.27
CA LYS C 488 -37.77 23.02 -37.03
C LYS C 488 -37.37 24.35 -37.65
N GLY C 489 -36.06 24.58 -37.71
CA GLY C 489 -35.48 25.77 -38.33
C GLY C 489 -34.75 26.73 -37.41
N ASP C 490 -34.44 26.31 -36.19
CA ASP C 490 -33.79 27.22 -35.22
C ASP C 490 -32.32 27.58 -35.50
N LEU C 491 -31.72 26.93 -36.49
CA LEU C 491 -30.36 27.29 -36.90
C LEU C 491 -30.33 28.02 -38.24
N GLY C 492 -31.51 28.17 -38.84
CA GLY C 492 -31.65 28.66 -40.20
C GLY C 492 -31.95 27.61 -41.25
N GLN C 493 -31.70 28.00 -42.50
CA GLN C 493 -32.17 27.27 -43.68
C GLN C 493 -30.98 27.01 -44.56
N PRO C 494 -30.81 25.75 -44.96
CA PRO C 494 -29.81 25.43 -45.95
C PRO C 494 -30.33 25.79 -47.34
N PRO C 495 -29.43 25.98 -48.31
CA PRO C 495 -29.76 26.38 -49.67
C PRO C 495 -31.06 25.78 -50.22
N SER C 496 -31.20 24.46 -50.19
CA SER C 496 -32.36 23.82 -50.86
C SER C 496 -33.47 23.36 -49.91
N GLY C 497 -33.51 23.90 -48.68
CA GLY C 497 -34.47 23.46 -47.66
C GLY C 497 -34.04 22.16 -46.99
N TRP C 498 -34.68 21.82 -45.87
CA TRP C 498 -34.50 20.53 -45.23
C TRP C 498 -35.31 19.46 -45.95
N PRO C 499 -34.77 18.25 -46.10
CA PRO C 499 -35.56 17.17 -46.72
C PRO C 499 -36.95 16.99 -46.06
N GLU C 500 -37.99 16.87 -46.89
CA GLU C 500 -39.37 16.89 -46.40
C GLU C 500 -39.59 15.76 -45.38
N ALA C 501 -39.26 14.53 -45.77
CA ALA C 501 -39.59 13.33 -44.97
C ALA C 501 -38.91 13.33 -43.61
N LEU C 502 -37.57 13.54 -43.59
CA LEU C 502 -36.83 13.56 -42.31
C LEU C 502 -37.54 14.56 -41.41
N GLN C 503 -37.78 15.74 -41.94
CA GLN C 503 -38.55 16.75 -41.23
C GLN C 503 -39.94 16.28 -40.75
N LYS C 504 -40.63 15.49 -41.54
CA LYS C 504 -41.92 14.95 -41.09
C LYS C 504 -41.74 14.16 -39.79
N LYS C 505 -40.94 13.09 -39.85
CA LYS C 505 -40.84 12.11 -38.73
C LYS C 505 -40.29 12.74 -37.45
N ALA C 506 -39.44 13.75 -37.62
CA ALA C 506 -38.74 14.34 -36.48
C ALA C 506 -39.58 15.32 -35.65
N LEU C 507 -40.52 16.01 -36.29
CA LEU C 507 -41.34 16.97 -35.55
C LEU C 507 -42.67 16.34 -35.07
N LYS C 508 -42.99 15.16 -35.62
CA LYS C 508 -44.09 14.31 -35.11
C LYS C 508 -45.47 14.97 -35.13
N GLY C 509 -45.56 16.22 -35.61
CA GLY C 509 -46.78 17.02 -35.50
C GLY C 509 -46.54 18.52 -35.56
N GLU C 510 -45.50 19.00 -34.85
CA GLU C 510 -45.18 20.44 -34.81
C GLU C 510 -44.81 20.98 -36.20
N LYS C 511 -45.46 22.08 -36.62
CA LYS C 511 -45.24 22.67 -37.95
C LYS C 511 -43.89 23.39 -37.93
N PRO C 512 -43.05 23.19 -38.96
CA PRO C 512 -41.76 23.88 -39.02
C PRO C 512 -41.94 25.28 -39.57
N TYR C 513 -40.89 26.08 -39.47
CA TYR C 513 -40.90 27.42 -40.04
C TYR C 513 -39.63 27.67 -40.84
N THR C 514 -39.74 28.45 -41.92
CA THR C 514 -38.60 28.69 -42.81
C THR C 514 -38.01 30.09 -42.67
N VAL C 515 -38.67 30.96 -41.91
CA VAL C 515 -38.18 32.33 -41.75
C VAL C 515 -36.96 32.38 -40.83
N ARG C 516 -36.31 33.52 -40.88
CA ARG C 516 -35.13 33.78 -40.06
C ARG C 516 -35.48 33.74 -38.55
N PRO C 517 -34.81 32.89 -37.75
CA PRO C 517 -35.16 32.80 -36.33
C PRO C 517 -35.25 34.15 -35.61
N GLY C 518 -34.22 34.98 -35.72
CA GLY C 518 -34.23 36.32 -35.09
C GLY C 518 -35.51 37.11 -35.38
N SER C 519 -36.10 36.85 -36.55
CA SER C 519 -37.34 37.49 -36.95
C SER C 519 -38.54 37.03 -36.12
N LEU C 520 -38.42 35.92 -35.39
CA LEU C 520 -39.52 35.41 -34.56
C LEU C 520 -39.33 35.56 -33.06
N LEU C 521 -38.11 35.80 -32.61
CA LEU C 521 -37.87 35.97 -31.19
C LEU C 521 -38.25 37.39 -30.75
N LYS C 522 -39.07 37.52 -29.72
CA LYS C 522 -39.32 38.82 -29.13
C LYS C 522 -37.97 39.45 -28.82
N GLU C 523 -37.87 40.76 -29.01
CA GLU C 523 -36.77 41.59 -28.47
C GLU C 523 -36.81 41.48 -26.94
N ALA C 524 -35.70 41.07 -26.32
CA ALA C 524 -35.63 40.99 -24.86
C ALA C 524 -35.68 42.41 -24.26
N ASP C 525 -36.58 42.64 -23.29
CA ASP C 525 -36.55 43.88 -22.46
C ASP C 525 -35.23 43.84 -21.66
N LEU C 526 -34.23 44.58 -22.15
CA LEU C 526 -32.92 44.58 -21.52
C LEU C 526 -33.00 45.25 -20.15
N ASP C 527 -33.86 46.26 -20.01
CA ASP C 527 -34.02 46.90 -18.73
C ASP C 527 -34.65 45.89 -17.79
N ALA C 528 -35.64 45.15 -18.28
CA ALA C 528 -36.18 44.04 -17.49
C ALA C 528 -35.12 42.95 -17.12
N GLU C 529 -34.32 42.46 -18.08
CA GLU C 529 -33.39 41.32 -17.84
C GLU C 529 -32.19 41.68 -16.95
N ARG C 530 -31.80 42.94 -17.01
CA ARG C 530 -30.70 43.46 -16.21
C ARG C 530 -31.07 43.54 -14.74
N LYS C 531 -32.30 43.94 -14.44
CA LYS C 531 -32.80 43.95 -13.04
C LYS C 531 -32.80 42.55 -12.45
N VAL C 532 -33.18 41.56 -13.26
CA VAL C 532 -33.19 40.19 -12.81
C VAL C 532 -31.80 39.72 -12.36
N ILE C 533 -30.76 40.09 -13.09
CA ILE C 533 -29.40 39.61 -12.74
C ILE C 533 -28.82 40.42 -11.58
N GLU C 534 -29.18 41.69 -11.52
CA GLU C 534 -28.71 42.55 -10.45
C GLU C 534 -29.42 42.18 -9.15
N LYS C 535 -30.72 41.87 -9.20
CA LYS C 535 -31.44 41.42 -7.97
C LYS C 535 -30.85 40.09 -7.48
N LYS C 536 -30.60 39.15 -8.40
CA LYS C 536 -29.95 37.85 -8.06
C LYS C 536 -28.68 38.13 -7.31
N LEU C 537 -27.81 38.97 -7.88
CA LEU C 537 -26.49 39.23 -7.30
C LEU C 537 -26.52 40.34 -6.24
N GLU C 538 -27.70 40.83 -5.89
CA GLU C 538 -27.80 41.97 -4.99
C GLU C 538 -26.61 42.96 -5.24
N ARG C 539 -26.36 43.28 -6.52
CA ARG C 539 -25.38 44.31 -6.89
C ARG C 539 -25.54 44.75 -8.34
N GLU C 540 -25.05 45.94 -8.67
CA GLU C 540 -25.04 46.42 -10.07
C GLU C 540 -24.02 45.61 -10.82
N VAL C 541 -24.18 45.53 -12.14
CA VAL C 541 -23.20 44.82 -12.97
C VAL C 541 -22.76 45.75 -14.07
N SER C 542 -21.51 45.59 -14.53
CA SER C 542 -21.03 46.34 -15.69
C SER C 542 -21.78 45.87 -16.93
N ASP C 543 -21.88 46.76 -17.93
CA ASP C 543 -22.38 46.45 -19.29
C ASP C 543 -21.78 45.20 -19.95
N PHE C 544 -20.51 44.93 -19.68
CA PHE C 544 -19.88 43.72 -20.12
C PHE C 544 -20.45 42.48 -19.39
N GLU C 545 -20.55 42.57 -18.06
CA GLU C 545 -21.09 41.49 -17.27
C GLU C 545 -22.51 41.17 -17.73
N PHE C 546 -23.28 42.20 -18.08
CA PHE C 546 -24.65 42.01 -18.54
C PHE C 546 -24.66 41.33 -19.90
N ALA C 547 -23.66 41.62 -20.73
CA ALA C 547 -23.54 40.92 -22.00
C ALA C 547 -23.30 39.42 -21.78
N SER C 548 -22.40 39.11 -20.86
CA SER C 548 -22.14 37.75 -20.44
C SER C 548 -23.43 37.06 -20.00
N TYR C 549 -24.27 37.79 -19.29
CA TYR C 549 -25.52 37.22 -18.78
C TYR C 549 -26.48 36.91 -19.90
N LEU C 550 -26.51 37.78 -20.89
CA LEU C 550 -27.46 37.62 -21.99
C LEU C 550 -26.98 36.46 -22.85
N MET C 551 -25.68 36.25 -22.90
CA MET C 551 -25.19 35.11 -23.66
C MET C 551 -25.38 33.77 -22.91
N TYR C 552 -25.05 33.79 -21.62
CA TYR C 552 -25.02 32.60 -20.82
C TYR C 552 -25.57 32.91 -19.43
N PRO C 553 -26.89 32.95 -19.30
CA PRO C 553 -27.52 33.33 -18.04
C PRO C 553 -27.06 32.48 -16.87
N LYS C 554 -27.07 31.16 -17.05
CA LYS C 554 -26.72 30.30 -15.96
C LYS C 554 -25.22 30.29 -15.69
N VAL C 555 -24.44 30.20 -16.76
CA VAL C 555 -23.00 30.11 -16.61
C VAL C 555 -22.43 31.37 -16.00
N PHE C 556 -22.99 32.52 -16.38
CA PHE C 556 -22.52 33.78 -15.82
C PHE C 556 -22.81 33.84 -14.33
N THR C 557 -24.05 33.57 -13.98
CA THR C 557 -24.46 33.57 -12.58
C THR C 557 -23.60 32.66 -11.73
N ASP C 558 -23.34 31.45 -12.22
CA ASP C 558 -22.52 30.52 -11.47
C ASP C 558 -21.08 31.02 -11.38
N PHE C 559 -20.57 31.59 -12.44
CA PHE C 559 -19.23 32.18 -12.38
C PHE C 559 -19.17 33.32 -11.36
N ALA C 560 -20.17 34.19 -11.35
CA ALA C 560 -20.19 35.30 -10.36
C ALA C 560 -20.02 34.74 -8.97
N LEU C 561 -20.78 33.69 -8.66
CA LEU C 561 -20.79 33.12 -7.30
C LEU C 561 -19.47 32.43 -7.02
N ALA C 562 -18.95 31.73 -8.00
CA ALA C 562 -17.62 31.17 -7.85
C ALA C 562 -16.61 32.30 -7.60
N SER C 563 -16.68 33.38 -8.38
CA SER C 563 -15.78 34.56 -8.20
C SER C 563 -15.88 35.14 -6.83
N ASP C 564 -17.11 35.25 -6.40
CA ASP C 564 -17.43 35.78 -5.12
C ASP C 564 -16.91 34.91 -4.00
N THR C 565 -16.58 33.65 -4.30
CA THR C 565 -16.25 32.70 -3.24
C THR C 565 -14.78 32.48 -3.20
N TYR C 566 -14.17 32.36 -4.38
CA TYR C 566 -12.76 32.03 -4.46
C TYR C 566 -11.78 33.18 -4.80
N GLY C 567 -12.29 34.40 -5.08
CA GLY C 567 -11.43 35.52 -5.47
C GLY C 567 -10.98 35.58 -6.95
N PRO C 568 -9.85 36.24 -7.22
CA PRO C 568 -9.44 36.38 -8.61
C PRO C 568 -8.47 35.25 -8.98
N VAL C 569 -9.00 34.02 -9.13
CA VAL C 569 -8.15 32.86 -9.32
C VAL C 569 -7.35 32.92 -10.63
N SER C 570 -7.81 33.72 -11.57
CA SER C 570 -7.06 33.93 -12.79
C SER C 570 -5.62 34.44 -12.59
N VAL C 571 -5.34 35.14 -11.50
CA VAL C 571 -3.96 35.62 -11.29
C VAL C 571 -2.98 34.49 -10.93
N LEU C 572 -3.49 33.33 -10.56
CA LEU C 572 -2.63 32.20 -10.19
C LEU C 572 -1.95 31.59 -11.42
N PRO C 573 -0.72 31.10 -11.26
CA PRO C 573 -0.17 30.32 -12.34
C PRO C 573 -0.88 28.97 -12.54
N THR C 574 -0.76 28.44 -13.74
CA THR C 574 -1.57 27.30 -14.11
C THR C 574 -1.36 26.08 -13.25
N PRO C 575 -0.11 25.74 -12.90
CA PRO C 575 0.05 24.56 -12.03
C PRO C 575 -0.61 24.72 -10.68
N ALA C 576 -0.58 25.93 -10.16
CA ALA C 576 -1.18 26.20 -8.86
C ALA C 576 -2.72 26.20 -8.97
N TYR C 577 -3.25 26.68 -10.09
CA TYR C 577 -4.69 26.66 -10.32
C TYR C 577 -5.23 25.19 -10.43
N PHE C 578 -4.50 24.30 -11.12
CA PHE C 578 -4.96 22.91 -11.29
C PHE C 578 -4.50 21.95 -10.19
N TYR C 579 -3.39 22.22 -9.48
CA TYR C 579 -2.82 21.24 -8.50
C TYR C 579 -2.50 21.82 -7.13
N GLY C 580 -2.81 23.09 -6.90
CA GLY C 580 -2.48 23.69 -5.64
C GLY C 580 -1.00 23.66 -5.37
N LEU C 581 -0.62 23.54 -4.10
CA LEU C 581 0.75 23.73 -3.73
C LEU C 581 1.22 22.51 -3.04
N ALA C 582 2.37 22.04 -3.50
CA ALA C 582 3.08 20.96 -2.82
C ALA C 582 3.52 21.39 -1.43
N ASP C 583 3.87 20.40 -0.64
CA ASP C 583 4.17 20.64 0.77
C ASP C 583 5.47 21.46 0.89
N GLY C 584 5.47 22.45 1.76
CA GLY C 584 6.54 23.46 1.75
C GLY C 584 6.70 24.32 0.50
N GLU C 585 5.79 24.25 -0.47
CA GLU C 585 5.98 25.04 -1.68
C GLU C 585 5.68 26.53 -1.48
N GLU C 586 6.54 27.38 -2.08
CA GLU C 586 6.39 28.82 -2.08
C GLU C 586 5.85 29.32 -3.40
N LEU C 587 4.84 30.18 -3.32
CA LEU C 587 4.18 30.73 -4.50
C LEU C 587 4.18 32.25 -4.50
N PHE C 588 4.59 32.82 -5.64
CA PHE C 588 4.54 34.27 -5.82
C PHE C 588 3.34 34.52 -6.69
N ALA C 589 2.36 35.26 -6.19
CA ALA C 589 1.26 35.68 -7.04
C ALA C 589 0.93 37.13 -6.88
N ASP C 590 0.50 37.69 -7.99
CA ASP C 590 0.28 39.08 -8.10
C ASP C 590 -1.20 39.29 -7.97
N ILE C 591 -1.66 39.52 -6.78
CA ILE C 591 -3.10 39.74 -6.67
C ILE C 591 -3.58 40.99 -7.43
N GLU C 592 -2.67 41.93 -7.66
CA GLU C 592 -2.94 43.18 -8.34
C GLU C 592 -1.64 43.62 -8.97
N LYS C 593 -1.69 44.41 -10.05
CA LYS C 593 -0.48 44.89 -10.73
C LYS C 593 0.48 45.51 -9.69
N GLY C 594 -0.02 46.29 -8.77
CA GLY C 594 0.85 46.73 -7.68
C GLY C 594 1.50 45.64 -6.80
N LYS C 595 0.68 44.74 -6.23
CA LYS C 595 1.07 43.93 -5.10
C LYS C 595 1.38 42.48 -5.48
N THR C 596 2.61 42.05 -5.25
CA THR C 596 2.95 40.66 -5.18
C THR C 596 2.71 40.07 -3.80
N LEU C 597 2.14 38.85 -3.76
CA LEU C 597 1.96 38.03 -2.53
C LEU C 597 2.92 36.83 -2.52
N VAL C 598 3.43 36.53 -1.33
CA VAL C 598 4.21 35.34 -1.04
C VAL C 598 3.36 34.42 -0.14
N ILE C 599 3.15 33.22 -0.66
CA ILE C 599 2.31 32.18 -0.05
C ILE C 599 3.16 30.90 0.05
N VAL C 600 3.28 30.37 1.26
CA VAL C 600 3.97 29.15 1.46
C VAL C 600 2.97 28.18 2.10
N ASN C 601 2.73 27.04 1.46
CA ASN C 601 1.96 25.97 2.10
C ASN C 601 2.90 25.26 3.05
N GLN C 602 2.75 25.53 4.34
CA GLN C 602 3.58 24.97 5.39
C GLN C 602 3.12 23.63 5.92
N ALA C 603 1.82 23.39 5.94
CA ALA C 603 1.26 22.13 6.45
C ALA C 603 -0.22 21.98 6.13
N VAL C 604 -0.69 20.72 6.18
CA VAL C 604 -2.08 20.39 5.97
C VAL C 604 -2.50 19.49 7.08
N SER C 605 -3.51 19.84 7.89
CA SER C 605 -3.95 18.92 8.98
C SER C 605 -4.63 17.67 8.42
N ALA C 606 -4.76 16.65 9.25
CA ALA C 606 -5.72 15.57 9.02
C ALA C 606 -7.14 16.13 8.98
N THR C 607 -8.06 15.36 8.39
CA THR C 607 -9.49 15.72 8.38
C THR C 607 -10.07 15.64 9.77
N ASP C 608 -10.77 16.70 10.20
CA ASP C 608 -11.28 16.79 11.58
C ASP C 608 -12.71 16.24 11.72
N SER C 609 -13.31 16.42 12.91
CA SER C 609 -14.67 15.97 13.25
C SER C 609 -15.78 16.55 12.37
N GLN C 610 -15.71 17.84 12.05
CA GLN C 610 -16.69 18.46 11.16
C GLN C 610 -16.50 18.12 9.69
N GLY C 611 -15.65 17.13 9.38
CA GLY C 611 -15.28 16.82 8.00
C GLY C 611 -14.45 17.90 7.30
N MET C 612 -13.75 18.72 8.09
CA MET C 612 -13.00 19.87 7.58
C MET C 612 -11.48 19.65 7.60
N VAL C 613 -10.77 20.28 6.66
CA VAL C 613 -9.32 20.23 6.67
C VAL C 613 -8.77 21.64 6.76
N THR C 614 -7.75 21.80 7.60
CA THR C 614 -7.05 23.08 7.80
C THR C 614 -5.69 23.12 7.06
N VAL C 615 -5.51 24.07 6.16
CA VAL C 615 -4.20 24.29 5.55
C VAL C 615 -3.48 25.43 6.26
N PHE C 616 -2.24 25.20 6.68
CA PHE C 616 -1.45 26.24 7.33
C PHE C 616 -0.60 27.01 6.30
N PHE C 617 -1.03 28.21 5.95
CA PHE C 617 -0.26 29.06 5.05
C PHE C 617 0.59 30.06 5.82
N GLU C 618 1.66 30.49 5.18
CA GLU C 618 2.31 31.76 5.53
C GLU C 618 2.05 32.67 4.33
N LEU C 619 1.44 33.82 4.62
CA LEU C 619 1.15 34.83 3.60
C LEU C 619 1.88 36.10 3.99
N ASN C 620 2.71 36.60 3.08
CA ASN C 620 3.67 37.66 3.39
C ASN C 620 4.26 37.58 4.78
N GLY C 621 4.82 36.43 5.10
CA GLY C 621 5.42 36.18 6.39
C GLY C 621 4.48 36.08 7.59
N GLN C 622 3.14 36.22 7.43
CA GLN C 622 2.24 36.03 8.59
C GLN C 622 1.46 34.69 8.49
N PRO C 623 1.40 33.97 9.62
CA PRO C 623 0.66 32.70 9.60
C PRO C 623 -0.82 32.88 9.22
N ARG C 624 -1.34 32.02 8.36
CA ARG C 624 -2.79 31.97 8.14
C ARG C 624 -3.29 30.51 8.15
N ARG C 625 -4.42 30.26 8.79
CA ARG C 625 -5.02 28.89 8.85
C ARG C 625 -6.28 28.94 7.98
N ILE C 626 -6.43 28.09 6.97
CA ILE C 626 -7.66 28.10 6.17
C ILE C 626 -8.33 26.73 6.21
N LYS C 627 -9.62 26.70 6.61
CA LYS C 627 -10.44 25.48 6.72
C LYS C 627 -11.16 25.25 5.40
N VAL C 628 -11.06 24.05 4.85
CA VAL C 628 -11.89 23.68 3.70
C VAL C 628 -12.46 22.25 3.90
N PRO C 629 -13.56 21.91 3.20
CA PRO C 629 -14.16 20.58 3.35
C PRO C 629 -13.31 19.54 2.72
N ASP C 630 -13.25 18.37 3.31
CA ASP C 630 -12.80 17.19 2.64
C ASP C 630 -13.94 16.71 1.74
N ARG C 631 -13.84 16.97 0.45
CA ARG C 631 -14.84 16.56 -0.52
C ARG C 631 -14.75 15.10 -0.92
N ALA C 632 -13.75 14.37 -0.44
CA ALA C 632 -13.55 13.00 -0.89
C ALA C 632 -14.63 12.17 -0.27
N ASP D 36 9.24 -29.52 -28.38
CA ASP D 36 10.52 -28.70 -28.22
C ASP D 36 10.56 -27.28 -28.81
N ARG D 37 10.13 -27.04 -30.03
CA ARG D 37 9.97 -25.64 -30.40
C ARG D 37 8.83 -25.06 -29.49
N ALA D 38 7.76 -25.84 -29.30
CA ALA D 38 6.66 -25.52 -28.43
C ALA D 38 7.18 -25.24 -27.03
N THR D 39 8.04 -26.15 -26.55
CA THR D 39 8.64 -26.06 -25.23
C THR D 39 9.46 -24.82 -25.08
N LYS D 40 10.16 -24.48 -26.15
CA LYS D 40 11.01 -23.29 -26.14
C LYS D 40 10.19 -21.98 -26.05
N LEU D 41 9.09 -21.94 -26.80
CA LEU D 41 8.18 -20.81 -26.78
C LEU D 41 7.51 -20.70 -25.44
N LEU D 42 7.11 -21.82 -24.87
CA LEU D 42 6.51 -21.75 -23.54
C LEU D 42 7.53 -21.17 -22.59
N THR D 43 8.80 -21.51 -22.79
CA THR D 43 9.86 -20.95 -21.94
C THR D 43 9.96 -19.47 -22.08
N TYR D 44 9.86 -18.97 -23.32
CA TYR D 44 9.89 -17.54 -23.52
C TYR D 44 8.72 -16.90 -22.78
N LEU D 45 7.53 -17.42 -23.04
CA LEU D 45 6.30 -16.89 -22.49
C LEU D 45 6.33 -16.91 -20.97
N ALA D 46 6.83 -17.98 -20.37
CA ALA D 46 6.98 -17.96 -18.91
C ALA D 46 7.91 -16.84 -18.46
N ASP D 47 9.04 -16.69 -19.16
CA ASP D 47 10.09 -15.78 -18.73
C ASP D 47 9.58 -14.34 -18.78
N VAL D 48 8.87 -14.01 -19.83
CA VAL D 48 8.32 -12.66 -19.96
C VAL D 48 7.07 -12.42 -19.12
N THR D 49 6.31 -13.46 -18.86
CA THR D 49 5.16 -13.33 -17.95
C THR D 49 5.68 -13.05 -16.55
N VAL D 50 6.72 -13.75 -16.13
CA VAL D 50 7.19 -13.59 -14.72
C VAL D 50 7.99 -12.30 -14.54
N ASN D 51 8.89 -12.05 -15.47
CA ASN D 51 9.91 -10.97 -15.40
C ASN D 51 9.64 -9.72 -16.24
N GLY D 52 8.70 -9.71 -17.17
CA GLY D 52 8.48 -8.55 -18.08
C GLY D 52 9.46 -8.53 -19.25
N HIS D 53 9.21 -7.70 -20.26
CA HIS D 53 10.20 -7.55 -21.34
C HIS D 53 11.14 -6.36 -20.98
N PRO D 54 12.44 -6.54 -21.10
CA PRO D 54 13.40 -5.44 -20.75
C PRO D 54 13.05 -4.08 -21.47
N GLU D 55 12.67 -4.16 -22.71
CA GLU D 55 12.20 -2.98 -23.47
C GLU D 55 10.85 -2.41 -23.09
N ALA D 56 10.06 -3.08 -22.30
CA ALA D 56 8.68 -2.60 -22.12
C ALA D 56 8.28 -2.37 -20.73
N LYS D 57 8.94 -3.06 -19.80
CA LYS D 57 8.45 -3.21 -18.41
C LYS D 57 8.27 -1.85 -17.73
N ASP D 58 9.20 -0.93 -17.99
CA ASP D 58 9.20 0.36 -17.28
C ASP D 58 8.59 1.51 -18.12
N ARG D 59 7.92 1.22 -19.22
CA ARG D 59 7.42 2.26 -20.08
C ARG D 59 5.92 2.20 -20.11
N PRO D 60 5.30 3.20 -20.74
CA PRO D 60 3.83 3.20 -20.81
C PRO D 60 3.26 1.95 -21.54
N LYS D 61 2.04 1.61 -21.17
CA LYS D 61 1.41 0.39 -21.59
C LYS D 61 0.23 0.66 -22.50
N PRO D 62 -0.06 -0.27 -23.41
CA PRO D 62 -1.24 -0.04 -24.23
C PRO D 62 -2.51 -0.05 -23.41
N LEU D 63 -3.46 0.80 -23.80
CA LEU D 63 -4.88 0.69 -23.37
C LEU D 63 -5.31 -0.77 -23.15
N GLU D 64 -5.83 -1.07 -21.96
CA GLU D 64 -6.21 -2.43 -21.54
C GLU D 64 -7.36 -3.02 -22.36
N ASN D 65 -8.21 -2.16 -22.93
CA ASN D 65 -9.33 -2.60 -23.78
C ASN D 65 -8.68 -3.20 -25.01
N ALA D 66 -8.11 -2.29 -25.82
CA ALA D 66 -7.26 -2.60 -26.99
C ALA D 66 -7.84 -3.70 -27.87
N ALA D 67 -8.50 -3.27 -28.94
CA ALA D 67 -8.95 -4.18 -30.03
C ALA D 67 -7.71 -4.64 -30.83
N ARG D 68 -7.47 -5.94 -30.94
CA ARG D 68 -6.45 -6.49 -31.82
C ARG D 68 -6.57 -6.03 -33.31
N PRO D 69 -5.43 -5.88 -33.98
CA PRO D 69 -5.55 -5.49 -35.36
C PRO D 69 -6.19 -6.60 -36.18
N VAL D 70 -7.03 -6.22 -37.13
CA VAL D 70 -7.69 -7.16 -37.99
C VAL D 70 -7.26 -6.93 -39.43
N VAL D 71 -6.81 -7.96 -40.07
CA VAL D 71 -6.36 -7.86 -41.45
C VAL D 71 -7.63 -7.64 -42.27
N PRO D 72 -7.63 -6.74 -43.20
CA PRO D 72 -8.88 -6.48 -43.89
C PRO D 72 -9.28 -7.65 -44.72
N TYR D 73 -10.57 -7.74 -44.95
CA TYR D 73 -11.12 -8.78 -45.76
C TYR D 73 -10.60 -8.76 -47.17
N ALA D 74 -10.13 -9.92 -47.55
CA ALA D 74 -9.68 -10.24 -48.93
C ALA D 74 -10.85 -10.83 -49.73
N ASN D 75 -11.17 -10.28 -50.91
CA ASN D 75 -12.28 -10.81 -51.75
C ASN D 75 -11.92 -12.13 -52.45
N GLY D 76 -10.65 -12.51 -52.42
CA GLY D 76 -10.24 -13.81 -52.97
C GLY D 76 -9.87 -13.78 -54.46
N ASN D 77 -10.26 -12.71 -55.20
CA ASN D 77 -9.70 -12.45 -56.54
C ASN D 77 -8.14 -12.48 -56.49
N GLY D 78 -7.51 -13.00 -57.57
CA GLY D 78 -6.03 -13.14 -57.64
C GLY D 78 -5.30 -11.80 -57.64
N VAL D 79 -3.99 -11.77 -57.81
CA VAL D 79 -3.33 -10.45 -57.72
C VAL D 79 -2.89 -9.93 -59.11
N LYS D 80 -3.09 -8.63 -59.38
CA LYS D 80 -2.63 -8.05 -60.62
C LYS D 80 -1.09 -7.94 -60.69
N ASP D 81 -0.56 -8.11 -61.88
CA ASP D 81 0.81 -7.84 -62.17
C ASP D 81 1.13 -6.42 -61.81
N GLY D 82 2.28 -6.19 -61.21
CA GLY D 82 2.69 -4.84 -60.91
C GLY D 82 4.12 -4.59 -61.29
N THR D 83 4.78 -3.67 -60.56
CA THR D 83 6.11 -3.30 -60.92
C THR D 83 7.10 -4.46 -60.73
N LYS D 84 6.85 -5.40 -59.83
CA LYS D 84 7.71 -6.60 -59.76
C LYS D 84 7.81 -7.35 -61.09
N GLN D 85 6.67 -7.62 -61.72
CA GLN D 85 6.66 -8.31 -63.04
C GLN D 85 7.31 -7.46 -64.12
N LEU D 86 7.12 -6.15 -64.08
CA LEU D 86 7.74 -5.29 -65.05
C LEU D 86 9.24 -5.36 -64.90
N LEU D 87 9.78 -5.22 -63.69
CA LEU D 87 11.22 -5.31 -63.57
C LEU D 87 11.77 -6.67 -63.99
N ASP D 88 11.11 -7.79 -63.64
CA ASP D 88 11.56 -9.10 -64.05
C ASP D 88 11.56 -9.24 -65.56
N THR D 89 10.60 -8.60 -66.22
CA THR D 89 10.46 -8.66 -67.64
C THR D 89 11.48 -7.72 -68.33
N LEU D 90 11.61 -6.49 -67.85
CA LEU D 90 12.42 -5.45 -68.52
C LEU D 90 13.92 -5.39 -68.13
N GLY D 91 14.27 -5.82 -66.94
CA GLY D 91 15.55 -5.48 -66.40
C GLY D 91 15.57 -4.01 -65.97
N PRO D 92 16.55 -3.64 -65.15
CA PRO D 92 16.53 -2.37 -64.46
C PRO D 92 16.71 -1.15 -65.31
N LYS D 93 17.52 -1.24 -66.34
CA LYS D 93 17.75 -0.04 -67.17
C LYS D 93 16.46 0.31 -67.95
N LYS D 94 15.81 -0.67 -68.55
CA LYS D 94 14.58 -0.38 -69.29
C LYS D 94 13.43 -0.06 -68.32
N PHE D 95 13.43 -0.64 -67.12
CA PHE D 95 12.44 -0.31 -66.16
C PHE D 95 12.56 1.20 -65.74
N GLY D 96 13.78 1.70 -65.58
CA GLY D 96 13.96 3.12 -65.23
C GLY D 96 13.49 4.02 -66.34
N GLU D 97 13.71 3.61 -67.58
CA GLU D 97 13.15 4.37 -68.70
C GLU D 97 11.62 4.29 -68.72
N TRP D 98 11.07 3.13 -68.34
CA TRP D 98 9.63 3.01 -68.24
C TRP D 98 9.17 3.98 -67.15
N MET D 99 9.87 4.02 -66.01
CA MET D 99 9.55 4.97 -64.90
C MET D 99 9.54 6.46 -65.30
N ARG D 100 10.61 6.78 -66.00
CA ARG D 100 10.85 8.11 -66.50
C ARG D 100 9.68 8.49 -67.36
N ASN D 101 9.32 7.62 -68.30
CA ASN D 101 8.25 7.95 -69.22
C ASN D 101 6.87 7.92 -68.58
N GLU D 102 6.71 7.26 -67.47
CA GLU D 102 5.37 7.13 -66.93
C GLU D 102 4.73 8.49 -66.53
N LYS D 103 3.48 8.70 -66.93
CA LYS D 103 2.80 9.97 -66.64
C LYS D 103 2.46 10.06 -65.15
N ARG D 104 1.72 9.09 -64.60
CA ARG D 104 1.31 9.17 -63.22
C ARG D 104 2.52 9.27 -62.29
N VAL D 105 2.35 9.93 -61.16
CA VAL D 105 3.42 9.89 -60.18
C VAL D 105 3.37 8.51 -59.54
N LEU D 106 4.52 7.89 -59.34
CA LEU D 106 4.59 6.59 -58.68
C LEU D 106 4.82 6.78 -57.21
N LEU D 107 4.26 5.86 -56.42
CA LEU D 107 4.34 5.94 -54.98
C LEU D 107 5.06 4.81 -54.33
N THR D 108 5.89 5.17 -53.36
CA THR D 108 6.48 4.26 -52.46
C THR D 108 5.95 4.46 -51.06
N ASP D 109 5.43 3.37 -50.43
CA ASP D 109 4.96 3.33 -49.06
C ASP D 109 6.12 2.93 -48.14
N THR D 110 6.45 3.81 -47.21
CA THR D 110 7.56 3.63 -46.23
C THR D 110 7.14 3.13 -44.84
N THR D 111 5.87 2.78 -44.64
CA THR D 111 5.32 2.39 -43.37
C THR D 111 6.08 1.23 -42.75
N MET D 112 6.43 0.24 -43.56
CA MET D 112 7.12 -0.93 -43.08
C MET D 112 8.60 -0.74 -42.67
N ARG D 113 9.17 0.43 -42.96
CA ARG D 113 10.55 0.71 -42.58
C ARG D 113 10.68 2.08 -41.95
N ASP D 114 10.67 3.15 -42.72
CA ASP D 114 10.97 4.50 -42.18
C ASP D 114 9.90 4.95 -41.23
N GLY D 115 8.66 4.60 -41.51
CA GLY D 115 7.59 5.09 -40.65
C GLY D 115 7.82 4.71 -39.18
N HIS D 116 8.04 3.42 -38.91
CA HIS D 116 8.20 3.03 -37.51
C HIS D 116 9.64 3.25 -37.03
N GLN D 117 10.59 3.31 -37.96
CA GLN D 117 11.94 3.71 -37.56
C GLN D 117 11.87 5.13 -36.97
N SER D 118 11.05 5.99 -37.55
CA SER D 118 10.99 7.37 -37.11
C SER D 118 10.12 7.57 -35.91
N LEU D 119 9.04 6.81 -35.77
CA LEU D 119 8.07 7.08 -34.71
C LEU D 119 8.08 6.10 -33.55
N LEU D 120 8.65 4.92 -33.76
CA LEU D 120 8.60 3.86 -32.74
C LEU D 120 9.90 3.10 -32.52
N ALA D 121 11.01 3.81 -32.72
CA ALA D 121 12.37 3.32 -32.49
C ALA D 121 12.58 2.00 -33.26
N THR D 122 11.90 1.91 -34.42
CA THR D 122 12.08 0.77 -35.31
C THR D 122 11.66 -0.55 -34.69
N ARG D 123 10.80 -0.49 -33.68
CA ARG D 123 10.44 -1.65 -32.90
C ARG D 123 9.27 -2.47 -33.50
N MET D 124 8.76 -2.10 -34.65
CA MET D 124 7.67 -2.88 -35.25
C MET D 124 8.10 -4.33 -35.64
N ARG D 125 7.22 -5.31 -35.34
CA ARG D 125 7.54 -6.72 -35.46
C ARG D 125 7.07 -7.32 -36.76
N THR D 126 7.82 -8.34 -37.19
CA THR D 126 7.45 -9.18 -38.31
C THR D 126 5.95 -9.58 -38.30
N TYR D 127 5.46 -9.94 -37.14
CA TYR D 127 4.14 -10.50 -37.01
C TYR D 127 3.15 -9.49 -37.57
N ASP D 128 3.34 -8.22 -37.23
CA ASP D 128 2.42 -7.18 -37.67
C ASP D 128 2.69 -6.74 -39.11
N ILE D 129 3.93 -6.73 -39.51
CA ILE D 129 4.35 -6.30 -40.84
C ILE D 129 3.97 -7.29 -41.91
N ALA D 130 4.32 -8.55 -41.69
CA ALA D 130 4.04 -9.57 -42.68
C ALA D 130 2.57 -9.81 -42.86
N ARG D 131 1.77 -9.68 -41.82
CA ARG D 131 0.30 -9.94 -41.97
C ARG D 131 -0.46 -9.00 -42.90
N ILE D 132 0.11 -7.84 -43.16
CA ILE D 132 -0.61 -6.90 -44.02
C ILE D 132 -0.11 -6.91 -45.51
N ALA D 133 0.95 -7.64 -45.78
CA ALA D 133 1.56 -7.55 -47.12
C ALA D 133 0.61 -8.03 -48.23
N GLY D 134 -0.11 -9.14 -47.99
CA GLY D 134 -1.14 -9.67 -48.88
C GLY D 134 -2.22 -8.61 -49.19
N THR D 135 -2.56 -7.78 -48.23
CA THR D 135 -3.60 -6.78 -48.45
C THR D 135 -3.09 -5.67 -49.38
N TYR D 136 -1.87 -5.25 -49.19
CA TYR D 136 -1.26 -4.29 -50.10
C TYR D 136 -1.26 -4.82 -51.53
N SER D 137 -0.94 -6.09 -51.68
CA SER D 137 -0.77 -6.73 -52.94
C SER D 137 -2.08 -6.82 -53.73
N HIS D 138 -3.19 -7.12 -53.05
CA HIS D 138 -4.51 -7.19 -53.72
C HIS D 138 -5.11 -5.83 -53.89
N ALA D 139 -4.90 -4.95 -52.94
CA ALA D 139 -5.66 -3.69 -52.92
C ALA D 139 -4.94 -2.48 -53.49
N LEU D 140 -3.63 -2.45 -53.37
CA LEU D 140 -2.89 -1.34 -53.95
C LEU D 140 -1.84 -1.85 -54.96
N PRO D 141 -2.27 -2.60 -55.96
CA PRO D 141 -1.28 -3.19 -56.84
C PRO D 141 -0.53 -2.20 -57.72
N ASN D 142 -0.89 -0.92 -57.69
CA ASN D 142 -0.22 0.11 -58.45
C ASN D 142 0.98 0.79 -57.78
N LEU D 143 1.23 0.47 -56.51
CA LEU D 143 2.36 1.06 -55.76
C LEU D 143 3.63 0.70 -56.51
N LEU D 144 4.60 1.62 -56.53
CA LEU D 144 5.91 1.34 -57.07
C LEU D 144 6.60 0.33 -56.20
N SER D 145 6.63 0.59 -54.90
CA SER D 145 7.36 -0.26 -54.00
C SER D 145 6.89 -0.08 -52.57
N LEU D 146 7.22 -1.10 -51.79
CA LEU D 146 7.12 -1.04 -50.32
C LEU D 146 8.57 -0.91 -49.80
N GLU D 147 8.88 0.19 -49.15
CA GLU D 147 10.13 0.26 -48.43
C GLU D 147 9.92 -0.54 -47.11
N CYS D 148 10.61 -1.66 -46.96
CA CYS D 148 10.30 -2.59 -45.93
C CYS D 148 11.51 -3.23 -45.33
N TRP D 149 12.70 -2.69 -45.57
CA TRP D 149 13.93 -3.38 -45.18
C TRP D 149 15.11 -2.43 -45.17
N GLY D 150 16.18 -2.87 -44.53
CA GLY D 150 17.31 -2.03 -44.26
C GLY D 150 17.02 -0.92 -43.30
N GLY D 151 17.75 0.20 -43.46
CA GLY D 151 17.92 1.15 -42.37
C GLY D 151 18.18 0.41 -41.05
N ALA D 152 17.57 0.87 -39.96
CA ALA D 152 17.78 0.28 -38.64
C ALA D 152 17.01 -1.05 -38.43
N THR D 153 16.18 -1.49 -39.38
CA THR D 153 15.45 -2.72 -39.14
C THR D 153 16.33 -3.95 -39.01
N PHE D 154 17.41 -4.00 -39.76
CA PHE D 154 18.28 -5.17 -39.74
C PHE D 154 18.83 -5.43 -38.33
N ASP D 155 19.42 -4.40 -37.74
CA ASP D 155 20.00 -4.47 -36.43
C ASP D 155 18.88 -4.72 -35.36
N VAL D 156 17.85 -3.86 -35.39
CA VAL D 156 16.87 -3.80 -34.29
C VAL D 156 16.05 -5.12 -34.20
N SER D 157 15.80 -5.76 -35.34
CA SER D 157 15.00 -6.98 -35.37
C SER D 157 15.66 -8.02 -34.51
N MET D 158 16.98 -8.15 -34.64
CA MET D 158 17.73 -9.10 -33.85
C MET D 158 18.01 -8.61 -32.45
N ARG D 159 18.48 -7.40 -32.31
CA ARG D 159 18.99 -6.96 -31.02
C ARG D 159 17.85 -6.86 -30.00
N PHE D 160 16.73 -6.29 -30.45
CA PHE D 160 15.63 -5.89 -29.57
C PHE D 160 14.33 -6.66 -29.72
N LEU D 161 14.20 -7.44 -30.80
CA LEU D 161 12.97 -8.18 -31.03
C LEU D 161 13.18 -9.66 -31.20
N THR D 162 14.41 -10.12 -31.08
CA THR D 162 14.74 -11.53 -31.24
C THR D 162 14.05 -12.13 -32.45
N GLU D 163 14.25 -11.47 -33.57
CA GLU D 163 13.74 -11.97 -34.83
C GLU D 163 14.67 -11.70 -36.03
N ASP D 164 14.48 -12.55 -37.04
CA ASP D 164 15.42 -12.63 -38.13
C ASP D 164 14.93 -11.74 -39.26
N PRO D 165 15.75 -10.76 -39.67
CA PRO D 165 15.23 -9.83 -40.68
C PRO D 165 15.09 -10.51 -42.02
N TRP D 166 15.82 -11.61 -42.24
CA TRP D 166 15.64 -12.38 -43.47
C TRP D 166 14.27 -13.04 -43.54
N GLU D 167 13.82 -13.63 -42.43
CA GLU D 167 12.48 -14.21 -42.40
C GLU D 167 11.46 -13.13 -42.72
N ARG D 168 11.64 -11.94 -42.14
CA ARG D 168 10.71 -10.86 -42.32
C ARG D 168 10.55 -10.57 -43.84
N LEU D 169 11.68 -10.45 -44.53
CA LEU D 169 11.67 -10.11 -45.94
C LEU D 169 11.03 -11.23 -46.71
N ALA D 170 11.32 -12.45 -46.34
CA ALA D 170 10.78 -13.60 -47.10
C ALA D 170 9.25 -13.64 -47.01
N LEU D 171 8.74 -13.37 -45.81
CA LEU D 171 7.30 -13.31 -45.58
C LEU D 171 6.64 -12.18 -46.42
N ILE D 172 7.32 -11.05 -46.55
CA ILE D 172 6.80 -9.93 -47.29
C ILE D 172 6.79 -10.26 -48.78
N ARG D 173 7.90 -10.83 -49.25
CA ARG D 173 8.07 -11.31 -50.60
C ARG D 173 6.96 -12.25 -50.99
N GLU D 174 6.67 -13.18 -50.09
CA GLU D 174 5.64 -14.14 -50.39
C GLU D 174 4.24 -13.42 -50.46
N GLY D 175 3.98 -12.44 -49.58
CA GLY D 175 2.64 -11.81 -49.52
C GLY D 175 2.42 -10.77 -50.60
N ALA D 176 3.49 -10.24 -51.18
CA ALA D 176 3.38 -9.22 -52.20
C ALA D 176 4.28 -9.53 -53.41
N PRO D 177 3.97 -10.60 -54.13
CA PRO D 177 4.75 -10.98 -55.31
C PRO D 177 4.72 -10.05 -56.50
N ASN D 178 3.90 -9.02 -56.46
CA ASN D 178 3.64 -8.10 -57.58
C ASN D 178 4.23 -6.70 -57.40
N LEU D 179 4.78 -6.43 -56.21
CA LEU D 179 5.33 -5.14 -55.91
C LEU D 179 6.84 -5.24 -55.65
N LEU D 180 7.58 -4.22 -56.05
CA LEU D 180 9.00 -4.13 -55.74
C LEU D 180 9.17 -3.96 -54.26
N LEU D 181 10.09 -4.72 -53.70
CA LEU D 181 10.47 -4.56 -52.32
C LEU D 181 11.73 -3.74 -52.33
N GLN D 182 11.70 -2.69 -51.53
CA GLN D 182 12.74 -1.68 -51.51
C GLN D 182 13.47 -1.65 -50.16
N MET D 183 14.79 -1.53 -50.16
CA MET D 183 15.54 -1.37 -48.92
C MET D 183 16.23 -0.06 -48.91
N LEU D 184 16.64 0.32 -47.74
CA LEU D 184 17.63 1.40 -47.58
C LEU D 184 18.93 0.77 -47.23
N LEU D 185 19.94 1.08 -48.07
CA LEU D 185 21.29 0.56 -47.99
C LEU D 185 22.25 1.73 -47.84
N ARG D 186 23.10 1.65 -46.82
CA ARG D 186 23.99 2.72 -46.48
C ARG D 186 25.37 2.64 -47.09
N GLY D 187 25.47 2.28 -48.36
CA GLY D 187 26.65 2.58 -49.15
C GLY D 187 27.77 1.76 -48.62
N ALA D 188 28.82 2.40 -48.18
CA ALA D 188 29.90 1.70 -47.54
C ALA D 188 29.63 1.15 -46.14
N ASN D 189 28.51 1.49 -45.51
CA ASN D 189 28.15 0.94 -44.19
C ASN D 189 27.19 -0.22 -44.22
N GLY D 190 26.68 -0.58 -45.40
CA GLY D 190 25.73 -1.68 -45.55
C GLY D 190 24.47 -1.47 -44.74
N VAL D 191 24.21 -2.34 -43.78
CA VAL D 191 23.17 -2.08 -42.80
C VAL D 191 23.81 -1.95 -41.45
N GLY D 192 25.12 -1.64 -41.40
CA GLY D 192 25.86 -1.26 -40.15
C GLY D 192 26.15 0.24 -39.95
N TYR D 193 27.12 0.51 -39.08
CA TYR D 193 27.50 1.89 -38.69
C TYR D 193 28.92 2.24 -39.07
N THR D 194 29.78 1.21 -39.08
CA THR D 194 31.15 1.33 -39.61
C THR D 194 31.29 0.93 -41.12
N ASN D 195 32.37 1.38 -41.77
CA ASN D 195 32.64 0.95 -43.16
C ASN D 195 33.16 -0.51 -43.15
N TYR D 196 32.71 -1.34 -44.12
CA TYR D 196 33.18 -2.76 -44.17
C TYR D 196 34.09 -2.98 -45.37
N PRO D 197 34.79 -4.12 -45.37
CA PRO D 197 35.56 -4.37 -46.58
C PRO D 197 34.67 -4.68 -47.78
N ASP D 198 35.22 -4.41 -48.96
CA ASP D 198 34.45 -4.42 -50.20
C ASP D 198 33.79 -5.76 -50.40
N ASN D 199 34.52 -6.85 -50.17
CA ASN D 199 33.97 -8.16 -50.47
C ASN D 199 32.78 -8.49 -49.54
N VAL D 200 32.74 -7.89 -48.36
CA VAL D 200 31.66 -8.06 -47.40
C VAL D 200 30.44 -7.29 -47.88
N VAL D 201 30.70 -6.07 -48.36
CA VAL D 201 29.59 -5.29 -48.89
C VAL D 201 28.97 -6.05 -50.09
N LYS D 202 29.79 -6.47 -51.04
CA LYS D 202 29.28 -7.26 -52.15
C LYS D 202 28.60 -8.56 -51.66
N TYR D 203 29.20 -9.23 -50.70
CA TYR D 203 28.57 -10.48 -50.25
C TYR D 203 27.13 -10.20 -49.75
N PHE D 204 26.92 -9.06 -49.09
CA PHE D 204 25.62 -8.71 -48.50
C PHE D 204 24.55 -8.28 -49.52
N VAL D 205 24.95 -7.45 -50.45
CA VAL D 205 24.09 -7.08 -51.54
C VAL D 205 23.59 -8.30 -52.30
N ARG D 206 24.52 -9.19 -52.61
CA ARG D 206 24.16 -10.39 -53.30
C ARG D 206 23.11 -11.19 -52.53
N GLN D 207 23.25 -11.30 -51.21
CA GLN D 207 22.27 -12.02 -50.41
C GLN D 207 21.01 -11.23 -50.26
N ALA D 208 21.07 -9.91 -50.26
CA ALA D 208 19.83 -9.13 -50.16
C ALA D 208 18.96 -9.33 -51.42
N ALA D 209 19.62 -9.28 -52.59
CA ALA D 209 18.97 -9.57 -53.85
C ALA D 209 18.39 -11.01 -53.83
N LYS D 210 19.17 -12.05 -53.49
CA LYS D 210 18.64 -13.42 -53.38
C LYS D 210 17.47 -13.47 -52.40
N GLY D 211 17.53 -12.72 -51.28
CA GLY D 211 16.54 -12.82 -50.27
C GLY D 211 15.22 -12.14 -50.59
N GLY D 212 15.16 -11.35 -51.66
CA GLY D 212 13.93 -10.68 -52.11
C GLY D 212 13.93 -9.17 -52.41
N ILE D 213 15.04 -8.48 -52.14
CA ILE D 213 15.09 -7.03 -52.41
C ILE D 213 15.22 -6.75 -53.93
N ASP D 214 14.36 -5.85 -54.44
CA ASP D 214 14.33 -5.49 -55.85
C ASP D 214 15.01 -4.13 -56.15
N LEU D 215 14.82 -3.18 -55.24
CA LEU D 215 15.13 -1.80 -55.44
C LEU D 215 15.91 -1.35 -54.24
N PHE D 216 17.15 -1.06 -54.49
CA PHE D 216 18.11 -0.65 -53.52
C PHE D 216 18.31 0.85 -53.56
N ARG D 217 17.82 1.57 -52.54
CA ARG D 217 18.14 2.98 -52.42
C ARG D 217 19.45 3.10 -51.62
N VAL D 218 20.48 3.59 -52.28
CA VAL D 218 21.81 3.52 -51.70
C VAL D 218 22.31 4.96 -51.56
N PHE D 219 22.88 5.26 -50.42
CA PHE D 219 23.33 6.63 -50.08
C PHE D 219 24.67 6.61 -49.35
N ASP D 220 25.45 7.68 -49.49
CA ASP D 220 26.64 7.93 -48.69
C ASP D 220 26.37 9.16 -47.80
N CYS D 221 26.80 9.11 -46.54
CA CYS D 221 26.48 10.16 -45.57
C CYS D 221 27.19 11.46 -45.90
N LEU D 222 28.17 11.42 -46.78
CA LEU D 222 28.74 12.66 -47.29
C LEU D 222 28.49 12.93 -48.79
N ASN D 223 27.63 12.15 -49.42
CA ASN D 223 27.41 12.31 -50.86
C ASN D 223 28.76 12.23 -51.61
N TRP D 224 29.67 11.37 -51.13
CA TRP D 224 30.93 11.03 -51.82
C TRP D 224 30.70 9.84 -52.80
N VAL D 225 30.54 10.21 -54.07
CA VAL D 225 30.23 9.28 -55.18
C VAL D 225 31.26 8.14 -55.24
N GLU D 226 32.50 8.49 -54.98
CA GLU D 226 33.55 7.48 -54.95
C GLU D 226 33.27 6.37 -53.93
N ASN D 227 32.72 6.73 -52.78
CA ASN D 227 32.43 5.74 -51.74
C ASN D 227 31.16 4.91 -51.94
N MET D 228 30.43 5.25 -53.00
CA MET D 228 29.21 4.51 -53.45
C MET D 228 29.40 3.46 -54.55
N ARG D 229 30.51 3.52 -55.28
CA ARG D 229 30.69 2.69 -56.45
C ARG D 229 30.68 1.19 -56.14
N VAL D 230 31.34 0.78 -55.09
CA VAL D 230 31.31 -0.65 -54.80
C VAL D 230 29.82 -1.14 -54.61
N SER D 231 29.03 -0.37 -53.91
CA SER D 231 27.65 -0.74 -53.71
C SER D 231 26.87 -0.76 -55.02
N MET D 232 26.98 0.35 -55.76
CA MET D 232 26.30 0.52 -57.02
C MET D 232 26.63 -0.61 -57.98
N ASP D 233 27.92 -0.90 -58.16
CA ASP D 233 28.32 -2.01 -59.04
C ASP D 233 27.77 -3.35 -58.56
N ALA D 234 27.74 -3.59 -57.26
CA ALA D 234 27.23 -4.84 -56.75
C ALA D 234 25.73 -4.97 -57.08
N ILE D 235 24.99 -3.88 -56.96
CA ILE D 235 23.60 -3.89 -57.25
C ILE D 235 23.36 -4.23 -58.77
N ALA D 236 24.13 -3.55 -59.62
CA ALA D 236 24.03 -3.77 -61.03
C ALA D 236 24.39 -5.18 -61.33
N GLU D 237 25.38 -5.74 -60.66
CA GLU D 237 25.79 -7.10 -60.97
C GLU D 237 24.65 -8.10 -60.60
N GLU D 238 23.83 -7.75 -59.59
CA GLU D 238 22.66 -8.56 -59.24
C GLU D 238 21.46 -8.32 -60.18
N ASN D 239 21.62 -7.38 -61.11
CA ASN D 239 20.58 -7.00 -62.00
C ASN D 239 19.33 -6.45 -61.28
N LYS D 240 19.55 -5.80 -60.13
CA LYS D 240 18.47 -5.08 -59.46
C LYS D 240 18.54 -3.61 -59.72
N LEU D 241 17.52 -2.90 -59.24
CA LEU D 241 17.45 -1.47 -59.43
C LEU D 241 18.34 -0.78 -58.43
N CYS D 242 19.19 0.09 -58.94
CA CYS D 242 20.15 0.84 -58.13
C CYS D 242 19.65 2.26 -58.14
N GLU D 243 19.01 2.67 -57.05
CA GLU D 243 18.52 4.01 -56.92
C GLU D 243 19.55 4.73 -56.05
N ALA D 244 20.45 5.44 -56.72
CA ALA D 244 21.50 6.17 -56.07
C ALA D 244 20.99 7.48 -55.52
N ALA D 245 21.17 7.66 -54.23
CA ALA D 245 20.65 8.82 -53.55
C ALA D 245 21.63 9.99 -53.43
N ILE D 246 21.08 11.22 -53.47
CA ILE D 246 21.75 12.47 -53.10
C ILE D 246 21.00 13.00 -51.88
N CYS D 247 21.72 13.16 -50.78
CA CYS D 247 21.14 13.69 -49.55
C CYS D 247 20.99 15.22 -49.67
N TYR D 248 19.83 15.75 -49.31
CA TYR D 248 19.62 17.22 -49.41
C TYR D 248 19.97 17.81 -48.10
N THR D 249 20.63 18.94 -48.16
CA THR D 249 20.88 19.69 -46.98
C THR D 249 20.97 21.14 -47.35
N GLY D 250 20.90 22.01 -46.38
CA GLY D 250 20.92 23.43 -46.68
C GLY D 250 19.69 23.90 -47.36
N ASP D 251 19.87 24.81 -48.31
CA ASP D 251 18.78 25.50 -48.95
C ASP D 251 19.31 26.08 -50.23
N ILE D 252 18.95 25.44 -51.35
CA ILE D 252 19.39 25.92 -52.68
C ILE D 252 18.94 27.34 -53.07
N LEU D 253 17.89 27.89 -52.44
CA LEU D 253 17.39 29.24 -52.77
C LEU D 253 17.90 30.28 -51.79
N ASN D 254 18.77 29.86 -50.88
CA ASN D 254 19.42 30.82 -50.04
C ASN D 254 20.84 31.09 -50.53
N SER D 255 21.04 32.25 -51.14
CA SER D 255 22.33 32.61 -51.75
C SER D 255 23.44 32.87 -50.70
N ALA D 256 23.05 33.09 -49.45
CA ALA D 256 24.01 33.20 -48.35
C ALA D 256 24.49 31.85 -47.82
N ARG D 257 24.17 30.76 -48.53
CA ARG D 257 24.76 29.45 -48.24
C ARG D 257 25.04 28.68 -49.56
N PRO D 258 26.01 29.17 -50.35
CA PRO D 258 26.21 28.71 -51.73
C PRO D 258 26.73 27.30 -51.86
N LYS D 259 27.24 26.74 -50.77
CA LYS D 259 27.87 25.43 -50.81
C LYS D 259 26.95 24.35 -51.38
N TYR D 260 25.68 24.38 -50.96
CA TYR D 260 24.73 23.42 -51.42
C TYR D 260 23.73 24.11 -52.29
N ASP D 261 24.17 24.53 -53.48
CA ASP D 261 23.35 25.27 -54.41
C ASP D 261 22.77 24.28 -55.47
N LEU D 262 21.96 24.79 -56.40
CA LEU D 262 21.34 23.91 -57.38
C LEU D 262 22.39 23.06 -58.07
N LYS D 263 23.52 23.63 -58.49
CA LYS D 263 24.45 22.88 -59.39
C LYS D 263 25.22 21.79 -58.63
N TYR D 264 25.44 21.97 -57.32
CA TYR D 264 25.85 20.85 -56.45
C TYR D 264 24.96 19.60 -56.64
N TYR D 265 23.65 19.78 -56.64
CA TYR D 265 22.72 18.64 -56.87
C TYR D 265 22.74 18.17 -58.34
N THR D 266 22.71 19.08 -59.29
CA THR D 266 22.65 18.61 -60.68
C THR D 266 23.91 17.92 -61.11
N ASN D 267 25.05 18.36 -60.59
CA ASN D 267 26.31 17.72 -60.89
C ASN D 267 26.40 16.36 -60.30
N LEU D 268 25.84 16.21 -59.10
CA LEU D 268 25.85 14.88 -58.46
C LEU D 268 24.99 13.90 -59.26
N ALA D 269 23.85 14.37 -59.72
CA ALA D 269 22.97 13.52 -60.50
C ALA D 269 23.71 13.04 -61.77
N VAL D 270 24.34 13.96 -62.51
CA VAL D 270 25.15 13.60 -63.70
C VAL D 270 26.24 12.57 -63.33
N GLU D 271 26.95 12.77 -62.21
CA GLU D 271 27.97 11.75 -61.79
C GLU D 271 27.36 10.37 -61.44
N LEU D 272 26.30 10.38 -60.69
CA LEU D 272 25.69 9.11 -60.34
C LEU D 272 25.18 8.37 -61.60
N GLU D 273 24.66 9.09 -62.58
CA GLU D 273 24.30 8.45 -63.86
C GLU D 273 25.54 7.82 -64.49
N LYS D 274 26.60 8.58 -64.69
CA LYS D 274 27.88 8.01 -65.21
C LYS D 274 28.35 6.78 -64.42
N ALA D 275 28.15 6.78 -63.08
CA ALA D 275 28.57 5.62 -62.26
C ALA D 275 27.58 4.44 -62.27
N GLY D 276 26.51 4.53 -63.07
CA GLY D 276 25.67 3.39 -63.35
C GLY D 276 24.30 3.31 -62.67
N ALA D 277 23.81 4.41 -62.10
CA ALA D 277 22.51 4.38 -61.44
C ALA D 277 21.36 4.18 -62.45
N HIS D 278 20.27 3.59 -61.97
CA HIS D 278 19.09 3.35 -62.77
C HIS D 278 18.08 4.43 -62.42
N ILE D 279 18.14 4.88 -61.18
CA ILE D 279 17.21 5.91 -60.63
C ILE D 279 18.03 6.86 -59.75
N ILE D 280 17.70 8.17 -59.75
CA ILE D 280 18.33 9.06 -58.81
C ILE D 280 17.35 9.40 -57.71
N ALA D 281 17.77 9.30 -56.45
CA ALA D 281 16.88 9.71 -55.37
C ALA D 281 17.34 11.05 -54.81
N VAL D 282 16.40 11.89 -54.43
CA VAL D 282 16.72 12.96 -53.50
C VAL D 282 16.23 12.51 -52.10
N KCX D 283 17.19 12.36 -51.18
CA KCX D 283 16.95 11.84 -49.85
CB KCX D 283 17.98 10.79 -49.50
CG KCX D 283 17.68 10.19 -48.10
CD KCX D 283 18.75 9.25 -47.63
CE KCX D 283 18.54 8.70 -46.23
NZ KCX D 283 17.39 7.86 -45.98
C KCX D 283 17.05 12.99 -48.94
O KCX D 283 18.16 13.44 -48.58
CX KCX D 283 16.29 8.21 -45.36
OQ1 KCX D 283 16.03 9.29 -44.90
OQ2 KCX D 283 15.41 7.26 -45.18
N ASP D 284 15.89 13.51 -48.59
CA ASP D 284 15.77 14.67 -47.73
C ASP D 284 15.44 14.21 -46.34
N MET D 285 16.51 13.75 -45.70
CA MET D 285 16.46 12.95 -44.43
C MET D 285 15.96 13.73 -43.25
N ALA D 286 16.20 15.03 -43.30
CA ALA D 286 15.70 15.96 -42.30
C ALA D 286 14.49 16.78 -42.70
N GLY D 287 13.94 16.52 -43.88
CA GLY D 287 12.70 17.22 -44.29
C GLY D 287 12.96 18.73 -44.42
N LEU D 288 14.12 19.07 -44.95
CA LEU D 288 14.48 20.48 -45.14
C LEU D 288 14.10 21.08 -46.50
N LEU D 289 13.80 20.26 -47.49
CA LEU D 289 13.50 20.85 -48.80
C LEU D 289 12.18 21.62 -48.72
N LYS D 290 12.19 22.86 -49.13
CA LYS D 290 10.97 23.62 -49.19
C LYS D 290 10.28 23.58 -50.52
N PRO D 291 8.99 23.92 -50.57
CA PRO D 291 8.24 23.75 -51.82
C PRO D 291 8.81 24.51 -53.02
N ALA D 292 9.14 25.77 -52.83
CA ALA D 292 9.70 26.61 -53.93
C ALA D 292 11.00 26.03 -54.38
N ALA D 293 11.79 25.52 -53.46
CA ALA D 293 13.01 24.84 -53.86
C ALA D 293 12.77 23.55 -54.64
N ALA D 294 11.80 22.74 -54.24
CA ALA D 294 11.46 21.52 -55.00
C ALA D 294 11.09 21.80 -56.47
N LYS D 295 10.26 22.82 -56.63
CA LYS D 295 9.87 23.27 -57.97
C LYS D 295 11.09 23.54 -58.87
N VAL D 296 12.08 24.28 -58.38
CA VAL D 296 13.29 24.54 -59.14
C VAL D 296 14.09 23.27 -59.23
N LEU D 297 14.25 22.53 -58.12
CA LEU D 297 15.18 21.36 -58.10
C LEU D 297 14.77 20.23 -59.07
N PHE D 298 13.48 19.90 -59.10
CA PHE D 298 13.04 18.72 -59.82
C PHE D 298 12.91 18.99 -61.29
N LYS D 299 12.61 20.23 -61.64
CA LYS D 299 12.69 20.64 -63.06
C LYS D 299 14.13 20.49 -63.57
N ALA D 300 15.09 21.01 -62.79
CA ALA D 300 16.51 20.94 -63.13
C ALA D 300 17.04 19.54 -63.17
N LEU D 301 16.68 18.74 -62.19
CA LEU D 301 17.21 17.37 -62.18
C LEU D 301 16.76 16.63 -63.44
N ARG D 302 15.50 16.80 -63.81
CA ARG D 302 14.94 16.10 -64.96
C ARG D 302 15.61 16.53 -66.24
N GLU D 303 16.11 17.76 -66.30
CA GLU D 303 16.86 18.22 -67.46
C GLU D 303 18.29 17.82 -67.47
N ALA D 304 18.88 17.52 -66.31
CA ALA D 304 20.32 17.27 -66.31
C ALA D 304 20.62 15.79 -66.45
N THR D 305 19.73 14.95 -65.97
CA THR D 305 19.96 13.55 -66.13
C THR D 305 18.80 13.01 -66.89
N GLY D 306 19.03 11.97 -67.67
CA GLY D 306 17.93 11.23 -68.35
C GLY D 306 17.32 10.19 -67.42
N LEU D 307 17.78 10.08 -66.19
CA LEU D 307 17.25 9.04 -65.34
C LEU D 307 15.99 9.51 -64.67
N PRO D 308 15.08 8.57 -64.30
CA PRO D 308 13.98 8.93 -63.42
C PRO D 308 14.43 9.42 -62.05
N ILE D 309 13.60 10.23 -61.39
CA ILE D 309 13.90 10.77 -60.09
C ILE D 309 12.84 10.39 -59.05
N HIS D 310 13.31 10.14 -57.82
CA HIS D 310 12.50 9.61 -56.70
C HIS D 310 12.80 10.46 -55.43
N PHE D 311 11.74 11.03 -54.85
CA PHE D 311 11.81 11.95 -53.75
C PHE D 311 11.32 11.42 -52.41
N HIS D 312 12.26 11.42 -51.44
CA HIS D 312 12.03 10.97 -50.07
C HIS D 312 12.27 12.10 -49.13
N THR D 313 11.27 12.36 -48.28
CA THR D 313 11.32 13.42 -47.28
C THR D 313 10.66 13.01 -45.97
N HIS D 314 10.80 13.89 -44.95
CA HIS D 314 10.27 13.70 -43.59
C HIS D 314 9.48 14.96 -43.27
N ASP D 315 8.49 14.84 -42.41
CA ASP D 315 7.49 15.88 -42.19
C ASP D 315 7.72 16.66 -40.89
N THR D 316 8.96 16.70 -40.41
CA THR D 316 9.28 17.34 -39.15
C THR D 316 8.84 18.82 -39.07
N SER D 317 8.89 19.48 -40.22
CA SER D 317 8.43 20.86 -40.33
C SER D 317 6.94 21.03 -40.31
N GLY D 318 6.18 20.00 -40.70
CA GLY D 318 4.73 20.17 -40.84
C GLY D 318 4.26 20.62 -42.21
N ILE D 319 5.18 20.71 -43.16
CA ILE D 319 4.85 21.15 -44.49
C ILE D 319 5.41 20.28 -45.62
N ALA D 320 5.98 19.12 -45.28
CA ALA D 320 6.57 18.29 -46.31
C ALA D 320 5.57 17.86 -47.36
N ALA D 321 4.29 17.74 -47.02
CA ALA D 321 3.32 17.40 -48.11
C ALA D 321 3.29 18.45 -49.20
N ALA D 322 3.53 19.69 -48.81
CA ALA D 322 3.57 20.77 -49.79
C ALA D 322 4.77 20.57 -50.72
N THR D 323 5.90 20.19 -50.14
CA THR D 323 7.10 19.95 -50.91
C THR D 323 6.89 18.77 -51.85
N VAL D 324 6.22 17.71 -51.40
CA VAL D 324 5.98 16.53 -52.21
C VAL D 324 5.05 16.94 -53.37
N LEU D 325 4.00 17.72 -53.08
CA LEU D 325 3.03 18.09 -54.17
C LEU D 325 3.70 18.99 -55.13
N ALA D 326 4.58 19.87 -54.65
CA ALA D 326 5.34 20.75 -55.59
C ALA D 326 6.25 19.96 -56.48
N ALA D 327 6.82 18.92 -55.90
CA ALA D 327 7.65 18.01 -56.67
C ALA D 327 6.93 17.20 -57.75
N VAL D 328 5.72 16.74 -57.44
CA VAL D 328 4.84 16.07 -58.46
C VAL D 328 4.54 17.06 -59.60
N GLU D 329 4.10 18.27 -59.26
CA GLU D 329 3.82 19.32 -60.23
C GLU D 329 5.06 19.65 -61.05
N ALA D 330 6.26 19.58 -60.47
CA ALA D 330 7.51 19.83 -61.24
C ALA D 330 8.05 18.59 -61.99
N GLY D 331 7.33 17.45 -61.98
CA GLY D 331 7.65 16.34 -62.83
C GLY D 331 8.36 15.16 -62.17
N VAL D 332 8.51 15.16 -60.84
CA VAL D 332 9.23 14.09 -60.19
C VAL D 332 8.54 12.78 -60.55
N ASP D 333 9.29 11.70 -60.79
CA ASP D 333 8.69 10.46 -61.26
C ASP D 333 8.07 9.63 -60.12
N ALA D 334 8.71 9.68 -58.95
CA ALA D 334 8.14 9.04 -57.75
C ALA D 334 8.40 9.77 -56.43
N VAL D 335 7.57 9.46 -55.45
CA VAL D 335 7.63 10.07 -54.14
C VAL D 335 7.31 9.05 -53.05
N ASP D 336 7.90 9.19 -51.85
CA ASP D 336 7.64 8.28 -50.75
C ASP D 336 6.55 8.86 -49.83
N ALA D 337 5.75 8.02 -49.17
CA ALA D 337 4.87 8.51 -48.12
C ALA D 337 4.54 7.41 -47.19
N ALA D 338 4.02 7.74 -46.04
CA ALA D 338 3.61 6.71 -45.07
C ALA D 338 2.14 6.69 -44.87
N MET D 339 1.64 5.53 -44.46
CA MET D 339 0.24 5.39 -44.13
C MET D 339 -0.13 6.41 -43.06
N ASP D 340 -1.33 6.94 -43.18
CA ASP D 340 -1.75 8.01 -42.30
C ASP D 340 -1.34 7.77 -40.85
N ALA D 341 -1.66 6.59 -40.33
CA ALA D 341 -1.57 6.25 -38.92
C ALA D 341 -0.14 6.21 -38.41
N LEU D 342 0.80 6.25 -39.34
CA LEU D 342 2.25 6.33 -39.04
C LEU D 342 2.98 7.43 -39.88
N SER D 343 2.26 8.46 -40.20
CA SER D 343 2.76 9.61 -40.95
C SER D 343 2.85 10.85 -40.07
N GLY D 344 3.43 11.92 -40.59
CA GLY D 344 3.46 13.18 -39.86
C GLY D 344 4.68 13.29 -39.02
N ASN D 345 4.88 14.50 -38.49
CA ASN D 345 6.05 14.82 -37.67
C ASN D 345 7.33 14.22 -38.29
N THR D 346 8.05 13.37 -37.59
CA THR D 346 9.39 12.91 -38.04
C THR D 346 9.39 11.75 -39.03
N SER D 347 8.21 11.17 -39.27
CA SER D 347 7.98 10.24 -40.34
C SER D 347 7.86 10.96 -41.72
N GLN D 348 7.32 10.24 -42.70
CA GLN D 348 6.92 10.79 -43.97
C GLN D 348 5.59 11.45 -43.83
N PRO D 349 5.31 12.38 -44.72
CA PRO D 349 3.99 12.95 -44.78
C PRO D 349 2.96 11.90 -45.18
N CYS D 350 1.70 12.29 -45.00
CA CYS D 350 0.52 11.42 -45.09
C CYS D 350 0.20 10.95 -46.47
N LEU D 351 0.32 9.65 -46.67
CA LEU D 351 -0.03 9.05 -47.95
C LEU D 351 -1.46 9.28 -48.38
N GLY D 352 -2.39 8.96 -47.51
CA GLY D 352 -3.80 9.11 -47.86
C GLY D 352 -4.12 10.52 -48.34
N SER D 353 -3.54 11.56 -47.72
CA SER D 353 -3.93 12.94 -48.05
C SER D 353 -3.23 13.44 -49.30
N ILE D 354 -2.04 12.98 -49.51
CA ILE D 354 -1.33 13.28 -50.74
C ILE D 354 -2.05 12.68 -51.92
N VAL D 355 -2.48 11.44 -51.79
CA VAL D 355 -3.26 10.79 -52.84
C VAL D 355 -4.55 11.55 -53.07
N GLU D 356 -5.23 11.89 -52.01
CA GLU D 356 -6.45 12.61 -52.14
C GLU D 356 -6.19 13.94 -52.86
N ALA D 357 -5.07 14.60 -52.59
CA ALA D 357 -4.79 15.89 -53.23
C ALA D 357 -4.55 15.72 -54.73
N LEU D 358 -4.16 14.53 -55.15
CA LEU D 358 -3.83 14.32 -56.57
C LEU D 358 -4.95 13.71 -57.36
N SER D 359 -5.97 13.28 -56.67
CA SER D 359 -7.03 12.56 -57.27
C SER D 359 -7.73 13.39 -58.37
N GLY D 360 -7.86 12.85 -59.58
CA GLY D 360 -8.46 13.57 -60.65
C GLY D 360 -7.52 14.45 -61.42
N SER D 361 -6.30 14.64 -60.98
CA SER D 361 -5.36 15.51 -61.69
C SER D 361 -4.63 14.69 -62.83
N GLU D 362 -3.87 15.34 -63.68
CA GLU D 362 -3.14 14.66 -64.76
C GLU D 362 -2.21 13.56 -64.21
N ARG D 363 -1.65 13.71 -63.00
CA ARG D 363 -0.64 12.79 -62.53
C ARG D 363 -1.25 11.90 -61.46
N ASP D 364 -2.59 11.89 -61.39
CA ASP D 364 -3.33 11.01 -60.47
C ASP D 364 -2.63 9.64 -60.34
N PRO D 365 -2.26 9.23 -59.13
CA PRO D 365 -1.55 7.94 -59.02
C PRO D 365 -2.35 6.62 -59.17
N GLY D 366 -3.66 6.68 -59.33
CA GLY D 366 -4.51 5.49 -59.44
C GLY D 366 -4.42 4.59 -58.22
N LEU D 367 -4.52 5.16 -57.02
CA LEU D 367 -4.60 4.41 -55.79
C LEU D 367 -5.97 4.64 -55.10
N ASP D 368 -6.64 3.57 -54.73
CA ASP D 368 -7.95 3.66 -54.08
C ASP D 368 -7.91 4.17 -52.58
N PRO D 369 -8.40 5.40 -52.34
CA PRO D 369 -8.33 6.00 -51.02
C PRO D 369 -8.99 5.16 -49.96
N ALA D 370 -10.08 4.47 -50.31
CA ALA D 370 -10.82 3.70 -49.31
C ALA D 370 -9.95 2.54 -48.78
N TRP D 371 -9.17 1.92 -49.67
CA TRP D 371 -8.25 0.88 -49.24
C TRP D 371 -7.03 1.47 -48.50
N ILE D 372 -6.60 2.66 -48.93
CA ILE D 372 -5.53 3.32 -48.23
C ILE D 372 -6.02 3.51 -46.77
N ARG D 373 -7.26 3.93 -46.60
CA ARG D 373 -7.80 4.11 -45.24
C ARG D 373 -7.94 2.85 -44.46
N ARG D 374 -8.42 1.77 -45.08
CA ARG D 374 -8.59 0.47 -44.35
C ARG D 374 -7.22 -0.05 -43.90
N ILE D 375 -6.23 0.09 -44.77
CA ILE D 375 -4.88 -0.33 -44.38
C ILE D 375 -4.36 0.62 -43.29
N SER D 376 -4.65 1.92 -43.38
CA SER D 376 -4.24 2.82 -42.28
C SER D 376 -4.90 2.46 -40.94
N PHE D 377 -6.17 2.08 -40.96
CA PHE D 377 -6.83 1.59 -39.73
C PHE D 377 -6.17 0.35 -39.15
N TYR D 378 -5.77 -0.57 -40.01
CA TYR D 378 -4.98 -1.70 -39.54
C TYR D 378 -3.70 -1.15 -38.84
N TRP D 379 -2.97 -0.24 -39.48
CA TRP D 379 -1.74 0.25 -38.84
C TRP D 379 -1.98 1.01 -37.55
N GLU D 380 -3.11 1.70 -37.50
CA GLU D 380 -3.44 2.41 -36.30
C GLU D 380 -3.60 1.38 -35.11
N ALA D 381 -4.35 0.32 -35.33
CA ALA D 381 -4.53 -0.65 -34.26
C ALA D 381 -3.23 -1.37 -33.97
N VAL D 382 -2.40 -1.58 -34.99
CA VAL D 382 -1.09 -2.17 -34.78
C VAL D 382 -0.25 -1.27 -33.85
N ARG D 383 -0.23 0.02 -34.16
CA ARG D 383 0.58 0.97 -33.45
C ARG D 383 0.21 1.14 -32.01
N ASN D 384 -1.07 1.05 -31.70
CA ASN D 384 -1.45 1.05 -30.27
C ASN D 384 -0.74 0.02 -29.43
N GLN D 385 -0.34 -1.12 -30.01
CA GLN D 385 0.36 -2.16 -29.25
C GLN D 385 1.77 -1.70 -28.84
N TYR D 386 2.27 -0.63 -29.47
CA TYR D 386 3.65 -0.17 -29.30
C TYR D 386 3.73 1.13 -28.47
N ALA D 387 2.76 1.33 -27.57
CA ALA D 387 2.76 2.51 -26.70
C ALA D 387 4.07 2.71 -25.95
N ALA D 388 4.77 1.63 -25.59
CA ALA D 388 6.02 1.73 -24.87
C ALA D 388 7.06 2.56 -25.55
N PHE D 389 6.98 2.69 -26.86
CA PHE D 389 8.01 3.29 -27.66
C PHE D 389 7.58 4.59 -28.35
N GLU D 390 6.41 5.13 -28.01
CA GLU D 390 5.99 6.45 -28.50
C GLU D 390 6.90 7.56 -27.91
N SER D 391 7.19 8.61 -28.66
CA SER D 391 7.99 9.74 -28.10
C SER D 391 6.97 10.72 -27.53
N ASP D 392 7.42 11.85 -26.96
CA ASP D 392 6.45 12.91 -26.55
C ASP D 392 6.32 14.10 -27.53
N LEU D 393 6.86 13.93 -28.71
CA LEU D 393 6.77 14.95 -29.74
C LEU D 393 5.29 15.31 -30.08
N LYS D 394 4.91 16.57 -29.96
CA LYS D 394 3.51 17.01 -30.08
C LYS D 394 3.08 17.42 -31.49
N GLY D 395 4.01 17.81 -32.35
CA GLY D 395 3.65 18.35 -33.65
C GLY D 395 4.83 18.96 -34.43
N PRO D 396 4.51 19.72 -35.47
CA PRO D 396 5.52 20.25 -36.40
C PRO D 396 6.48 21.19 -35.62
N ALA D 397 7.68 21.37 -36.16
CA ALA D 397 8.67 22.31 -35.57
C ALA D 397 9.50 22.93 -36.70
N SER D 398 9.37 24.25 -36.92
CA SER D 398 10.21 24.94 -37.89
C SER D 398 11.73 24.93 -37.47
N GLU D 399 11.96 24.63 -36.21
CA GLU D 399 13.28 24.52 -35.66
C GLU D 399 14.14 23.54 -36.45
N VAL D 400 13.50 22.59 -37.09
CA VAL D 400 14.23 21.69 -38.01
C VAL D 400 15.14 22.42 -39.03
N TYR D 401 14.72 23.59 -39.48
CA TYR D 401 15.52 24.37 -40.40
C TYR D 401 16.78 24.91 -39.67
N LEU D 402 16.77 25.04 -38.37
CA LEU D 402 17.95 25.45 -37.69
C LEU D 402 18.90 24.28 -37.51
N HIS D 403 18.45 23.19 -36.91
CA HIS D 403 19.37 22.14 -36.52
C HIS D 403 19.68 21.10 -37.59
N GLU D 404 18.72 20.78 -38.41
CA GLU D 404 18.89 19.86 -39.50
C GLU D 404 19.12 18.43 -39.03
N MET D 405 18.55 18.07 -37.89
CA MET D 405 18.58 16.70 -37.43
C MET D 405 17.63 15.86 -38.27
N PRO D 406 18.12 14.72 -38.77
CA PRO D 406 17.27 13.87 -39.60
C PRO D 406 16.11 13.31 -38.79
N GLY D 407 14.99 13.07 -39.46
CA GLY D 407 13.79 12.59 -38.79
C GLY D 407 14.07 11.35 -37.93
N GLY D 408 14.81 10.39 -38.47
CA GLY D 408 15.14 9.19 -37.69
C GLY D 408 16.09 9.35 -36.51
N GLN D 409 16.69 10.51 -36.36
CA GLN D 409 17.60 10.79 -35.23
C GLN D 409 16.95 11.62 -34.15
N PHE D 410 15.95 12.41 -34.50
CA PHE D 410 15.59 13.53 -33.64
C PHE D 410 15.20 13.07 -32.19
N THR D 411 14.43 12.00 -32.13
CA THR D 411 13.86 11.51 -30.91
C THR D 411 14.90 10.77 -30.14
N ASN D 412 15.62 9.91 -30.85
CA ASN D 412 16.80 9.25 -30.30
C ASN D 412 17.70 10.20 -29.56
N LEU D 413 18.06 11.28 -30.23
CA LEU D 413 19.00 12.23 -29.65
C LEU D 413 18.37 12.93 -28.50
N LYS D 414 17.06 13.12 -28.53
CA LYS D 414 16.45 13.78 -27.36
C LYS D 414 16.45 12.90 -26.09
N GLU D 415 16.23 11.60 -26.27
CA GLU D 415 16.29 10.62 -25.17
C GLU D 415 17.71 10.61 -24.62
N GLN D 416 18.66 10.49 -25.54
CA GLN D 416 20.09 10.55 -25.16
C GLN D 416 20.45 11.78 -24.26
N ALA D 417 19.93 12.96 -24.65
CA ALA D 417 20.10 14.19 -23.89
C ALA D 417 19.40 14.08 -22.56
N ARG D 418 18.28 13.37 -22.53
CA ARG D 418 17.57 13.21 -21.24
C ARG D 418 18.42 12.31 -20.33
N SER D 419 19.02 11.25 -20.90
CA SER D 419 20.02 10.40 -20.23
C SER D 419 21.08 11.17 -19.56
N LEU D 420 21.57 12.21 -20.23
CA LEU D 420 22.72 12.96 -19.74
C LEU D 420 22.32 14.12 -18.83
N GLY D 421 21.07 14.13 -18.37
CA GLY D 421 20.63 15.22 -17.51
C GLY D 421 20.34 16.52 -18.25
N LEU D 422 20.01 16.46 -19.53
CA LEU D 422 19.85 17.72 -20.29
C LEU D 422 18.43 18.07 -20.82
N GLU D 423 17.39 17.29 -20.47
CA GLU D 423 15.99 17.60 -20.82
C GLU D 423 15.76 19.11 -20.91
N THR D 424 16.16 19.86 -19.91
CA THR D 424 15.74 21.26 -19.89
C THR D 424 16.57 22.19 -20.76
N ARG D 425 17.61 21.65 -21.41
CA ARG D 425 18.52 22.45 -22.25
C ARG D 425 18.35 22.00 -23.70
N TRP D 426 17.40 21.10 -23.94
CA TRP D 426 17.22 20.51 -25.24
C TRP D 426 17.34 21.51 -26.38
N HIS D 427 16.84 22.72 -26.17
CA HIS D 427 17.00 23.73 -27.22
C HIS D 427 18.48 24.17 -27.37
N GLN D 428 19.22 24.26 -26.27
CA GLN D 428 20.69 24.51 -26.34
C GLN D 428 21.43 23.35 -27.10
N VAL D 429 21.03 22.11 -26.89
CA VAL D 429 21.57 21.00 -27.65
C VAL D 429 21.26 21.15 -29.15
N ALA D 430 20.05 21.57 -29.45
CA ALA D 430 19.74 21.76 -30.87
C ALA D 430 20.64 22.86 -31.47
N GLN D 431 20.89 23.94 -30.72
CA GLN D 431 21.71 25.04 -31.20
C GLN D 431 23.17 24.55 -31.35
N ALA D 432 23.60 23.73 -30.40
CA ALA D 432 24.94 23.17 -30.45
C ALA D 432 25.13 22.24 -31.67
N TYR D 433 24.09 21.48 -32.00
CA TYR D 433 24.07 20.64 -33.22
C TYR D 433 24.30 21.49 -34.45
N ALA D 434 23.60 22.64 -34.54
CA ALA D 434 23.74 23.56 -35.67
C ALA D 434 25.14 24.16 -35.68
N ASP D 435 25.62 24.54 -34.50
CA ASP D 435 26.96 25.11 -34.39
C ASP D 435 28.05 24.11 -34.70
N ALA D 436 27.93 22.89 -34.18
CA ALA D 436 28.87 21.79 -34.54
C ALA D 436 28.87 21.55 -36.06
N ASN D 437 27.70 21.53 -36.67
CA ASN D 437 27.67 21.45 -38.13
C ASN D 437 28.57 22.44 -38.90
N GLN D 438 28.51 23.73 -38.53
CA GLN D 438 29.34 24.74 -39.19
C GLN D 438 30.78 24.50 -38.85
N MET D 439 31.04 24.10 -37.62
CA MET D 439 32.40 23.87 -37.16
C MET D 439 33.02 22.73 -37.95
N PHE D 440 32.24 21.69 -38.26
CA PHE D 440 32.74 20.59 -39.11
C PHE D 440 32.92 20.92 -40.62
N GLY D 441 32.55 22.12 -41.03
CA GLY D 441 32.74 22.53 -42.38
C GLY D 441 31.42 22.74 -43.06
N ASP D 442 30.32 22.44 -42.34
CA ASP D 442 28.98 22.42 -42.90
C ASP D 442 28.78 21.16 -43.73
N ILE D 443 28.36 20.08 -43.09
CA ILE D 443 28.28 18.76 -43.74
C ILE D 443 26.90 18.23 -43.86
N VAL D 444 26.79 17.22 -44.71
CA VAL D 444 25.63 16.40 -44.84
C VAL D 444 25.56 15.53 -43.55
N LYS D 445 24.37 15.40 -42.98
CA LYS D 445 24.23 14.77 -41.69
C LYS D 445 23.15 13.76 -41.82
N VAL D 446 23.55 12.49 -41.75
CA VAL D 446 22.68 11.34 -41.99
C VAL D 446 23.49 10.11 -41.55
N THR D 447 22.86 9.04 -41.12
CA THR D 447 23.64 7.97 -40.49
C THR D 447 24.77 7.55 -41.44
N PRO D 448 26.01 7.41 -40.95
CA PRO D 448 26.51 7.64 -39.57
C PRO D 448 26.90 9.06 -39.18
N SER D 449 26.90 10.02 -40.08
CA SER D 449 27.55 11.31 -39.75
C SER D 449 26.66 12.12 -38.80
N SER D 450 25.34 11.94 -38.89
CA SER D 450 24.46 12.62 -37.94
C SER D 450 24.87 12.30 -36.50
N LYS D 451 25.16 11.03 -36.27
CA LYS D 451 25.51 10.53 -34.95
C LYS D 451 26.71 11.28 -34.38
N VAL D 452 27.70 11.42 -35.24
CA VAL D 452 28.88 12.19 -34.92
C VAL D 452 28.59 13.63 -34.59
N VAL D 453 27.65 14.27 -35.28
CA VAL D 453 27.34 15.67 -34.94
C VAL D 453 26.57 15.71 -33.62
N GLY D 454 25.74 14.73 -33.37
CA GLY D 454 25.01 14.63 -32.11
C GLY D 454 25.94 14.53 -30.93
N ASP D 455 26.82 13.54 -30.92
CA ASP D 455 27.82 13.40 -29.84
C ASP D 455 28.60 14.66 -29.56
N MET D 456 29.08 15.31 -30.61
CA MET D 456 29.75 16.60 -30.48
CA MET D 456 29.76 16.60 -30.46
C MET D 456 28.87 17.66 -29.78
N ALA D 457 27.60 17.71 -30.17
CA ALA D 457 26.66 18.68 -29.61
C ALA D 457 26.41 18.46 -28.11
N LEU D 458 26.22 17.20 -27.74
CA LEU D 458 25.97 16.78 -26.36
C LEU D 458 27.16 17.09 -25.51
N MET D 459 28.34 16.76 -26.01
CA MET D 459 29.55 17.14 -25.32
C MET D 459 29.55 18.64 -25.06
N MET D 460 29.28 19.43 -26.10
CA MET D 460 29.42 20.88 -25.99
C MET D 460 28.48 21.50 -24.94
N VAL D 461 27.24 20.98 -24.84
CA VAL D 461 26.32 21.38 -23.75
C VAL D 461 26.75 20.90 -22.33
N SER D 462 27.03 19.60 -22.13
CA SER D 462 27.49 19.07 -20.83
C SER D 462 28.66 19.87 -20.33
N GLN D 463 29.74 19.90 -21.09
CA GLN D 463 30.94 20.61 -20.67
C GLN D 463 30.90 22.09 -21.03
N ASP D 464 29.74 22.58 -21.46
CA ASP D 464 29.56 24.02 -21.58
C ASP D 464 30.63 24.70 -22.48
N LEU D 465 30.74 24.23 -23.72
CA LEU D 465 31.74 24.71 -24.68
C LEU D 465 31.09 25.44 -25.85
N THR D 466 31.72 26.53 -26.24
CA THR D 466 31.34 27.18 -27.46
C THR D 466 32.17 26.58 -28.58
N VAL D 467 31.83 26.95 -29.81
CA VAL D 467 32.64 26.59 -30.96
C VAL D 467 34.09 27.04 -30.68
N ALA D 468 34.25 28.31 -30.30
CA ALA D 468 35.60 28.91 -30.04
C ALA D 468 36.49 28.08 -29.08
N ASP D 469 35.90 27.55 -28.01
CA ASP D 469 36.61 26.69 -27.07
C ASP D 469 37.04 25.37 -27.69
N VAL D 470 36.14 24.75 -28.44
CA VAL D 470 36.42 23.45 -29.03
C VAL D 470 37.62 23.51 -29.98
N VAL D 471 37.68 24.56 -30.78
CA VAL D 471 38.83 24.80 -31.64
C VAL D 471 40.00 25.49 -30.93
N SER D 472 39.76 26.19 -29.82
CA SER D 472 40.82 27.00 -29.16
C SER D 472 42.12 26.20 -28.95
N PRO D 473 43.30 26.86 -29.11
CA PRO D 473 44.57 26.35 -28.55
C PRO D 473 44.60 26.40 -27.03
N ARG D 475 42.86 24.69 -24.82
CA ARG D 475 41.71 24.18 -24.10
C ARG D 475 41.56 22.69 -24.39
N GLU D 476 41.98 21.81 -23.46
CA GLU D 476 41.92 20.36 -23.68
C GLU D 476 40.49 19.98 -23.87
N VAL D 477 40.26 19.08 -24.81
CA VAL D 477 38.93 18.53 -25.00
C VAL D 477 39.12 17.06 -25.27
N SER D 478 38.56 16.19 -24.46
CA SER D 478 38.58 14.77 -24.82
C SER D 478 37.39 14.47 -25.77
N PHE D 479 37.62 14.72 -27.06
CA PHE D 479 36.60 14.47 -28.11
C PHE D 479 36.11 13.04 -28.08
N PRO D 480 34.83 12.82 -28.39
CA PRO D 480 34.25 11.49 -28.56
C PRO D 480 34.91 10.65 -29.67
N GLU D 481 34.86 9.31 -29.50
CA GLU D 481 35.41 8.37 -30.46
C GLU D 481 34.88 8.68 -31.87
N SER D 482 33.57 8.79 -31.98
CA SER D 482 32.92 9.04 -33.25
C SER D 482 33.52 10.25 -33.98
N VAL D 483 33.89 11.30 -33.26
CA VAL D 483 34.42 12.52 -33.89
C VAL D 483 35.88 12.42 -34.29
N VAL D 484 36.71 11.78 -33.45
CA VAL D 484 38.10 11.56 -33.82
C VAL D 484 38.09 10.80 -35.16
N SER D 485 37.34 9.71 -35.15
CA SER D 485 37.24 8.80 -36.26
C SER D 485 36.82 9.39 -37.63
N MET D 486 35.82 10.28 -37.59
CA MET D 486 35.37 10.99 -38.77
C MET D 486 36.49 11.89 -39.31
N LEU D 487 37.19 12.54 -38.41
CA LEU D 487 38.17 13.53 -38.83
C LEU D 487 39.46 12.87 -39.39
N LYS D 488 39.66 11.62 -39.00
CA LYS D 488 40.72 10.78 -39.47
C LYS D 488 40.43 10.39 -40.92
N GLY D 489 39.14 10.27 -41.24
CA GLY D 489 38.65 9.87 -42.56
C GLY D 489 37.88 8.56 -42.62
N ASP D 490 37.48 7.99 -41.48
CA ASP D 490 36.72 6.71 -41.48
C ASP D 490 35.31 6.77 -42.07
N LEU D 491 34.77 7.96 -42.23
CA LEU D 491 33.46 8.02 -42.88
C LEU D 491 33.59 8.58 -44.30
N GLY D 492 34.80 8.89 -44.74
CA GLY D 492 34.99 9.45 -46.07
C GLY D 492 35.32 10.92 -46.04
N GLN D 493 35.30 11.53 -47.22
CA GLN D 493 35.73 12.89 -47.38
C GLN D 493 34.54 13.71 -47.83
N PRO D 494 34.33 14.88 -47.23
CA PRO D 494 33.37 15.89 -47.71
C PRO D 494 34.06 16.80 -48.76
N PRO D 495 33.26 17.55 -49.57
CA PRO D 495 33.70 18.30 -50.75
C PRO D 495 34.97 19.04 -50.59
N SER D 496 35.09 19.76 -49.49
CA SER D 496 36.17 20.73 -49.38
C SER D 496 37.16 20.27 -48.30
N GLY D 497 37.05 19.00 -47.87
CA GLY D 497 37.92 18.44 -46.83
C GLY D 497 37.52 18.78 -45.39
N TRP D 498 38.14 18.11 -44.43
CA TRP D 498 37.88 18.38 -43.02
C TRP D 498 38.69 19.60 -42.60
N PRO D 499 38.13 20.46 -41.74
CA PRO D 499 38.90 21.66 -41.29
C PRO D 499 40.23 21.35 -40.59
N GLU D 500 41.31 21.92 -41.13
CA GLU D 500 42.67 21.66 -40.66
C GLU D 500 42.80 21.70 -39.12
N ALA D 501 42.56 22.88 -38.53
CA ALA D 501 42.83 23.13 -37.11
C ALA D 501 42.11 22.15 -36.19
N LEU D 502 40.83 21.87 -36.50
CA LEU D 502 40.02 21.01 -35.64
C LEU D 502 40.46 19.56 -35.77
N GLN D 503 40.76 19.17 -37.01
CA GLN D 503 41.30 17.86 -37.30
C GLN D 503 42.62 17.70 -36.54
N LYS D 504 43.46 18.71 -36.64
CA LYS D 504 44.78 18.67 -35.97
C LYS D 504 44.54 18.38 -34.47
N LYS D 505 43.64 19.14 -33.86
CA LYS D 505 43.50 19.12 -32.41
C LYS D 505 42.81 17.84 -31.92
N ALA D 506 41.84 17.36 -32.68
CA ALA D 506 41.15 16.17 -32.26
C ALA D 506 41.98 14.91 -32.42
N LEU D 507 42.81 14.88 -33.46
CA LEU D 507 43.54 13.65 -33.80
C LEU D 507 44.72 13.39 -32.86
N LYS D 508 45.24 14.45 -32.25
CA LYS D 508 46.25 14.34 -31.17
C LYS D 508 47.52 13.67 -31.64
N GLY D 509 48.09 14.11 -32.76
CA GLY D 509 49.34 13.54 -33.30
C GLY D 509 49.13 12.50 -34.42
N GLU D 510 47.95 11.88 -34.43
CA GLU D 510 47.62 10.81 -35.39
C GLU D 510 47.37 11.36 -36.81
N LYS D 511 47.83 10.62 -37.82
CA LYS D 511 47.76 11.09 -39.20
C LYS D 511 46.38 10.70 -39.80
N PRO D 512 45.71 11.66 -40.44
CA PRO D 512 44.46 11.36 -41.14
C PRO D 512 44.74 10.74 -42.51
N TYR D 513 43.75 10.10 -43.12
CA TYR D 513 43.83 9.66 -44.53
C TYR D 513 42.62 10.22 -45.25
N THR D 514 42.80 10.43 -46.55
CA THR D 514 41.77 10.93 -47.42
C THR D 514 41.32 9.96 -48.50
N VAL D 515 41.92 8.78 -48.52
CA VAL D 515 41.52 7.74 -49.45
C VAL D 515 40.23 7.10 -48.97
N ARG D 516 39.64 6.24 -49.78
CA ARG D 516 38.38 5.61 -49.45
C ARG D 516 38.54 4.54 -48.39
N PRO D 517 37.80 4.62 -47.30
CA PRO D 517 38.08 3.74 -46.18
C PRO D 517 38.25 2.27 -46.57
N GLY D 518 37.30 1.78 -47.35
CA GLY D 518 37.27 0.42 -47.83
C GLY D 518 38.48 0.04 -48.66
N SER D 519 39.13 1.03 -49.30
CA SER D 519 40.38 0.79 -49.99
C SER D 519 41.52 0.34 -49.07
N LEU D 520 41.40 0.56 -47.76
CA LEU D 520 42.45 0.15 -46.79
C LEU D 520 42.08 -1.06 -45.94
N LEU D 521 40.88 -1.57 -46.06
CA LEU D 521 40.53 -2.72 -45.24
C LEU D 521 40.93 -4.03 -45.90
N LYS D 522 41.57 -4.91 -45.15
CA LYS D 522 41.78 -6.29 -45.55
C LYS D 522 40.44 -6.92 -46.06
N GLU D 523 40.60 -7.65 -47.15
CA GLU D 523 39.60 -8.49 -47.69
C GLU D 523 39.34 -9.54 -46.62
N ALA D 524 38.10 -9.71 -46.22
CA ALA D 524 37.84 -10.79 -45.29
C ALA D 524 37.97 -12.15 -46.01
N ASP D 525 38.38 -13.14 -45.23
CA ASP D 525 38.51 -14.54 -45.65
C ASP D 525 37.16 -15.21 -45.22
N LEU D 526 36.27 -15.26 -46.20
CA LEU D 526 34.92 -15.72 -46.03
C LEU D 526 34.90 -17.18 -45.67
N ASP D 527 35.63 -18.02 -46.38
CA ASP D 527 35.73 -19.39 -45.97
C ASP D 527 36.01 -19.41 -44.47
N ALA D 528 37.01 -18.63 -44.02
CA ALA D 528 37.52 -18.76 -42.62
C ALA D 528 36.54 -18.31 -41.58
N GLU D 529 35.96 -17.15 -41.82
CA GLU D 529 34.97 -16.55 -40.92
C GLU D 529 33.65 -17.32 -40.80
N ARG D 530 33.19 -17.87 -41.92
CA ARG D 530 32.14 -18.90 -41.93
C ARG D 530 32.46 -20.02 -40.91
N LYS D 531 33.66 -20.61 -41.05
CA LYS D 531 34.09 -21.64 -40.06
C LYS D 531 34.05 -21.10 -38.60
N VAL D 532 34.42 -19.84 -38.36
CA VAL D 532 34.34 -19.26 -36.99
C VAL D 532 32.91 -19.23 -36.41
N ILE D 533 31.99 -18.58 -37.09
CA ILE D 533 30.61 -18.54 -36.56
C ILE D 533 29.99 -19.96 -36.44
N GLU D 534 30.32 -20.83 -37.40
CA GLU D 534 29.81 -22.20 -37.41
C GLU D 534 30.42 -23.04 -36.27
N LYS D 535 31.70 -22.83 -35.95
CA LYS D 535 32.29 -23.39 -34.70
C LYS D 535 31.66 -22.78 -33.44
N LYS D 536 31.44 -21.47 -33.43
CA LYS D 536 30.81 -20.83 -32.30
C LYS D 536 29.47 -21.48 -32.00
N LEU D 537 28.63 -21.56 -33.03
CA LEU D 537 27.28 -22.12 -32.89
C LEU D 537 27.19 -23.67 -33.00
N GLU D 538 28.30 -24.36 -33.26
CA GLU D 538 28.24 -25.81 -33.36
C GLU D 538 27.24 -26.31 -34.38
N ARG D 539 27.16 -25.60 -35.50
CA ARG D 539 26.26 -25.96 -36.58
C ARG D 539 26.57 -25.19 -37.86
N GLU D 540 26.22 -25.74 -39.02
CA GLU D 540 26.34 -24.98 -40.28
C GLU D 540 25.38 -23.79 -40.24
N VAL D 541 25.70 -22.73 -40.98
CA VAL D 541 24.77 -21.59 -41.07
C VAL D 541 24.40 -21.41 -42.52
N SER D 542 23.30 -20.69 -42.77
CA SER D 542 22.89 -20.37 -44.14
C SER D 542 23.72 -19.18 -44.64
N ASP D 543 23.80 -18.97 -45.97
CA ASP D 543 24.42 -17.76 -46.52
C ASP D 543 23.83 -16.46 -45.92
N PHE D 544 22.51 -16.42 -45.70
CA PHE D 544 21.87 -15.25 -45.12
C PHE D 544 22.41 -15.01 -43.69
N GLU D 545 22.42 -16.09 -42.91
CA GLU D 545 22.90 -16.00 -41.56
C GLU D 545 24.38 -15.55 -41.55
N PHE D 546 25.18 -16.04 -42.50
CA PHE D 546 26.55 -15.57 -42.64
C PHE D 546 26.55 -14.10 -42.99
N ALA D 547 25.69 -13.64 -43.89
CA ALA D 547 25.66 -12.21 -44.18
C ALA D 547 25.33 -11.42 -42.94
N SER D 548 24.48 -11.98 -42.07
CA SER D 548 24.17 -11.29 -40.83
C SER D 548 25.34 -11.14 -39.88
N TYR D 549 26.07 -12.24 -39.71
CA TYR D 549 27.28 -12.31 -38.93
C TYR D 549 28.30 -11.31 -39.44
N LEU D 550 28.59 -11.32 -40.74
CA LEU D 550 29.48 -10.32 -41.28
C LEU D 550 29.02 -8.88 -40.91
N MET D 551 27.75 -8.55 -41.02
CA MET D 551 27.30 -7.17 -40.68
C MET D 551 27.36 -6.92 -39.17
N TYR D 552 27.06 -7.95 -38.34
CA TYR D 552 26.87 -7.83 -36.88
C TYR D 552 27.31 -9.12 -36.20
N PRO D 553 28.59 -9.31 -36.03
CA PRO D 553 29.07 -10.55 -35.46
C PRO D 553 28.48 -10.88 -34.07
N LYS D 554 28.49 -9.88 -33.19
CA LYS D 554 28.07 -10.11 -31.79
C LYS D 554 26.55 -10.16 -31.69
N VAL D 555 25.88 -9.24 -32.38
CA VAL D 555 24.44 -9.20 -32.33
C VAL D 555 23.80 -10.45 -32.96
N PHE D 556 24.28 -10.85 -34.13
CA PHE D 556 23.84 -12.11 -34.72
C PHE D 556 24.08 -13.29 -33.77
N THR D 557 25.26 -13.30 -33.14
CA THR D 557 25.60 -14.43 -32.22
C THR D 557 24.66 -14.53 -31.05
N ASP D 558 24.30 -13.36 -30.53
CA ASP D 558 23.44 -13.28 -29.36
C ASP D 558 22.06 -13.67 -29.79
N PHE D 559 21.69 -13.30 -31.00
CA PHE D 559 20.36 -13.59 -31.51
C PHE D 559 20.24 -15.10 -31.77
N ALA D 560 21.28 -15.69 -32.38
CA ALA D 560 21.27 -17.12 -32.60
C ALA D 560 21.16 -17.84 -31.29
N LEU D 561 21.79 -17.34 -30.23
CA LEU D 561 21.80 -18.11 -28.99
C LEU D 561 20.45 -17.99 -28.27
N ALA D 562 19.85 -16.79 -28.34
CA ALA D 562 18.52 -16.53 -27.85
C ALA D 562 17.46 -17.34 -28.62
N SER D 563 17.63 -17.49 -29.93
CA SER D 563 16.70 -18.29 -30.71
C SER D 563 16.70 -19.73 -30.32
N ASP D 564 17.87 -20.12 -29.85
CA ASP D 564 18.04 -21.45 -29.40
C ASP D 564 17.41 -21.77 -28.09
N THR D 565 17.38 -20.82 -27.19
CA THR D 565 16.68 -21.00 -25.93
C THR D 565 15.18 -20.85 -26.13
N TYR D 566 14.78 -19.80 -26.88
CA TYR D 566 13.38 -19.31 -26.87
C TYR D 566 12.52 -19.71 -28.07
N GLY D 567 13.16 -20.29 -29.08
CA GLY D 567 12.45 -20.76 -30.24
C GLY D 567 11.97 -19.61 -31.08
N PRO D 568 10.92 -19.86 -31.90
CA PRO D 568 10.56 -18.90 -32.91
C PRO D 568 9.58 -17.84 -32.38
N VAL D 569 10.09 -16.96 -31.54
CA VAL D 569 9.23 -15.98 -30.89
C VAL D 569 8.61 -14.99 -31.85
N SER D 570 9.16 -14.83 -33.04
CA SER D 570 8.54 -13.94 -34.01
C SER D 570 7.10 -14.28 -34.34
N VAL D 571 6.70 -15.55 -34.12
CA VAL D 571 5.36 -16.01 -34.42
C VAL D 571 4.34 -15.58 -33.36
N LEU D 572 4.78 -15.17 -32.19
CA LEU D 572 3.85 -14.66 -31.18
C LEU D 572 3.26 -13.30 -31.59
N PRO D 573 1.97 -13.07 -31.30
CA PRO D 573 1.41 -11.74 -31.48
C PRO D 573 2.11 -10.76 -30.54
N THR D 574 2.03 -9.48 -30.89
CA THR D 574 2.78 -8.43 -30.18
C THR D 574 2.56 -8.29 -28.64
N PRO D 575 1.30 -8.28 -28.15
CA PRO D 575 1.04 -8.20 -26.69
C PRO D 575 1.71 -9.32 -25.94
N ALA D 576 1.64 -10.51 -26.48
CA ALA D 576 2.27 -11.62 -25.86
C ALA D 576 3.81 -11.57 -25.95
N TYR D 577 4.34 -11.11 -27.08
CA TYR D 577 5.76 -10.91 -27.19
C TYR D 577 6.29 -9.98 -26.06
N PHE D 578 5.59 -8.86 -25.88
CA PHE D 578 6.03 -7.84 -24.93
C PHE D 578 5.56 -8.04 -23.52
N TYR D 579 4.45 -8.74 -23.30
CA TYR D 579 3.86 -8.81 -21.96
C TYR D 579 3.44 -10.16 -21.49
N GLY D 580 3.62 -11.23 -22.24
CA GLY D 580 3.42 -12.57 -21.66
C GLY D 580 1.93 -12.76 -21.59
N LEU D 581 1.47 -13.54 -20.63
CA LEU D 581 0.08 -13.85 -20.52
C LEU D 581 -0.44 -13.52 -19.17
N ALA D 582 -1.57 -12.86 -19.15
CA ALA D 582 -2.27 -12.61 -17.90
C ALA D 582 -2.75 -13.94 -17.31
N ASP D 583 -3.04 -13.93 -16.03
CA ASP D 583 -3.52 -15.07 -15.34
C ASP D 583 -4.77 -15.64 -16.01
N GLY D 584 -4.82 -16.96 -16.20
CA GLY D 584 -5.94 -17.58 -16.93
C GLY D 584 -6.07 -17.30 -18.43
N GLU D 585 -5.20 -16.47 -18.99
CA GLU D 585 -5.25 -16.15 -20.41
C GLU D 585 -4.98 -17.32 -21.37
N GLU D 586 -5.75 -17.35 -22.45
CA GLU D 586 -5.62 -18.34 -23.49
C GLU D 586 -5.07 -17.66 -24.68
N LEU D 587 -4.04 -18.25 -25.27
CA LEU D 587 -3.37 -17.73 -26.43
C LEU D 587 -3.29 -18.79 -27.58
N PHE D 588 -3.55 -18.36 -28.81
CA PHE D 588 -3.38 -19.20 -30.01
C PHE D 588 -2.14 -18.77 -30.71
N ALA D 589 -1.18 -19.68 -30.84
CA ALA D 589 0.04 -19.35 -31.55
C ALA D 589 0.30 -20.32 -32.67
N ASP D 590 0.64 -19.74 -33.81
CA ASP D 590 0.89 -20.44 -35.05
C ASP D 590 2.35 -20.68 -35.19
N ILE D 591 2.77 -21.86 -34.79
CA ILE D 591 4.19 -22.17 -34.75
C ILE D 591 4.81 -22.59 -36.09
N GLU D 592 3.97 -23.12 -36.98
CA GLU D 592 4.31 -23.42 -38.38
C GLU D 592 3.06 -22.96 -39.10
N LYS D 593 3.16 -22.63 -40.39
CA LYS D 593 1.97 -22.41 -41.23
C LYS D 593 0.83 -23.41 -40.93
N GLY D 594 1.12 -24.70 -40.84
CA GLY D 594 0.07 -25.64 -40.43
C GLY D 594 -0.48 -25.53 -38.97
N LYS D 595 0.41 -25.49 -37.98
CA LYS D 595 0.12 -25.96 -36.63
C LYS D 595 -0.18 -24.80 -35.65
N THR D 596 -1.36 -24.86 -35.03
CA THR D 596 -1.74 -23.92 -33.99
C THR D 596 -1.63 -24.51 -32.56
N LEU D 597 -0.96 -23.76 -31.69
CA LEU D 597 -0.80 -24.12 -30.29
C LEU D 597 -1.84 -23.34 -29.49
N VAL D 598 -2.47 -24.01 -28.56
CA VAL D 598 -3.42 -23.35 -27.68
C VAL D 598 -2.74 -23.42 -26.32
N ILE D 599 -2.44 -22.25 -25.79
CA ILE D 599 -1.61 -22.13 -24.61
C ILE D 599 -2.38 -21.37 -23.56
N VAL D 600 -2.50 -21.95 -22.39
CA VAL D 600 -3.21 -21.26 -21.29
C VAL D 600 -2.27 -21.16 -20.09
N ASN D 601 -2.17 -19.93 -19.58
CA ASN D 601 -1.52 -19.67 -18.28
C ASN D 601 -2.45 -19.97 -17.13
N GLN D 602 -2.21 -21.08 -16.46
CA GLN D 602 -3.13 -21.53 -15.49
C GLN D 602 -2.76 -21.06 -14.08
N ALA D 603 -1.47 -20.91 -13.81
CA ALA D 603 -0.96 -20.45 -12.49
C ALA D 603 0.53 -20.18 -12.51
N VAL D 604 0.96 -19.40 -11.55
CA VAL D 604 2.35 -19.10 -11.42
C VAL D 604 2.74 -19.26 -9.98
N SER D 605 3.71 -20.11 -9.66
CA SER D 605 4.15 -20.26 -8.26
C SER D 605 4.83 -19.02 -7.63
N ALA D 606 4.94 -19.02 -6.31
CA ALA D 606 5.94 -18.13 -5.70
C ALA D 606 7.37 -18.50 -6.17
N THR D 607 8.29 -17.57 -5.95
CA THR D 607 9.71 -17.87 -6.14
C THR D 607 10.15 -18.95 -5.20
N ASP D 608 10.85 -19.99 -5.67
CA ASP D 608 11.23 -21.14 -4.77
C ASP D 608 12.60 -20.85 -4.17
N SER D 609 13.11 -21.79 -3.40
CA SER D 609 14.31 -21.55 -2.65
C SER D 609 15.52 -21.45 -3.59
N GLN D 610 15.35 -21.68 -4.87
CA GLN D 610 16.48 -21.51 -5.72
C GLN D 610 16.35 -20.38 -6.66
N GLY D 611 15.51 -19.42 -6.31
CA GLY D 611 15.29 -18.28 -7.17
C GLY D 611 14.55 -18.59 -8.44
N MET D 612 13.91 -19.77 -8.53
CA MET D 612 13.13 -20.12 -9.76
C MET D 612 11.61 -19.94 -9.57
N VAL D 613 10.87 -19.73 -10.66
CA VAL D 613 9.42 -19.63 -10.66
C VAL D 613 8.87 -20.59 -11.71
N THR D 614 7.84 -21.36 -11.35
CA THR D 614 7.19 -22.33 -12.20
C THR D 614 5.87 -21.74 -12.73
N VAL D 615 5.80 -21.61 -14.04
CA VAL D 615 4.53 -21.36 -14.71
C VAL D 615 3.81 -22.64 -15.16
N PHE D 616 2.56 -22.80 -14.72
CA PHE D 616 1.71 -23.93 -15.10
C PHE D 616 0.89 -23.57 -16.33
N PHE D 617 1.20 -24.23 -17.44
CA PHE D 617 0.55 -24.01 -18.72
C PHE D 617 -0.29 -25.21 -19.10
N GLU D 618 -1.36 -24.93 -19.81
CA GLU D 618 -1.99 -25.97 -20.59
C GLU D 618 -1.59 -25.75 -22.05
N LEU D 619 -1.08 -26.82 -22.66
CA LEU D 619 -0.65 -26.79 -24.07
C LEU D 619 -1.44 -27.83 -24.82
N ASN D 620 -2.26 -27.36 -25.75
CA ASN D 620 -3.20 -28.22 -26.42
C ASN D 620 -3.85 -29.15 -25.46
N GLY D 621 -4.40 -28.61 -24.37
CA GLY D 621 -5.16 -29.41 -23.40
C GLY D 621 -4.32 -30.31 -22.48
N GLN D 622 -2.99 -30.30 -22.65
CA GLN D 622 -2.06 -31.06 -21.81
C GLN D 622 -1.29 -30.16 -20.78
N PRO D 623 -1.19 -30.65 -19.52
CA PRO D 623 -0.46 -29.88 -18.51
C PRO D 623 1.04 -29.79 -18.79
N ARG D 624 1.59 -28.59 -18.74
CA ARG D 624 3.02 -28.38 -18.83
C ARG D 624 3.52 -27.41 -17.71
N ARG D 625 4.73 -27.61 -17.24
CA ARG D 625 5.34 -26.74 -16.28
C ARG D 625 6.71 -26.37 -16.75
N ILE D 626 6.98 -25.08 -16.73
CA ILE D 626 8.20 -24.47 -17.14
C ILE D 626 8.73 -23.65 -15.97
N LYS D 627 9.98 -23.87 -15.58
CA LYS D 627 10.63 -23.06 -14.58
C LYS D 627 11.46 -21.99 -15.29
N VAL D 628 11.43 -20.76 -14.78
CA VAL D 628 12.23 -19.67 -15.28
C VAL D 628 12.75 -18.96 -14.08
N PRO D 629 13.88 -18.25 -14.25
CA PRO D 629 14.48 -17.59 -13.09
C PRO D 629 13.69 -16.37 -12.73
N ASP D 630 13.71 -16.02 -11.45
CA ASP D 630 13.11 -14.80 -10.97
C ASP D 630 14.20 -13.73 -11.10
N ARG D 631 14.12 -12.94 -12.17
CA ARG D 631 15.15 -11.96 -12.52
C ARG D 631 15.11 -10.65 -11.74
N ALA D 632 14.32 -10.61 -10.69
CA ALA D 632 14.15 -9.42 -9.86
C ALA D 632 15.39 -9.16 -9.00
ZN ZN E . -14.32 -26.15 36.30
MG MG F . -8.20 -41.06 51.04
CL CL G . -27.86 -28.17 17.99
C11 BTN H . -15.64 -24.53 11.01
O11 BTN H . -14.93 -24.84 11.99
O12 BTN H . -15.65 -23.29 10.69
C10 BTN H . -16.39 -25.73 10.35
C9 BTN H . -17.24 -25.47 9.09
C8 BTN H . -16.45 -25.51 7.73
C7 BTN H . -16.03 -24.14 7.04
C2 BTN H . -14.67 -24.21 6.23
S1 BTN H . -13.23 -23.88 7.24
C6 BTN H . -12.14 -23.65 5.83
C5 BTN H . -12.96 -22.96 4.76
N1 BTN H . -12.89 -21.50 4.83
C3 BTN H . -14.10 -20.99 5.04
O3 BTN H . -14.35 -19.85 5.38
N2 BTN H . -14.99 -21.98 5.01
C4 BTN H . -14.45 -23.31 4.95
C1 OXM I . -18.39 -26.31 33.14
N1 OXM I . -19.00 -25.86 34.22
O1 OXM I . -17.22 -26.41 33.10
C2 OXM I . -19.22 -26.82 32.07
O2 OXM I . -20.41 -27.14 32.36
O3 OXM I . -18.71 -26.99 30.96
C1 GOL J . -2.01 -17.52 39.72
O1 GOL J . -3.11 -18.22 39.25
C2 GOL J . -1.13 -17.12 38.53
O2 GOL J . -1.68 -16.41 37.41
C3 GOL J . -0.22 -16.15 39.21
O3 GOL J . 0.22 -16.79 40.41
ZN ZN K . 11.41 -9.26 45.05
MG MG L . 3.05 -8.76 65.05
C11 BTN M . 15.32 9.54 26.54
O11 BTN M . 16.32 10.24 26.19
O12 BTN M . 14.21 10.09 26.90
C10 BTN M . 15.44 8.00 26.52
C9 BTN M . 15.24 7.40 25.10
C8 BTN M . 15.79 8.31 23.94
C7 BTN M . 14.72 8.81 22.89
C2 BTN M . 14.43 10.29 22.54
S1 BTN M . 12.63 10.38 22.32
C6 BTN M . 12.67 11.68 21.12
C5 BTN M . 13.92 11.36 20.30
N1 BTN M . 13.66 10.24 19.41
C3 BTN M . 14.71 9.39 19.42
O3 BTN M . 14.81 8.31 18.81
N2 BTN M . 15.63 9.84 20.32
C4 BTN M . 15.07 10.86 21.21
C1 OXM N . 15.73 -7.04 43.44
N1 OXM N . 16.15 -8.13 44.02
O1 OXM N . 14.54 -6.82 43.30
C2 OXM N . 16.69 -5.97 43.12
O2 OXM N . 17.81 -6.07 43.63
O3 OXM N . 16.38 -4.94 42.48
ZN ZN O . -11.04 27.07 -36.84
MG MG P . -2.98 41.95 -50.57
C1 GOL Q . -0.07 17.63 -38.96
O1 GOL Q . -0.20 18.57 -40.00
C2 GOL Q . 1.39 17.52 -38.75
O2 GOL Q . 1.68 16.46 -37.79
C3 GOL Q . 1.96 17.31 -40.15
O3 GOL Q . 3.22 16.73 -39.81
CL CL R . -26.09 29.52 -19.71
C11 BTN S . -15.66 26.30 -10.81
O11 BTN S . -16.68 26.06 -11.49
O12 BTN S . -14.44 26.16 -11.23
C10 BTN S . -15.98 26.81 -9.41
C9 BTN S . -15.12 26.08 -8.37
C8 BTN S . -15.96 25.15 -7.44
C7 BTN S . -15.31 23.78 -7.17
C2 BTN S . -13.96 23.97 -6.49
S1 BTN S . -12.58 23.82 -7.63
C6 BTN S . -11.42 23.25 -6.41
C5 BTN S . -12.23 22.63 -5.28
N1 BTN S . -12.12 21.19 -5.39
C3 BTN S . -13.25 20.64 -5.86
O3 BTN S . -13.38 19.48 -6.25
N2 BTN S . -14.20 21.57 -5.91
C4 BTN S . -13.72 22.90 -5.45
C1 OXM T . -15.44 27.53 -34.06
N1 OXM T . -16.15 27.20 -35.13
O1 OXM T . -14.23 27.47 -34.03
C2 OXM T . -16.26 28.02 -32.94
O2 OXM T . -17.41 28.42 -33.24
O3 OXM T . -15.76 27.99 -31.77
ZN ZN U . 14.13 8.69 -44.20
MG MG V . 7.71 9.33 -64.94
CL CL W . 27.60 -6.85 -33.71
C11 BTN X . 16.14 -9.28 -26.09
O11 BTN X . 17.19 -8.61 -26.05
O12 BTN X . 15.00 -8.78 -25.84
C10 BTN X . 16.36 -10.75 -26.41
C9 BTN X . 15.78 -11.65 -25.30
C8 BTN X . 16.58 -11.59 -23.95
C7 BTN X . 15.84 -11.36 -22.58
C2 BTN X . 14.54 -12.11 -22.31
S1 BTN X . 13.04 -11.22 -22.79
C6 BTN X . 11.99 -12.11 -21.68
C5 BTN X . 12.87 -12.39 -20.45
N1 BTN X . 12.77 -11.32 -19.45
C3 BTN X . 13.95 -10.76 -19.19
O3 BTN X . 14.08 -9.73 -18.53
N2 BTN X . 14.87 -11.42 -19.88
C4 BTN X . 14.35 -12.42 -20.80
C1 OXM Y . 18.34 6.11 -42.28
N1 OXM Y . 19.14 7.11 -42.60
O1 OXM Y . 17.10 6.18 -42.31
C2 OXM Y . 19.06 4.92 -41.94
O2 OXM Y . 20.27 4.82 -42.36
O3 OXM Y . 18.49 4.03 -41.25
#